data_8WBD
#
_entry.id   8WBD
#
_cell.length_a   1.00
_cell.length_b   1.00
_cell.length_c   1.00
_cell.angle_alpha   90.00
_cell.angle_beta   90.00
_cell.angle_gamma   90.00
#
_symmetry.space_group_name_H-M   'P 1'
#
loop_
_entity.id
_entity.type
_entity.pdbx_description
1 polymer 'Genome polyprotein'
2 non-polymer TRISTEAROYLGLYCEROL
#
_entity_poly.entity_id   1
_entity_poly.type   'polypeptide(L)'
_entity_poly.pdbx_seq_one_letter_code
;DTGCAVSWSGKELKCGSGIFVIDNVHTWTEQYKFQPESPARLASAILNAHEDGVCGIRSTTRLENIMWKQITNELNYVLW
EGGHDLTVVAGDVKGVLSKGKRALAPPVNDLKYSWKTWGKAKIFTPEAKNSTFLIDGPDTSECPNERRAWNFLEVEDYGF
GMFTTNIWMKFREGSSEVCDHRLMSAAIKDQKAVHADMGYWIESSKNQTWQIEKASLIEVKTCLWPKTHTLWSNGVLESQ
MLIPKAYAGPFSQHNYRQGYATQTVGPWHLGKLEIDFGECPGTTVTIQEDCDHRGPSLRTTTASGKLVTQWCCRSCTMPP
LRFLGEDGCWYGMEIRPLSEKEENMVKSQVSAHHHHHH
;
_entity_poly.pdbx_strand_id   A,B,C,a,b,c
#
# COMPACT_ATOMS: atom_id res chain seq x y z
N ASP A 1 -9.37 -5.49 7.91
CA ASP A 1 -8.05 -5.45 7.30
C ASP A 1 -7.94 -4.28 6.34
N THR A 2 -7.42 -3.16 6.84
CA THR A 2 -7.28 -1.96 6.03
C THR A 2 -6.05 -2.08 5.13
N GLY A 3 -6.23 -1.79 3.85
CA GLY A 3 -5.13 -1.87 2.91
C GLY A 3 -5.58 -1.58 1.51
N CYS A 4 -4.67 -1.82 0.57
CA CYS A 4 -4.92 -1.60 -0.85
C CYS A 4 -4.60 -2.86 -1.64
N ALA A 5 -5.28 -3.04 -2.77
CA ALA A 5 -5.06 -4.21 -3.61
C ALA A 5 -5.50 -3.88 -5.03
N VAL A 6 -5.00 -4.68 -5.97
CA VAL A 6 -5.38 -4.56 -7.38
C VAL A 6 -6.25 -5.77 -7.74
N SER A 7 -7.13 -5.56 -8.70
CA SER A 7 -8.05 -6.62 -9.10
C SER A 7 -7.30 -7.72 -9.86
N TRP A 8 -8.03 -8.79 -10.18
CA TRP A 8 -7.44 -9.89 -10.92
C TRP A 8 -7.01 -9.45 -12.32
N SER A 9 -7.81 -8.61 -12.98
CA SER A 9 -7.45 -8.10 -14.29
C SER A 9 -6.35 -7.04 -14.24
N GLY A 10 -6.05 -6.51 -13.06
CA GLY A 10 -4.99 -5.51 -12.94
C GLY A 10 -5.38 -4.14 -13.42
N LYS A 11 -6.66 -3.91 -13.74
CA LYS A 11 -7.11 -2.63 -14.24
C LYS A 11 -7.62 -1.69 -13.15
N GLU A 12 -7.69 -2.14 -11.90
CA GLU A 12 -8.23 -1.35 -10.82
C GLU A 12 -7.32 -1.40 -9.60
N LEU A 13 -7.38 -0.35 -8.79
CA LEU A 13 -6.67 -0.28 -7.53
C LEU A 13 -7.67 0.18 -6.47
N LYS A 14 -8.11 -0.74 -5.61
CA LYS A 14 -9.16 -0.47 -4.63
C LYS A 14 -8.57 -0.51 -3.23
N CYS A 15 -8.77 0.56 -2.49
CA CYS A 15 -8.35 0.67 -1.10
C CYS A 15 -9.57 0.75 -0.19
N GLY A 16 -9.46 0.13 0.98
CA GLY A 16 -10.56 0.14 1.92
C GLY A 16 -10.30 -0.79 3.08
N SER A 17 -11.36 -1.09 3.82
CA SER A 17 -11.28 -1.96 4.98
C SER A 17 -12.27 -3.10 4.83
N GLY A 18 -11.84 -4.31 5.19
CA GLY A 18 -12.67 -5.49 5.07
C GLY A 18 -11.98 -6.74 5.56
N ILE A 19 -12.06 -7.82 4.78
CA ILE A 19 -11.38 -9.07 5.09
C ILE A 19 -10.56 -9.48 3.89
N PHE A 20 -9.26 -9.71 4.09
CA PHE A 20 -8.34 -10.10 3.03
C PHE A 20 -7.88 -11.53 3.30
N VAL A 21 -8.27 -12.45 2.43
CA VAL A 21 -7.88 -13.85 2.54
C VAL A 21 -6.65 -14.06 1.66
N ILE A 22 -5.50 -14.23 2.30
CA ILE A 22 -4.22 -14.33 1.61
C ILE A 22 -3.78 -15.78 1.56
N ASP A 23 -3.12 -16.14 0.46
CA ASP A 23 -2.55 -17.47 0.30
C ASP A 23 -1.37 -17.64 1.24
N ASN A 24 -1.37 -18.73 2.00
CA ASN A 24 -0.27 -19.07 2.88
C ASN A 24 0.52 -20.28 2.39
N VAL A 25 -0.02 -21.04 1.43
CA VAL A 25 0.77 -22.09 0.79
C VAL A 25 1.93 -21.50 0.02
N HIS A 26 1.67 -20.43 -0.73
CA HIS A 26 2.70 -19.63 -1.38
C HIS A 26 2.68 -18.28 -0.66
N THR A 27 3.43 -18.19 0.44
CA THR A 27 3.21 -17.19 1.46
C THR A 27 4.05 -15.93 1.30
N TRP A 28 4.86 -15.83 0.24
CA TRP A 28 5.59 -14.60 -0.09
C TRP A 28 6.66 -14.25 0.94
N THR A 29 6.75 -15.00 2.03
CA THR A 29 7.62 -14.66 3.14
C THR A 29 7.90 -15.94 3.93
N GLU A 30 8.40 -15.78 5.15
CA GLU A 30 8.64 -16.91 6.03
C GLU A 30 7.33 -17.40 6.65
N GLN A 31 7.29 -18.69 6.98
CA GLN A 31 6.08 -19.32 7.48
C GLN A 31 5.83 -18.94 8.94
N TYR A 32 4.62 -19.25 9.40
CA TYR A 32 4.26 -19.03 10.80
C TYR A 32 4.99 -20.01 11.71
N LYS A 33 5.17 -19.62 12.97
CA LYS A 33 5.78 -20.46 13.98
C LYS A 33 4.79 -20.71 15.10
N PHE A 34 4.65 -21.97 15.50
CA PHE A 34 3.77 -22.34 16.59
C PHE A 34 4.54 -22.32 17.91
N GLN A 35 3.98 -21.64 18.91
CA GLN A 35 4.62 -21.52 20.21
C GLN A 35 3.76 -22.20 21.26
N PRO A 36 4.28 -23.19 21.98
CA PRO A 36 3.44 -23.94 22.93
C PRO A 36 3.18 -23.19 24.23
N GLU A 37 2.49 -23.85 25.17
CA GLU A 37 2.12 -23.24 26.44
C GLU A 37 3.33 -22.86 27.29
N SER A 38 4.08 -23.85 27.76
CA SER A 38 5.19 -23.64 28.68
C SER A 38 5.92 -24.95 28.92
N PRO A 39 7.23 -24.92 29.19
CA PRO A 39 7.94 -26.19 29.47
C PRO A 39 7.39 -26.95 30.66
N ALA A 40 6.91 -26.26 31.70
CA ALA A 40 6.39 -26.95 32.87
C ALA A 40 5.01 -27.54 32.64
N ARG A 41 4.16 -26.87 31.86
CA ARG A 41 2.81 -27.37 31.63
C ARG A 41 2.80 -28.55 30.67
N LEU A 42 3.60 -28.48 29.60
CA LEU A 42 3.65 -29.59 28.65
C LEU A 42 4.18 -30.86 29.29
N ALA A 43 5.21 -30.73 30.14
CA ALA A 43 5.73 -31.89 30.83
C ALA A 43 4.69 -32.51 31.75
N SER A 44 3.94 -31.68 32.47
CA SER A 44 2.88 -32.19 33.33
C SER A 44 1.81 -32.91 32.52
N ALA A 45 1.40 -32.32 31.40
CA ALA A 45 0.38 -32.95 30.56
C ALA A 45 0.87 -34.29 30.01
N ILE A 46 2.13 -34.33 29.57
CA ILE A 46 2.69 -35.56 29.02
C ILE A 46 2.78 -36.63 30.09
N LEU A 47 3.20 -36.25 31.30
CA LEU A 47 3.30 -37.21 32.39
C LEU A 47 1.92 -37.76 32.76
N ASN A 48 0.92 -36.88 32.85
CA ASN A 48 -0.43 -37.35 33.15
C ASN A 48 -0.96 -38.27 32.06
N ALA A 49 -0.70 -37.95 30.79
CA ALA A 49 -1.13 -38.81 29.70
C ALA A 49 -0.44 -40.17 29.77
N HIS A 50 0.86 -40.20 30.06
CA HIS A 50 1.57 -41.47 30.17
C HIS A 50 1.03 -42.29 31.34
N GLU A 51 0.72 -41.64 32.46
CA GLU A 51 0.11 -42.34 33.57
C GLU A 51 -1.25 -42.92 33.18
N ASP A 52 -2.03 -42.16 32.41
CA ASP A 52 -3.33 -42.64 31.97
C ASP A 52 -3.23 -43.77 30.95
N GLY A 53 -2.20 -43.77 30.11
CA GLY A 53 -2.03 -44.84 29.15
C GLY A 53 -1.73 -44.38 27.73
N VAL A 54 -1.58 -43.08 27.53
CA VAL A 54 -1.28 -42.55 26.20
C VAL A 54 0.19 -42.81 25.89
N CYS A 55 0.44 -43.55 24.81
CA CYS A 55 1.80 -43.95 24.46
C CYS A 55 2.50 -42.97 23.53
N GLY A 56 1.81 -41.96 23.01
CA GLY A 56 2.45 -41.04 22.10
C GLY A 56 1.49 -39.98 21.61
N ILE A 57 2.00 -39.16 20.69
CA ILE A 57 1.25 -38.06 20.10
C ILE A 57 1.36 -38.15 18.58
N ARG A 58 0.23 -37.94 17.91
CA ARG A 58 0.20 -37.87 16.45
C ARG A 58 -0.21 -36.47 16.04
N SER A 59 0.59 -35.84 15.18
CA SER A 59 0.38 -34.44 14.84
C SER A 59 -0.82 -34.27 13.91
N THR A 60 -1.31 -33.04 13.84
CA THR A 60 -2.43 -32.67 12.98
C THR A 60 -2.00 -31.85 11.77
N THR A 61 -1.02 -30.97 11.92
CA THR A 61 -0.49 -30.15 10.84
C THR A 61 1.02 -30.24 10.85
N ARG A 62 1.64 -29.86 9.73
CA ARG A 62 3.09 -29.85 9.64
C ARG A 62 3.71 -28.78 10.53
N LEU A 63 3.05 -27.62 10.67
CA LEU A 63 3.57 -26.58 11.54
C LEU A 63 3.61 -27.02 13.00
N GLU A 64 2.76 -27.95 13.40
CA GLU A 64 2.82 -28.53 14.74
C GLU A 64 3.93 -29.56 14.87
N ASN A 65 4.21 -30.32 13.80
CA ASN A 65 5.34 -31.24 13.82
C ASN A 65 6.66 -30.48 13.92
N ILE A 66 6.78 -29.35 13.22
CA ILE A 66 7.99 -28.53 13.36
C ILE A 66 8.11 -28.01 14.78
N MET A 67 6.99 -27.63 15.41
CA MET A 67 7.03 -27.21 16.80
C MET A 67 7.48 -28.32 17.72
N TRP A 68 6.97 -29.54 17.51
CA TRP A 68 7.34 -30.67 18.34
C TRP A 68 8.80 -31.09 18.16
N LYS A 69 9.35 -30.95 16.95
CA LYS A 69 10.74 -31.28 16.70
C LYS A 69 11.70 -30.17 17.13
N GLN A 70 11.19 -29.16 17.83
CA GLN A 70 12.00 -28.05 18.31
C GLN A 70 12.10 -27.95 19.82
N ILE A 71 11.15 -28.52 20.56
CA ILE A 71 11.09 -28.41 22.01
C ILE A 71 11.34 -29.73 22.71
N THR A 72 11.72 -30.78 21.98
CA THR A 72 11.90 -32.10 22.58
C THR A 72 13.05 -32.10 23.58
N ASN A 73 14.16 -31.42 23.26
CA ASN A 73 15.30 -31.39 24.17
C ASN A 73 14.93 -30.70 25.48
N GLU A 74 14.23 -29.56 25.40
CA GLU A 74 13.82 -28.87 26.61
C GLU A 74 12.82 -29.70 27.41
N LEU A 75 11.90 -30.38 26.73
CA LEU A 75 10.96 -31.25 27.42
C LEU A 75 11.69 -32.37 28.15
N ASN A 76 12.69 -32.97 27.50
CA ASN A 76 13.47 -34.03 28.14
C ASN A 76 14.24 -33.51 29.34
N TYR A 77 14.82 -32.32 29.22
CA TYR A 77 15.54 -31.74 30.35
C TYR A 77 14.62 -31.46 31.52
N VAL A 78 13.43 -30.92 31.24
CA VAL A 78 12.45 -30.67 32.30
C VAL A 78 12.02 -31.98 32.95
N LEU A 79 11.81 -33.01 32.14
CA LEU A 79 11.41 -34.31 32.68
C LEU A 79 12.50 -34.89 33.58
N TRP A 80 13.77 -34.78 33.16
CA TRP A 80 14.87 -35.30 33.96
C TRP A 80 15.10 -34.52 35.24
N GLU A 81 14.88 -33.20 35.22
CA GLU A 81 15.08 -32.39 36.40
C GLU A 81 14.10 -32.72 37.53
N GLY A 82 13.02 -33.44 37.24
CA GLY A 82 12.07 -33.83 38.27
C GLY A 82 12.37 -35.18 38.88
N GLY A 83 13.22 -35.96 38.21
CA GLY A 83 13.64 -37.25 38.74
C GLY A 83 12.65 -38.37 38.49
N HIS A 84 12.27 -38.57 37.22
CA HIS A 84 11.37 -39.65 36.85
C HIS A 84 11.69 -40.11 35.44
N ASP A 85 11.40 -41.37 35.15
CA ASP A 85 11.83 -42.03 33.93
C ASP A 85 10.80 -41.81 32.82
N LEU A 86 11.17 -40.99 31.83
CA LEU A 86 10.41 -40.84 30.60
C LEU A 86 11.25 -40.08 29.60
N THR A 87 11.25 -40.55 28.35
CA THR A 87 12.01 -39.93 27.28
C THR A 87 11.09 -39.64 26.11
N VAL A 88 11.17 -38.42 25.58
CA VAL A 88 10.35 -37.98 24.46
C VAL A 88 11.15 -38.12 23.18
N VAL A 89 10.57 -38.77 22.18
CA VAL A 89 11.21 -38.99 20.89
C VAL A 89 10.36 -38.32 19.82
N ALA A 90 11.01 -37.50 18.99
CA ALA A 90 10.33 -36.76 17.93
C ALA A 90 10.68 -37.38 16.59
N GLY A 91 9.66 -37.78 15.82
CA GLY A 91 9.85 -38.37 14.52
C GLY A 91 9.50 -37.41 13.39
N ASP A 92 9.40 -37.97 12.19
CA ASP A 92 9.09 -37.22 10.99
C ASP A 92 7.75 -37.65 10.43
N VAL A 93 7.20 -36.82 9.55
CA VAL A 93 5.92 -37.07 8.90
C VAL A 93 6.19 -37.64 7.52
N LYS A 94 5.69 -38.84 7.26
CA LYS A 94 5.87 -39.53 5.98
C LYS A 94 4.50 -39.98 5.49
N GLY A 95 3.85 -39.12 4.69
CA GLY A 95 2.57 -39.47 4.11
C GLY A 95 1.41 -38.69 4.68
N VAL A 96 0.27 -39.35 4.85
CA VAL A 96 -0.93 -38.72 5.38
C VAL A 96 -0.76 -38.51 6.88
N LEU A 97 -1.16 -37.34 7.36
CA LEU A 97 -1.14 -37.07 8.79
C LEU A 97 -2.28 -37.83 9.47
N SER A 98 -1.99 -39.04 9.93
CA SER A 98 -3.02 -39.89 10.52
C SER A 98 -3.55 -39.28 11.81
N LYS A 99 -4.56 -39.92 12.38
CA LYS A 99 -5.25 -39.38 13.55
C LYS A 99 -5.25 -40.41 14.68
N GLY A 100 -5.05 -39.92 15.90
CA GLY A 100 -5.19 -40.72 17.09
C GLY A 100 -6.60 -40.64 17.68
N LYS A 101 -6.76 -41.27 18.83
CA LYS A 101 -8.06 -41.35 19.48
C LYS A 101 -8.06 -40.86 20.92
N ARG A 102 -6.97 -40.27 21.40
CA ARG A 102 -6.89 -39.71 22.74
C ARG A 102 -6.53 -38.22 22.65
N ALA A 103 -6.33 -37.60 23.81
CA ALA A 103 -6.01 -36.18 23.86
C ALA A 103 -5.31 -35.88 25.18
N LEU A 104 -4.67 -34.71 25.22
CA LEU A 104 -4.01 -34.23 26.43
C LEU A 104 -4.91 -33.22 27.13
N ALA A 105 -5.15 -33.44 28.41
CA ALA A 105 -5.99 -32.53 29.18
C ALA A 105 -5.15 -31.43 29.81
N PRO A 106 -5.75 -30.26 30.08
CA PRO A 106 -5.04 -29.21 30.81
C PRO A 106 -4.58 -29.71 32.16
N PRO A 107 -3.28 -29.73 32.42
CA PRO A 107 -2.76 -30.41 33.61
C PRO A 107 -2.86 -29.53 34.86
N VAL A 108 -3.44 -30.08 35.91
CA VAL A 108 -3.38 -29.46 37.24
C VAL A 108 -2.10 -29.94 37.90
N ASN A 109 -1.69 -29.27 38.99
CA ASN A 109 -0.47 -29.59 39.71
C ASN A 109 0.75 -29.49 38.78
N ASP A 110 0.98 -28.27 38.31
CA ASP A 110 2.05 -28.00 37.37
C ASP A 110 3.41 -28.32 37.97
N LEU A 111 4.33 -28.77 37.13
CA LEU A 111 5.66 -29.17 37.56
C LEU A 111 6.47 -27.93 37.95
N LYS A 112 7.72 -28.14 38.35
CA LYS A 112 8.58 -27.07 38.84
C LYS A 112 9.56 -26.67 37.74
N TYR A 113 9.50 -25.40 37.33
CA TYR A 113 10.45 -24.85 36.37
C TYR A 113 10.51 -23.35 36.57
N SER A 114 11.67 -22.77 36.27
CA SER A 114 11.94 -21.36 36.53
C SER A 114 11.72 -20.48 35.31
N TRP A 115 11.96 -21.00 34.11
CA TRP A 115 11.90 -20.21 32.90
C TRP A 115 10.52 -20.33 32.25
N LYS A 116 10.27 -19.47 31.27
CA LYS A 116 9.00 -19.46 30.55
C LYS A 116 9.24 -19.56 29.04
N THR A 117 10.33 -18.97 28.57
CA THR A 117 10.66 -19.00 27.16
C THR A 117 11.35 -20.30 26.79
N TRP A 118 11.46 -20.56 25.49
CA TRP A 118 11.99 -21.82 25.00
C TRP A 118 13.38 -21.61 24.38
N GLY A 119 14.34 -22.41 24.82
CA GLY A 119 15.63 -22.50 24.16
C GLY A 119 16.74 -21.72 24.83
N LYS A 120 17.57 -22.40 25.63
CA LYS A 120 18.73 -21.78 26.25
C LYS A 120 19.94 -22.71 26.25
N ALA A 121 20.10 -23.51 25.20
CA ALA A 121 21.26 -24.39 25.05
C ALA A 121 21.44 -25.31 26.26
N LYS A 122 20.47 -26.19 26.50
CA LYS A 122 20.51 -27.09 27.65
C LYS A 122 21.48 -28.23 27.37
N ILE A 123 21.47 -29.22 28.25
CA ILE A 123 22.24 -30.44 28.08
C ILE A 123 21.34 -31.52 27.51
N PHE A 124 21.96 -32.54 26.91
CA PHE A 124 21.24 -33.66 26.33
C PHE A 124 21.19 -34.78 27.37
N THR A 125 20.04 -34.94 28.00
CA THR A 125 19.87 -36.01 28.97
C THR A 125 19.93 -37.35 28.26
N PRO A 126 20.79 -38.28 28.68
CA PRO A 126 20.87 -39.58 28.00
C PRO A 126 19.55 -40.32 28.04
N GLU A 127 19.21 -41.03 26.97
CA GLU A 127 17.96 -41.78 26.90
C GLU A 127 17.89 -42.83 28.00
N ALA A 128 16.96 -42.65 28.94
CA ALA A 128 16.84 -43.59 30.04
C ALA A 128 16.26 -44.93 29.61
N LYS A 129 15.64 -44.99 28.43
CA LYS A 129 14.99 -46.19 27.92
C LYS A 129 13.95 -46.74 28.88
N ASN A 130 13.42 -47.93 28.57
CA ASN A 130 12.43 -48.62 29.40
C ASN A 130 11.10 -47.85 29.41
N SER A 131 11.10 -46.67 28.80
CA SER A 131 9.90 -45.84 28.70
C SER A 131 10.13 -44.75 27.66
N THR A 132 9.25 -44.65 26.67
CA THR A 132 9.41 -43.68 25.60
C THR A 132 8.07 -43.03 25.29
N PHE A 133 8.15 -41.83 24.73
CA PHE A 133 6.98 -41.07 24.29
C PHE A 133 7.22 -40.67 22.84
N LEU A 134 6.59 -41.39 21.91
CA LEU A 134 6.84 -41.21 20.49
C LEU A 134 5.93 -40.14 19.91
N ILE A 135 6.51 -39.21 19.16
CA ILE A 135 5.77 -38.18 18.44
C ILE A 135 5.97 -38.41 16.95
N ASP A 136 4.87 -38.61 16.23
CA ASP A 136 4.88 -38.88 14.80
C ASP A 136 5.71 -40.14 14.55
N GLY A 137 6.44 -40.19 13.44
CA GLY A 137 7.24 -41.34 13.10
C GLY A 137 6.48 -42.34 12.25
N PRO A 138 7.14 -43.42 11.87
CA PRO A 138 6.48 -44.44 11.06
C PRO A 138 5.43 -45.19 11.85
N ASP A 139 4.47 -45.77 11.12
CA ASP A 139 3.39 -46.53 11.74
C ASP A 139 3.93 -47.85 12.27
N THR A 140 3.95 -48.00 13.58
CA THR A 140 4.47 -49.18 14.25
C THR A 140 3.35 -49.87 15.02
N SER A 141 3.72 -50.94 15.74
CA SER A 141 2.77 -51.71 16.53
C SER A 141 2.93 -51.53 18.03
N GLU A 142 4.09 -51.07 18.49
CA GLU A 142 4.28 -50.83 19.93
C GLU A 142 3.36 -49.74 20.43
N CYS A 143 3.20 -48.67 19.66
CA CYS A 143 2.33 -47.54 20.02
C CYS A 143 1.40 -47.28 18.84
N PRO A 144 0.33 -48.05 18.72
CA PRO A 144 -0.60 -47.85 17.60
C PRO A 144 -1.40 -46.57 17.76
N ASN A 145 -2.04 -46.17 16.65
CA ASN A 145 -2.79 -44.92 16.62
C ASN A 145 -4.01 -44.94 17.52
N GLU A 146 -4.44 -46.10 18.00
CA GLU A 146 -5.59 -46.18 18.89
C GLU A 146 -5.28 -45.70 20.30
N ARG A 147 -4.00 -45.49 20.63
CA ARG A 147 -3.60 -45.04 21.96
C ARG A 147 -2.74 -43.78 21.90
N ARG A 148 -2.87 -42.99 20.86
CA ARG A 148 -2.10 -41.76 20.67
C ARG A 148 -2.99 -40.54 20.88
N ALA A 149 -2.36 -39.41 21.16
CA ALA A 149 -3.05 -38.14 21.36
C ALA A 149 -3.08 -37.38 20.04
N TRP A 150 -4.20 -36.72 19.77
CA TRP A 150 -4.39 -36.06 18.49
C TRP A 150 -5.41 -34.94 18.65
N ASN A 151 -5.12 -33.78 18.04
CA ASN A 151 -6.04 -32.65 17.99
C ASN A 151 -6.41 -32.15 19.38
N PHE A 152 -5.41 -31.65 20.10
CA PHE A 152 -5.61 -31.12 21.45
C PHE A 152 -5.06 -29.71 21.63
N LEU A 153 -4.63 -29.05 20.56
CA LEU A 153 -4.09 -27.70 20.64
C LEU A 153 -4.96 -26.75 19.82
N GLU A 154 -5.00 -25.49 20.24
CA GLU A 154 -5.77 -24.49 19.52
C GLU A 154 -5.14 -23.12 19.73
N VAL A 155 -5.44 -22.21 18.81
CA VAL A 155 -4.87 -20.86 18.85
C VAL A 155 -5.47 -20.07 20.00
N GLU A 156 -4.64 -19.26 20.65
CA GLU A 156 -5.12 -18.31 21.65
C GLU A 156 -4.96 -16.85 21.21
N ASP A 157 -3.91 -16.52 20.46
CA ASP A 157 -3.72 -15.20 19.89
C ASP A 157 -2.57 -15.25 18.89
N TYR A 158 -2.61 -14.35 17.92
CA TYR A 158 -1.54 -14.22 16.95
C TYR A 158 -0.46 -13.28 17.45
N GLY A 159 0.64 -13.19 16.73
CA GLY A 159 1.77 -12.38 17.10
C GLY A 159 1.82 -11.07 16.34
N PHE A 160 3.03 -10.57 16.11
CA PHE A 160 3.26 -9.32 15.41
C PHE A 160 4.37 -9.52 14.39
N GLY A 161 4.43 -8.61 13.42
CA GLY A 161 5.53 -8.57 12.48
C GLY A 161 5.04 -8.56 11.05
N MET A 162 5.98 -8.69 10.14
CA MET A 162 5.74 -8.73 8.70
C MET A 162 6.34 -9.96 8.05
N PHE A 163 7.50 -10.42 8.51
CA PHE A 163 8.18 -11.59 7.96
C PHE A 163 8.06 -12.81 8.86
N THR A 164 8.45 -12.68 10.13
CA THR A 164 8.36 -13.76 11.10
C THR A 164 7.25 -13.43 12.09
N THR A 165 6.27 -14.31 12.19
CA THR A 165 5.14 -14.14 13.08
C THR A 165 4.92 -15.41 13.87
N ASN A 166 4.62 -15.26 15.16
CA ASN A 166 4.39 -16.40 16.05
C ASN A 166 2.91 -16.57 16.32
N ILE A 167 2.48 -17.82 16.47
CA ILE A 167 1.13 -18.16 16.87
C ILE A 167 1.21 -18.92 18.18
N TRP A 168 0.47 -18.46 19.18
CA TRP A 168 0.53 -19.02 20.53
C TRP A 168 -0.59 -20.03 20.71
N MET A 169 -0.24 -21.21 21.22
CA MET A 169 -1.17 -22.33 21.32
C MET A 169 -1.56 -22.57 22.77
N LYS A 170 -2.69 -23.26 22.94
CA LYS A 170 -3.18 -23.64 24.26
C LYS A 170 -3.99 -24.91 24.14
N PHE A 171 -4.14 -25.61 25.26
CA PHE A 171 -4.86 -26.87 25.28
C PHE A 171 -6.36 -26.64 25.04
N ARG A 172 -6.97 -27.59 24.34
CA ARG A 172 -8.41 -27.58 24.17
C ARG A 172 -9.12 -27.93 25.47
N GLU A 173 -10.36 -27.47 25.59
CA GLU A 173 -11.20 -27.81 26.73
C GLU A 173 -11.93 -29.14 26.54
N GLY A 174 -11.88 -29.73 25.36
CA GLY A 174 -12.52 -31.01 25.11
C GLY A 174 -11.88 -31.76 23.95
N SER A 175 -12.56 -32.80 23.48
CA SER A 175 -12.07 -33.62 22.37
C SER A 175 -13.00 -33.44 21.19
N SER A 176 -12.43 -33.16 20.01
CA SER A 176 -13.22 -32.93 18.81
C SER A 176 -12.47 -33.47 17.60
N GLU A 177 -13.23 -33.81 16.57
CA GLU A 177 -12.69 -34.27 15.30
C GLU A 177 -12.60 -33.17 14.25
N VAL A 178 -13.00 -31.95 14.60
CA VAL A 178 -13.03 -30.83 13.67
C VAL A 178 -11.71 -30.07 13.78
N CYS A 179 -11.23 -29.56 12.65
CA CYS A 179 -10.01 -28.79 12.64
C CYS A 179 -10.19 -27.46 13.35
N ASP A 180 -9.08 -26.86 13.76
CA ASP A 180 -9.12 -25.59 14.47
C ASP A 180 -9.56 -24.48 13.52
N HIS A 181 -10.65 -23.80 13.85
CA HIS A 181 -11.26 -22.83 12.95
C HIS A 181 -10.53 -21.49 12.93
N ARG A 182 -9.60 -21.25 13.84
CA ARG A 182 -8.87 -19.99 13.87
C ARG A 182 -7.70 -19.96 12.91
N LEU A 183 -7.42 -21.06 12.21
CA LEU A 183 -6.38 -21.12 11.20
C LEU A 183 -6.96 -21.25 9.79
N MET A 184 -8.25 -20.98 9.61
CA MET A 184 -8.93 -21.24 8.36
C MET A 184 -9.61 -19.99 7.85
N SER A 185 -9.92 -20.00 6.54
CA SER A 185 -10.51 -18.85 5.87
C SER A 185 -11.33 -19.35 4.69
N ALA A 186 -12.16 -18.45 4.15
CA ALA A 186 -12.96 -18.71 2.97
C ALA A 186 -13.48 -17.38 2.44
N ALA A 187 -13.50 -17.22 1.13
CA ALA A 187 -13.95 -15.97 0.52
C ALA A 187 -14.52 -16.25 -0.86
N ILE A 188 -15.38 -15.34 -1.29
CA ILE A 188 -15.95 -15.38 -2.64
C ILE A 188 -16.18 -13.95 -3.09
N LYS A 189 -15.99 -13.70 -4.38
CA LYS A 189 -16.24 -12.38 -4.95
C LYS A 189 -16.39 -12.52 -6.45
N ASP A 190 -17.47 -11.95 -6.99
CA ASP A 190 -17.77 -11.99 -8.42
C ASP A 190 -17.93 -13.43 -8.88
N GLN A 191 -16.88 -14.02 -9.45
CA GLN A 191 -16.94 -15.38 -9.97
C GLN A 191 -15.69 -16.16 -9.57
N LYS A 192 -15.22 -15.95 -8.34
CA LYS A 192 -14.04 -16.65 -7.84
C LYS A 192 -14.21 -16.91 -6.36
N ALA A 193 -14.08 -18.18 -5.96
CA ALA A 193 -14.15 -18.60 -4.58
C ALA A 193 -12.84 -19.28 -4.19
N VAL A 194 -12.65 -19.45 -2.88
CA VAL A 194 -11.45 -20.11 -2.37
C VAL A 194 -11.72 -20.59 -0.95
N HIS A 195 -11.16 -21.74 -0.61
CA HIS A 195 -11.16 -22.28 0.76
C HIS A 195 -9.71 -22.49 1.16
N ALA A 196 -9.25 -21.76 2.17
CA ALA A 196 -7.83 -21.70 2.49
C ALA A 196 -7.58 -21.94 3.97
N ASP A 197 -6.49 -22.65 4.26
CA ASP A 197 -5.90 -22.70 5.59
C ASP A 197 -4.39 -22.69 5.48
N MET A 198 -3.69 -23.05 6.55
CA MET A 198 -2.23 -22.99 6.55
C MET A 198 -1.57 -23.98 5.60
N GLY A 199 -2.30 -24.99 5.12
CA GLY A 199 -1.72 -25.97 4.24
C GLY A 199 -2.60 -26.38 3.08
N TYR A 200 -3.74 -25.71 2.92
CA TYR A 200 -4.68 -25.99 1.84
C TYR A 200 -4.95 -24.71 1.07
N TRP A 201 -5.18 -24.87 -0.24
CA TRP A 201 -5.59 -23.76 -1.08
C TRP A 201 -6.45 -24.32 -2.21
N ILE A 202 -7.76 -24.25 -2.04
CA ILE A 202 -8.73 -24.84 -2.97
C ILE A 202 -9.42 -23.70 -3.68
N GLU A 203 -9.01 -23.43 -4.92
CA GLU A 203 -9.56 -22.33 -5.70
C GLU A 203 -10.65 -22.85 -6.64
N SER A 204 -11.73 -22.08 -6.74
CA SER A 204 -12.86 -22.43 -7.59
C SER A 204 -13.28 -21.22 -8.40
N SER A 205 -13.95 -21.47 -9.52
CA SER A 205 -14.36 -20.40 -10.42
C SER A 205 -15.60 -20.85 -11.18
N LYS A 206 -16.22 -19.89 -11.87
CA LYS A 206 -17.43 -20.13 -12.64
C LYS A 206 -17.14 -20.01 -14.13
N ASN A 207 -17.51 -21.04 -14.89
CA ASN A 207 -17.50 -21.00 -16.34
C ASN A 207 -18.66 -21.88 -16.82
N GLN A 208 -19.83 -21.23 -17.00
CA GLN A 208 -21.11 -21.88 -17.29
C GLN A 208 -21.60 -22.72 -16.11
N THR A 209 -20.80 -22.82 -15.05
CA THR A 209 -21.14 -23.59 -13.87
C THR A 209 -20.06 -23.38 -12.82
N TRP A 210 -20.39 -23.68 -11.57
CA TRP A 210 -19.46 -23.56 -10.45
C TRP A 210 -18.80 -24.92 -10.20
N GLN A 211 -17.48 -24.97 -10.33
CA GLN A 211 -16.74 -26.20 -10.06
C GLN A 211 -15.31 -25.88 -9.70
N ILE A 212 -14.64 -26.86 -9.09
CA ILE A 212 -13.26 -26.71 -8.65
C ILE A 212 -12.34 -26.63 -9.87
N GLU A 213 -11.26 -25.87 -9.73
CA GLU A 213 -10.30 -25.76 -10.83
C GLU A 213 -8.86 -26.06 -10.40
N LYS A 214 -8.49 -25.74 -9.17
CA LYS A 214 -7.14 -25.97 -8.69
C LYS A 214 -7.18 -26.33 -7.21
N ALA A 215 -6.12 -26.97 -6.74
CA ALA A 215 -5.99 -27.33 -5.33
C ALA A 215 -4.53 -27.61 -5.03
N SER A 216 -3.92 -26.80 -4.19
CA SER A 216 -2.54 -26.98 -3.75
C SER A 216 -2.55 -27.48 -2.33
N LEU A 217 -2.03 -28.70 -2.12
CA LEU A 217 -2.00 -29.33 -0.81
C LEU A 217 -0.56 -29.66 -0.46
N ILE A 218 -0.01 -28.94 0.52
CA ILE A 218 1.31 -29.25 1.05
C ILE A 218 1.23 -30.18 2.26
N GLU A 219 0.03 -30.64 2.60
CA GLU A 219 -0.18 -31.60 3.68
C GLU A 219 -1.52 -32.27 3.44
N VAL A 220 -1.69 -33.46 4.04
CA VAL A 220 -2.95 -34.19 3.99
C VAL A 220 -3.39 -34.44 5.42
N LYS A 221 -4.51 -33.83 5.80
CA LYS A 221 -5.03 -33.92 7.16
C LYS A 221 -6.12 -34.98 7.24
N THR A 222 -6.65 -35.18 8.43
CA THR A 222 -7.73 -36.13 8.66
C THR A 222 -8.87 -35.56 9.50
N CYS A 223 -8.76 -34.32 9.96
CA CYS A 223 -9.86 -33.70 10.69
C CYS A 223 -10.92 -33.22 9.70
N LEU A 224 -12.01 -32.68 10.24
CA LEU A 224 -13.15 -32.26 9.44
C LEU A 224 -13.15 -30.75 9.27
N TRP A 225 -13.45 -30.30 8.06
CA TRP A 225 -13.56 -28.87 7.79
C TRP A 225 -14.80 -28.33 8.49
N PRO A 226 -14.66 -27.32 9.35
CA PRO A 226 -15.85 -26.76 10.00
C PRO A 226 -16.82 -26.16 8.99
N LYS A 227 -18.11 -26.34 9.24
CA LYS A 227 -19.13 -25.84 8.34
C LYS A 227 -19.43 -24.37 8.54
N THR A 228 -18.91 -23.76 9.61
CA THR A 228 -19.03 -22.32 9.78
C THR A 228 -18.14 -21.56 8.81
N HIS A 229 -17.13 -22.22 8.24
CA HIS A 229 -16.18 -21.60 7.32
C HIS A 229 -16.35 -22.13 5.90
N THR A 230 -17.54 -22.60 5.56
CA THR A 230 -17.82 -23.24 4.28
C THR A 230 -18.88 -22.45 3.52
N LEU A 231 -18.61 -22.21 2.23
CA LEU A 231 -19.56 -21.57 1.35
C LEU A 231 -20.42 -22.62 0.67
N TRP A 232 -21.73 -22.34 0.54
CA TRP A 232 -22.65 -23.19 -0.21
C TRP A 232 -22.69 -24.60 0.38
N SER A 233 -23.10 -24.68 1.65
CA SER A 233 -23.04 -25.91 2.42
C SER A 233 -24.32 -26.73 2.34
N ASN A 234 -25.32 -26.30 1.59
CA ASN A 234 -26.59 -27.00 1.52
C ASN A 234 -26.65 -27.89 0.28
N GLY A 235 -27.36 -29.00 0.39
CA GLY A 235 -27.52 -29.92 -0.73
C GLY A 235 -26.25 -30.62 -1.14
N VAL A 236 -25.26 -30.69 -0.25
CA VAL A 236 -23.99 -31.33 -0.58
C VAL A 236 -24.12 -32.83 -0.37
N LEU A 237 -23.68 -33.60 -1.36
CA LEU A 237 -23.69 -35.06 -1.30
C LEU A 237 -22.27 -35.55 -1.06
N GLU A 238 -22.10 -36.38 -0.04
CA GLU A 238 -20.75 -36.83 0.33
C GLU A 238 -20.10 -37.68 -0.74
N SER A 239 -20.89 -38.25 -1.66
CA SER A 239 -20.34 -39.07 -2.73
C SER A 239 -19.95 -38.27 -3.96
N GLN A 240 -20.12 -36.95 -3.93
CA GLN A 240 -19.77 -36.09 -5.06
C GLN A 240 -18.64 -35.13 -4.76
N MET A 241 -18.21 -34.99 -3.51
CA MET A 241 -17.12 -34.09 -3.16
C MET A 241 -15.81 -34.63 -3.73
N LEU A 242 -15.12 -33.82 -4.52
CA LEU A 242 -13.88 -34.26 -5.15
C LEU A 242 -12.84 -34.61 -4.09
N ILE A 243 -12.45 -33.64 -3.27
CA ILE A 243 -11.59 -33.90 -2.12
C ILE A 243 -12.44 -34.56 -1.05
N PRO A 244 -12.09 -35.76 -0.59
CA PRO A 244 -12.97 -36.50 0.31
C PRO A 244 -13.16 -35.79 1.65
N LYS A 245 -14.31 -36.06 2.27
CA LYS A 245 -14.60 -35.49 3.57
C LYS A 245 -13.63 -35.99 4.63
N ALA A 246 -13.10 -37.19 4.47
CA ALA A 246 -12.15 -37.77 5.42
C ALA A 246 -10.76 -37.14 5.35
N TYR A 247 -10.50 -36.30 4.36
CA TYR A 247 -9.21 -35.66 4.17
C TYR A 247 -9.31 -34.15 4.28
N ALA A 248 -10.15 -33.68 5.22
CA ALA A 248 -10.35 -32.26 5.48
C ALA A 248 -10.80 -31.51 4.24
N GLY A 249 -11.70 -32.14 3.46
CA GLY A 249 -12.28 -31.49 2.31
C GLY A 249 -13.53 -30.73 2.68
N PRO A 250 -13.67 -29.52 2.15
CA PRO A 250 -14.83 -28.69 2.48
C PRO A 250 -16.14 -29.37 2.08
N PHE A 251 -17.14 -29.23 2.96
CA PHE A 251 -18.48 -29.77 2.70
C PHE A 251 -19.29 -28.77 1.88
N SER A 252 -18.82 -28.54 0.64
CA SER A 252 -19.34 -27.48 -0.20
C SER A 252 -19.62 -28.02 -1.60
N GLN A 253 -20.51 -27.32 -2.32
CA GLN A 253 -20.74 -27.60 -3.72
C GLN A 253 -19.71 -26.94 -4.63
N HIS A 254 -18.85 -26.08 -4.08
CA HIS A 254 -17.67 -25.61 -4.80
C HIS A 254 -16.60 -26.68 -4.88
N ASN A 255 -16.65 -27.68 -4.00
CA ASN A 255 -15.71 -28.80 -4.02
C ASN A 255 -16.32 -29.93 -4.86
N TYR A 256 -16.48 -29.63 -6.14
CA TYR A 256 -17.18 -30.54 -7.04
C TYR A 256 -16.68 -30.31 -8.47
N ARG A 257 -16.59 -31.40 -9.23
CA ARG A 257 -16.25 -31.33 -10.64
C ARG A 257 -17.16 -32.28 -11.40
N GLN A 258 -17.70 -31.81 -12.52
CA GLN A 258 -18.65 -32.61 -13.28
C GLN A 258 -17.97 -33.81 -13.92
N GLY A 259 -18.65 -34.96 -13.87
CA GLY A 259 -18.13 -36.18 -14.43
C GLY A 259 -17.26 -36.99 -13.51
N TYR A 260 -16.97 -36.49 -12.31
CA TYR A 260 -16.11 -37.17 -11.35
C TYR A 260 -16.86 -37.33 -10.03
N ALA A 261 -16.44 -38.33 -9.26
CA ALA A 261 -16.99 -38.61 -7.94
C ALA A 261 -15.89 -38.45 -6.91
N THR A 262 -16.19 -38.84 -5.67
CA THR A 262 -15.21 -38.69 -4.59
C THR A 262 -13.98 -39.56 -4.86
N GLN A 263 -12.81 -38.97 -4.64
CA GLN A 263 -11.54 -39.65 -4.89
C GLN A 263 -11.00 -40.24 -3.59
N THR A 264 -11.67 -41.30 -3.14
CA THR A 264 -11.29 -41.94 -1.88
C THR A 264 -10.01 -42.74 -1.99
N VAL A 265 -9.62 -43.15 -3.19
CA VAL A 265 -8.46 -44.03 -3.37
C VAL A 265 -7.42 -43.29 -4.21
N GLY A 266 -7.36 -41.96 -4.05
CA GLY A 266 -6.38 -41.18 -4.76
C GLY A 266 -5.00 -41.32 -4.15
N PRO A 267 -4.01 -40.71 -4.80
CA PRO A 267 -2.62 -40.80 -4.32
C PRO A 267 -2.32 -39.89 -3.14
N TRP A 268 -3.01 -40.14 -2.03
CA TRP A 268 -2.82 -39.33 -0.82
C TRP A 268 -1.57 -39.72 -0.04
N HIS A 269 -1.01 -40.90 -0.29
CA HIS A 269 0.17 -41.34 0.42
C HIS A 269 1.38 -40.46 0.17
N LEU A 270 1.37 -39.68 -0.93
CA LEU A 270 2.51 -38.84 -1.25
C LEU A 270 2.70 -37.73 -0.22
N GLY A 271 1.61 -37.16 0.29
CA GLY A 271 1.70 -36.00 1.14
C GLY A 271 1.43 -34.73 0.38
N LYS A 272 2.49 -34.01 0.00
CA LYS A 272 2.33 -32.84 -0.84
C LYS A 272 1.74 -33.23 -2.19
N LEU A 273 0.73 -32.50 -2.64
CA LEU A 273 0.04 -32.79 -3.88
C LEU A 273 -0.26 -31.49 -4.62
N GLU A 274 -0.75 -31.64 -5.85
CA GLU A 274 -1.15 -30.50 -6.67
C GLU A 274 -2.23 -30.98 -7.62
N ILE A 275 -3.48 -30.72 -7.28
CA ILE A 275 -4.60 -31.15 -8.10
C ILE A 275 -4.80 -30.16 -9.24
N ASP A 276 -4.86 -30.66 -10.47
CA ASP A 276 -5.07 -29.84 -11.64
C ASP A 276 -5.74 -30.69 -12.71
N PHE A 277 -6.33 -30.02 -13.69
CA PHE A 277 -7.08 -30.69 -14.74
C PHE A 277 -6.33 -30.50 -16.06
N GLY A 278 -5.83 -31.60 -16.60
CA GLY A 278 -5.04 -31.56 -17.80
C GLY A 278 -4.46 -32.93 -18.09
N GLU A 279 -3.57 -32.97 -19.08
CA GLU A 279 -2.94 -34.22 -19.50
C GLU A 279 -1.49 -34.26 -19.06
N CYS A 280 -1.09 -35.40 -18.50
CA CYS A 280 0.31 -35.58 -18.13
C CYS A 280 1.17 -35.63 -19.39
N PRO A 281 2.44 -35.20 -19.28
CA PRO A 281 3.30 -35.15 -20.48
C PRO A 281 3.39 -36.47 -21.23
N GLY A 282 2.97 -36.46 -22.49
CA GLY A 282 3.11 -37.62 -23.35
C GLY A 282 1.97 -38.61 -23.32
N THR A 283 0.82 -38.25 -22.77
CA THR A 283 -0.32 -39.14 -22.67
C THR A 283 -1.57 -38.49 -23.27
N THR A 284 -2.52 -39.34 -23.67
CA THR A 284 -3.79 -38.90 -24.21
C THR A 284 -4.92 -39.70 -23.56
N VAL A 285 -6.05 -39.04 -23.36
CA VAL A 285 -7.23 -39.64 -22.75
C VAL A 285 -8.41 -39.45 -23.69
N THR A 286 -9.14 -40.54 -23.94
CA THR A 286 -10.31 -40.53 -24.82
C THR A 286 -11.53 -41.03 -24.06
N ILE A 287 -12.66 -40.38 -24.27
CA ILE A 287 -13.91 -40.75 -23.61
C ILE A 287 -14.63 -41.76 -24.52
N GLN A 288 -14.57 -43.03 -24.15
CA GLN A 288 -15.25 -44.09 -24.88
C GLN A 288 -16.03 -44.96 -23.91
N GLU A 289 -17.22 -45.40 -24.35
CA GLU A 289 -18.12 -46.14 -23.47
C GLU A 289 -17.60 -47.53 -23.13
N ASP A 290 -16.74 -48.11 -23.97
CA ASP A 290 -16.16 -49.43 -23.70
C ASP A 290 -14.89 -49.27 -22.86
N CYS A 291 -15.11 -48.93 -21.59
CA CYS A 291 -14.03 -48.69 -20.65
C CYS A 291 -14.34 -49.40 -19.33
N ASP A 292 -13.30 -49.55 -18.52
CA ASP A 292 -13.42 -50.23 -17.25
C ASP A 292 -14.06 -49.30 -16.20
N HIS A 293 -14.43 -49.89 -15.07
CA HIS A 293 -15.06 -49.15 -13.99
C HIS A 293 -13.99 -48.40 -13.19
N ARG A 294 -14.39 -47.82 -12.06
CA ARG A 294 -13.44 -47.07 -11.25
C ARG A 294 -12.45 -48.02 -10.57
N GLY A 295 -11.41 -47.42 -9.99
CA GLY A 295 -10.39 -48.18 -9.31
C GLY A 295 -9.33 -47.29 -8.70
N PRO A 296 -8.31 -47.88 -8.09
CA PRO A 296 -7.24 -47.09 -7.49
C PRO A 296 -6.52 -46.24 -8.53
N SER A 297 -6.10 -45.05 -8.12
CA SER A 297 -5.38 -44.16 -9.02
C SER A 297 -4.04 -44.78 -9.40
N LEU A 298 -3.64 -44.57 -10.66
CA LEU A 298 -2.43 -45.19 -11.20
C LEU A 298 -1.49 -44.12 -11.73
N ARG A 299 -0.19 -44.42 -11.68
CA ARG A 299 0.83 -43.53 -12.20
C ARG A 299 1.04 -43.78 -13.68
N THR A 300 1.43 -42.72 -14.40
CA THR A 300 1.63 -42.80 -15.84
C THR A 300 2.90 -43.53 -16.23
N THR A 301 3.79 -43.82 -15.28
CA THR A 301 5.04 -44.50 -15.57
C THR A 301 5.12 -45.79 -14.77
N THR A 302 5.52 -46.87 -15.45
CA THR A 302 5.71 -48.15 -14.78
C THR A 302 6.94 -48.08 -13.88
N ALA A 303 6.94 -48.93 -12.84
CA ALA A 303 8.06 -48.95 -11.90
C ALA A 303 9.40 -49.20 -12.59
N SER A 304 9.38 -49.91 -13.71
CA SER A 304 10.61 -50.07 -14.51
C SER A 304 11.06 -48.73 -15.08
N GLY A 305 10.12 -47.90 -15.53
CA GLY A 305 10.45 -46.60 -16.07
C GLY A 305 9.86 -46.34 -17.43
N LYS A 306 8.85 -47.13 -17.81
CA LYS A 306 8.20 -47.00 -19.11
C LYS A 306 6.90 -46.20 -18.95
N LEU A 307 6.68 -45.25 -19.85
CA LEU A 307 5.53 -44.36 -19.79
C LEU A 307 4.37 -44.95 -20.58
N VAL A 308 3.23 -45.12 -19.93
CA VAL A 308 2.00 -45.54 -20.60
C VAL A 308 1.44 -44.36 -21.36
N THR A 309 1.10 -44.58 -22.63
CA THR A 309 0.76 -43.50 -23.55
C THR A 309 -0.74 -43.27 -23.71
N GLN A 310 -1.54 -44.33 -23.74
CA GLN A 310 -2.96 -44.22 -24.05
C GLN A 310 -3.80 -44.60 -22.83
N TRP A 311 -4.73 -43.72 -22.47
CA TRP A 311 -5.68 -43.96 -21.39
C TRP A 311 -7.09 -43.69 -21.90
N CYS A 312 -8.07 -44.33 -21.26
CA CYS A 312 -9.45 -44.23 -21.68
C CYS A 312 -10.34 -43.96 -20.48
N CYS A 313 -11.37 -43.15 -20.69
CA CYS A 313 -12.36 -42.84 -19.67
C CYS A 313 -13.76 -43.17 -20.20
N ARG A 314 -14.68 -43.44 -19.27
CA ARG A 314 -16.03 -43.88 -19.64
C ARG A 314 -17.01 -42.73 -19.73
N SER A 315 -17.21 -41.99 -18.63
CA SER A 315 -18.24 -40.96 -18.61
C SER A 315 -17.79 -39.70 -17.86
N CYS A 316 -16.51 -39.39 -17.92
CA CYS A 316 -15.98 -38.17 -17.31
C CYS A 316 -15.95 -37.05 -18.36
N THR A 317 -15.42 -35.90 -17.95
CA THR A 317 -15.37 -34.72 -18.82
C THR A 317 -13.94 -34.23 -18.94
N MET A 318 -13.54 -33.89 -20.16
CA MET A 318 -12.21 -33.35 -20.42
C MET A 318 -12.12 -31.89 -19.97
N PRO A 319 -10.93 -31.44 -19.54
CA PRO A 319 -9.66 -32.17 -19.41
C PRO A 319 -9.66 -33.13 -18.23
N PRO A 320 -8.83 -34.18 -18.28
CA PRO A 320 -8.86 -35.20 -17.23
C PRO A 320 -8.25 -34.69 -15.93
N LEU A 321 -8.70 -35.30 -14.83
CA LEU A 321 -8.18 -34.98 -13.51
C LEU A 321 -6.78 -35.56 -13.35
N ARG A 322 -5.86 -34.74 -12.85
CA ARG A 322 -4.45 -35.09 -12.82
C ARG A 322 -3.82 -34.65 -11.51
N PHE A 323 -3.02 -35.53 -10.90
CA PHE A 323 -2.31 -35.24 -9.67
C PHE A 323 -0.81 -35.09 -9.95
N LEU A 324 -0.18 -34.12 -9.29
CA LEU A 324 1.24 -33.87 -9.44
C LEU A 324 1.92 -34.16 -8.11
N GLY A 325 2.65 -35.28 -8.04
CA GLY A 325 3.37 -35.67 -6.86
C GLY A 325 4.87 -35.44 -6.99
N GLU A 326 5.59 -35.83 -5.94
CA GLU A 326 7.04 -35.70 -5.94
C GLU A 326 7.67 -36.61 -7.00
N ASP A 327 7.15 -37.83 -7.12
CA ASP A 327 7.79 -38.81 -8.01
C ASP A 327 7.36 -38.63 -9.46
N GLY A 328 6.07 -38.41 -9.71
CA GLY A 328 5.60 -38.32 -11.07
C GLY A 328 4.22 -37.72 -11.26
N CYS A 329 3.48 -38.25 -12.22
CA CYS A 329 2.18 -37.72 -12.62
C CYS A 329 1.13 -38.81 -12.51
N TRP A 330 0.00 -38.49 -11.89
CA TRP A 330 -1.05 -39.47 -11.63
C TRP A 330 -2.37 -39.02 -12.26
N TYR A 331 -3.28 -39.97 -12.42
CA TYR A 331 -4.64 -39.72 -12.87
C TYR A 331 -5.64 -40.08 -11.78
N GLY A 332 -6.90 -39.73 -12.05
CA GLY A 332 -7.98 -40.01 -11.13
C GLY A 332 -8.42 -41.45 -11.18
N MET A 333 -9.52 -41.71 -10.46
CA MET A 333 -10.04 -43.07 -10.33
C MET A 333 -10.90 -43.50 -11.51
N GLU A 334 -11.24 -42.59 -12.43
CA GLU A 334 -12.07 -42.91 -13.57
C GLU A 334 -11.30 -43.11 -14.86
N ILE A 335 -10.04 -42.70 -14.90
CA ILE A 335 -9.22 -42.78 -16.11
C ILE A 335 -8.46 -44.10 -16.08
N ARG A 336 -8.85 -45.03 -16.94
CA ARG A 336 -8.26 -46.36 -16.99
C ARG A 336 -7.31 -46.49 -18.17
N PRO A 337 -6.24 -47.28 -18.01
CA PRO A 337 -5.30 -47.49 -19.12
C PRO A 337 -5.71 -48.63 -20.04
N LEU A 338 -5.67 -48.38 -21.35
CA LEU A 338 -5.92 -49.44 -22.33
C LEU A 338 -4.67 -49.85 -23.09
N SER A 339 -3.66 -48.98 -23.17
CA SER A 339 -2.39 -49.32 -23.80
C SER A 339 -1.69 -50.43 -23.05
N GLU A 340 -1.34 -50.19 -21.79
CA GLU A 340 -0.66 -51.18 -20.96
C GLU A 340 -1.69 -51.94 -20.12
N LYS A 341 -1.22 -52.74 -19.16
CA LYS A 341 -2.09 -53.55 -18.32
C LYS A 341 -1.95 -53.08 -16.89
N GLU A 342 -3.08 -53.03 -16.17
CA GLU A 342 -3.15 -52.46 -14.83
C GLU A 342 -2.26 -53.19 -13.84
N GLU A 343 -2.22 -54.52 -13.91
CA GLU A 343 -1.50 -55.32 -12.93
C GLU A 343 0.00 -55.05 -12.92
N ASN A 344 0.56 -54.50 -13.99
CA ASN A 344 1.99 -54.22 -14.09
C ASN A 344 2.28 -52.73 -13.90
N MET A 345 1.54 -52.07 -13.01
CA MET A 345 1.72 -50.63 -12.78
C MET A 345 1.61 -50.35 -11.29
N VAL A 346 2.03 -49.14 -10.91
CA VAL A 346 2.01 -48.70 -9.53
C VAL A 346 0.63 -48.10 -9.22
N LYS A 347 0.00 -48.59 -8.18
CA LYS A 347 -1.30 -48.09 -7.73
C LYS A 347 -1.14 -47.31 -6.43
N SER A 348 -2.27 -46.79 -5.95
CA SER A 348 -2.26 -46.02 -4.71
C SER A 348 -1.97 -46.94 -3.52
N GLN A 349 -1.04 -46.51 -2.67
CA GLN A 349 -0.66 -47.29 -1.50
C GLN A 349 -1.69 -47.21 -0.37
N VAL A 350 -2.69 -46.33 -0.48
CA VAL A 350 -3.73 -46.27 0.53
C VAL A 350 -4.62 -47.50 0.42
N SER A 351 -5.26 -47.85 1.53
CA SER A 351 -6.14 -49.01 1.57
C SER A 351 -7.51 -48.67 0.99
N ALA A 352 -8.17 -49.70 0.48
CA ALA A 352 -9.50 -49.53 -0.10
C ALA A 352 -10.59 -49.72 0.96
N ASP B 1 10.89 11.50 7.55
CA ASP B 1 10.34 10.22 7.12
C ASP B 1 9.20 10.44 6.13
N THR B 2 9.01 9.49 5.22
CA THR B 2 7.96 9.58 4.21
C THR B 2 7.39 8.19 3.97
N GLY B 3 6.07 8.06 4.11
CA GLY B 3 5.43 6.77 3.92
C GLY B 3 3.97 6.83 4.30
N CYS B 4 3.38 5.65 4.45
CA CYS B 4 1.97 5.50 4.79
C CYS B 4 1.84 4.73 6.09
N ALA B 5 0.72 4.97 6.79
CA ALA B 5 0.47 4.30 8.06
C ALA B 5 -1.03 4.21 8.29
N VAL B 6 -1.46 3.10 8.87
CA VAL B 6 -2.86 2.89 9.24
C VAL B 6 -3.04 3.27 10.69
N SER B 7 -4.07 4.06 10.97
CA SER B 7 -4.26 4.62 12.30
C SER B 7 -4.56 3.52 13.32
N TRP B 8 -4.65 3.94 14.59
CA TRP B 8 -4.88 2.98 15.67
C TRP B 8 -6.23 2.29 15.52
N SER B 9 -7.26 3.05 15.15
CA SER B 9 -8.60 2.48 14.98
C SER B 9 -8.73 1.63 13.73
N GLY B 10 -7.78 1.72 12.81
CA GLY B 10 -7.84 0.93 11.59
C GLY B 10 -8.80 1.45 10.55
N LYS B 11 -9.33 2.66 10.72
CA LYS B 11 -10.31 3.23 9.79
C LYS B 11 -9.69 4.15 8.74
N GLU B 12 -8.43 4.55 8.91
CA GLU B 12 -7.81 5.52 8.03
C GLU B 12 -6.46 5.00 7.55
N LEU B 13 -6.04 5.51 6.39
CA LEU B 13 -4.73 5.23 5.82
C LEU B 13 -4.16 6.56 5.35
N LYS B 14 -3.26 7.13 6.14
CA LYS B 14 -2.73 8.47 5.89
C LYS B 14 -1.30 8.37 5.39
N CYS B 15 -1.02 9.07 4.28
CA CYS B 15 0.31 9.10 3.69
C CYS B 15 0.81 10.53 3.66
N GLY B 16 2.12 10.68 3.85
CA GLY B 16 2.71 12.02 3.88
C GLY B 16 4.14 11.95 4.36
N SER B 17 4.62 13.09 4.87
CA SER B 17 5.98 13.21 5.35
C SER B 17 5.98 13.79 6.76
N GLY B 18 6.87 13.27 7.61
CA GLY B 18 6.97 13.74 8.97
C GLY B 18 7.97 12.97 9.80
N ILE B 19 7.62 12.63 11.04
CA ILE B 19 8.47 11.84 11.92
C ILE B 19 7.70 10.60 12.35
N PHE B 20 8.30 9.43 12.14
CA PHE B 20 7.69 8.16 12.50
C PHE B 20 8.48 7.53 13.64
N VAL B 21 7.88 7.45 14.82
CA VAL B 21 8.50 6.84 15.98
C VAL B 21 8.05 5.39 16.05
N ILE B 22 8.99 4.47 15.92
CA ILE B 22 8.69 3.04 15.77
C ILE B 22 9.17 2.29 17.00
N ASP B 23 8.33 1.35 17.45
CA ASP B 23 8.70 0.46 18.55
C ASP B 23 9.94 -0.34 18.19
N ASN B 24 10.97 -0.24 19.04
CA ASN B 24 12.22 -0.96 18.83
C ASN B 24 12.39 -2.12 19.78
N VAL B 25 11.52 -2.24 20.79
CA VAL B 25 11.49 -3.44 21.62
C VAL B 25 10.88 -4.62 20.86
N HIS B 26 9.83 -4.36 20.09
CA HIS B 26 9.24 -5.32 19.16
C HIS B 26 9.66 -4.84 17.77
N THR B 27 10.83 -5.31 17.32
CA THR B 27 11.54 -4.66 16.23
C THR B 27 10.94 -4.96 14.86
N TRP B 28 10.26 -6.11 14.72
CA TRP B 28 9.80 -6.66 13.44
C TRP B 28 10.97 -7.22 12.63
N THR B 29 12.18 -7.01 13.12
CA THR B 29 13.41 -7.46 12.47
C THR B 29 14.41 -7.82 13.56
N GLU B 30 15.69 -7.95 13.19
CA GLU B 30 16.73 -8.23 14.15
C GLU B 30 17.24 -6.93 14.76
N GLN B 31 17.75 -7.05 15.99
CA GLN B 31 18.14 -5.87 16.76
C GLN B 31 19.40 -5.23 16.18
N TYR B 32 19.66 -4.00 16.63
CA TYR B 32 20.82 -3.26 16.18
C TYR B 32 22.11 -3.88 16.71
N LYS B 33 23.21 -3.55 16.05
CA LYS B 33 24.54 -4.03 16.44
C LYS B 33 25.45 -2.83 16.64
N PHE B 34 26.02 -2.71 17.83
CA PHE B 34 26.99 -1.65 18.10
C PHE B 34 28.32 -1.99 17.45
N GLN B 35 28.97 -0.98 16.88
CA GLN B 35 30.23 -1.14 16.19
C GLN B 35 31.26 -0.19 16.80
N PRO B 36 32.37 -0.68 17.33
CA PRO B 36 33.35 0.19 17.95
C PRO B 36 34.20 0.92 16.92
N GLU B 37 35.06 1.80 17.42
CA GLU B 37 35.91 2.61 16.56
C GLU B 37 36.90 1.75 15.77
N SER B 38 37.80 1.08 16.46
CA SER B 38 38.85 0.29 15.83
C SER B 38 39.44 -0.64 16.88
N PRO B 39 40.05 -1.76 16.45
CA PRO B 39 40.60 -2.71 17.41
C PRO B 39 41.82 -2.22 18.17
N ALA B 40 42.35 -1.04 17.85
CA ALA B 40 43.56 -0.52 18.47
C ALA B 40 43.30 0.58 19.49
N ARG B 41 42.36 1.48 19.21
CA ARG B 41 42.07 2.57 20.13
C ARG B 41 41.51 2.07 21.45
N LEU B 42 40.62 1.06 21.39
CA LEU B 42 40.03 0.52 22.61
C LEU B 42 41.10 -0.12 23.50
N ALA B 43 42.05 -0.84 22.90
CA ALA B 43 43.11 -1.45 23.68
C ALA B 43 43.96 -0.40 24.39
N SER B 44 44.31 0.68 23.70
CA SER B 44 45.07 1.75 24.33
C SER B 44 44.26 2.41 25.45
N ALA B 45 42.97 2.62 25.22
CA ALA B 45 42.14 3.24 26.25
C ALA B 45 42.04 2.38 27.50
N ILE B 46 41.81 1.07 27.33
CA ILE B 46 41.69 0.19 28.49
C ILE B 46 43.03 0.05 29.19
N LEU B 47 44.14 0.03 28.43
CA LEU B 47 45.46 -0.03 29.06
C LEU B 47 45.71 1.21 29.91
N ASN B 48 45.46 2.40 29.35
CA ASN B 48 45.65 3.63 30.10
C ASN B 48 44.70 3.75 31.27
N ALA B 49 43.51 3.14 31.18
CA ALA B 49 42.59 3.14 32.32
C ALA B 49 43.06 2.22 33.42
N HIS B 50 43.58 1.03 33.06
CA HIS B 50 44.12 0.13 34.08
C HIS B 50 45.41 0.68 34.69
N GLU B 51 46.12 1.55 33.97
CA GLU B 51 47.35 2.12 34.51
C GLU B 51 47.08 2.94 35.77
N ASP B 52 46.02 3.75 35.77
CA ASP B 52 45.79 4.70 36.85
C ASP B 52 44.67 4.27 37.80
N GLY B 53 44.20 3.03 37.70
CA GLY B 53 43.29 2.52 38.72
C GLY B 53 42.01 1.88 38.26
N VAL B 54 41.53 2.23 37.07
CA VAL B 54 40.25 1.69 36.60
C VAL B 54 40.39 0.18 36.40
N CYS B 55 39.67 -0.59 37.22
CA CYS B 55 39.76 -2.04 37.20
C CYS B 55 38.68 -2.70 36.34
N GLY B 56 37.82 -1.92 35.70
CA GLY B 56 36.79 -2.49 34.86
C GLY B 56 35.82 -1.44 34.37
N ILE B 57 34.83 -1.91 33.61
CA ILE B 57 33.79 -1.06 33.05
C ILE B 57 32.44 -1.72 33.29
N ARG B 58 31.39 -0.89 33.23
CA ARG B 58 30.02 -1.36 33.35
C ARG B 58 29.21 -0.91 32.15
N SER B 59 28.37 -1.81 31.64
CA SER B 59 27.57 -1.48 30.47
C SER B 59 26.43 -0.53 30.84
N THR B 60 26.01 0.25 29.86
CA THR B 60 24.88 1.17 29.99
C THR B 60 23.59 0.61 29.40
N THR B 61 23.69 -0.09 28.28
CA THR B 61 22.55 -0.71 27.63
C THR B 61 22.87 -2.17 27.35
N ARG B 62 21.82 -2.94 27.04
CA ARG B 62 21.99 -4.35 26.73
C ARG B 62 22.70 -4.59 25.41
N LEU B 63 22.67 -3.61 24.50
CA LEU B 63 23.35 -3.72 23.22
C LEU B 63 24.85 -3.50 23.32
N GLU B 64 25.33 -2.85 24.38
CA GLU B 64 26.75 -2.66 24.59
C GLU B 64 27.44 -3.93 25.09
N ASN B 65 26.74 -4.74 25.87
CA ASN B 65 27.30 -6.01 26.32
C ASN B 65 27.59 -6.94 25.16
N ILE B 66 26.69 -6.96 24.16
CA ILE B 66 26.90 -7.79 22.98
C ILE B 66 28.17 -7.35 22.24
N MET B 67 28.34 -6.03 22.07
CA MET B 67 29.51 -5.51 21.40
C MET B 67 30.78 -5.86 22.17
N TRP B 68 30.75 -5.72 23.50
CA TRP B 68 31.93 -6.04 24.29
C TRP B 68 32.27 -7.53 24.19
N LYS B 69 31.25 -8.38 24.19
CA LYS B 69 31.49 -9.82 24.02
C LYS B 69 32.11 -10.10 22.66
N GLN B 70 31.62 -9.43 21.61
CA GLN B 70 32.15 -9.66 20.26
C GLN B 70 33.56 -9.10 20.08
N ILE B 71 33.96 -8.10 20.84
CA ILE B 71 35.25 -7.44 20.62
C ILE B 71 36.32 -7.81 21.65
N THR B 72 35.95 -8.50 22.74
CA THR B 72 36.93 -8.80 23.77
C THR B 72 38.05 -9.72 23.25
N ASN B 73 37.72 -10.66 22.36
CA ASN B 73 38.73 -11.57 21.85
C ASN B 73 39.80 -10.82 21.06
N GLU B 74 39.38 -9.87 20.23
CA GLU B 74 40.36 -9.04 19.52
C GLU B 74 41.05 -8.06 20.47
N LEU B 75 40.38 -7.67 21.56
CA LEU B 75 41.00 -6.82 22.56
C LEU B 75 42.03 -7.56 23.41
N ASN B 76 42.04 -8.90 23.42
CA ASN B 76 42.98 -9.63 24.32
C ASN B 76 44.16 -10.16 23.50
N TYR B 77 43.95 -10.39 22.21
CA TYR B 77 45.08 -10.77 21.32
C TYR B 77 45.68 -9.48 20.76
N VAL B 78 45.80 -8.48 21.62
CA VAL B 78 46.44 -7.21 21.21
C VAL B 78 47.16 -6.76 22.46
N LEU B 79 46.91 -7.44 23.56
CA LEU B 79 47.53 -7.03 24.84
C LEU B 79 48.77 -7.88 25.09
N TRP B 80 48.96 -8.96 24.34
CA TRP B 80 50.21 -9.69 24.57
C TRP B 80 51.28 -9.29 23.56
N GLU B 81 50.89 -8.78 22.39
CA GLU B 81 51.87 -8.42 21.38
C GLU B 81 52.78 -7.29 21.87
N GLY B 82 52.21 -6.32 22.57
CA GLY B 82 53.01 -5.27 23.18
C GLY B 82 53.70 -5.65 24.46
N GLY B 83 53.44 -6.85 24.97
CA GLY B 83 54.06 -7.32 26.19
C GLY B 83 53.40 -6.83 27.47
N HIS B 84 52.32 -6.05 27.37
CA HIS B 84 51.65 -5.55 28.57
C HIS B 84 50.95 -6.69 29.30
N ASP B 85 51.15 -6.74 30.61
CA ASP B 85 50.57 -7.81 31.45
C ASP B 85 49.19 -7.40 31.93
N LEU B 86 48.22 -7.58 31.05
CA LEU B 86 46.82 -7.29 31.36
C LEU B 86 45.92 -8.08 30.42
N THR B 87 45.02 -8.87 30.99
CA THR B 87 44.08 -9.68 30.23
C THR B 87 42.67 -9.26 30.60
N VAL B 88 41.87 -8.92 29.60
CA VAL B 88 40.49 -8.50 29.82
C VAL B 88 39.60 -9.72 29.94
N VAL B 89 38.67 -9.69 30.88
CA VAL B 89 37.72 -10.76 31.11
C VAL B 89 36.32 -10.20 30.91
N ALA B 90 35.56 -10.80 30.00
CA ALA B 90 34.22 -10.34 29.69
C ALA B 90 33.24 -10.90 30.73
N GLY B 91 31.95 -10.71 30.48
CA GLY B 91 30.94 -11.21 31.41
C GLY B 91 29.56 -10.92 30.86
N ASP B 92 28.56 -11.41 31.60
CA ASP B 92 27.16 -11.25 31.23
C ASP B 92 26.48 -10.30 32.22
N VAL B 93 25.26 -9.90 31.86
CA VAL B 93 24.46 -8.98 32.67
C VAL B 93 23.29 -9.75 33.26
N LYS B 94 23.03 -9.53 34.55
CA LYS B 94 21.93 -10.18 35.24
C LYS B 94 21.41 -9.20 36.29
N GLY B 95 20.18 -8.72 36.09
CA GLY B 95 19.61 -7.75 37.00
C GLY B 95 19.64 -6.34 36.43
N VAL B 96 19.88 -5.36 37.29
CA VAL B 96 19.98 -3.98 36.83
C VAL B 96 21.37 -3.71 36.27
N LEU B 97 21.47 -2.68 35.44
CA LEU B 97 22.74 -2.23 34.89
C LEU B 97 23.32 -1.20 35.86
N SER B 98 24.18 -1.66 36.76
CA SER B 98 24.68 -0.82 37.84
C SER B 98 25.53 0.32 37.29
N LYS B 99 25.72 1.33 38.13
CA LYS B 99 26.42 2.55 37.77
C LYS B 99 27.92 2.42 38.02
N GLY B 100 28.68 3.33 37.43
CA GLY B 100 30.11 3.41 37.67
C GLY B 100 30.50 4.85 37.91
N LYS B 101 31.60 5.03 38.64
CA LYS B 101 32.04 6.35 39.06
C LYS B 101 33.27 6.85 38.32
N ARG B 102 33.73 6.12 37.30
CA ARG B 102 34.86 6.53 36.48
C ARG B 102 34.44 6.52 35.02
N ALA B 103 35.39 6.85 34.14
CA ALA B 103 35.13 6.88 32.71
C ALA B 103 36.43 6.85 31.92
N LEU B 104 36.47 6.08 30.84
CA LEU B 104 37.65 6.04 29.99
C LEU B 104 37.81 7.34 29.24
N ALA B 105 39.07 7.70 28.98
CA ALA B 105 39.42 8.89 28.22
C ALA B 105 39.86 8.50 26.81
N PRO B 106 39.68 9.38 25.83
CA PRO B 106 40.15 9.08 24.47
C PRO B 106 41.64 8.83 24.45
N PRO B 107 42.08 7.78 23.77
CA PRO B 107 43.52 7.49 23.74
C PRO B 107 44.30 8.53 22.94
N VAL B 108 45.57 8.66 23.29
CA VAL B 108 46.46 9.61 22.62
C VAL B 108 47.35 8.88 21.63
N SER B 131 45.47 -7.83 38.46
CA SER B 131 46.11 -7.63 37.17
C SER B 131 45.20 -8.06 36.02
N THR B 132 43.89 -7.87 36.21
CA THR B 132 42.89 -8.24 35.23
C THR B 132 41.90 -7.10 35.06
N PHE B 133 41.22 -7.10 33.91
CA PHE B 133 40.19 -6.12 33.59
C PHE B 133 38.87 -6.86 33.46
N LEU B 134 37.88 -6.45 34.26
CA LEU B 134 36.59 -7.13 34.33
C LEU B 134 35.54 -6.27 33.64
N ILE B 135 34.88 -6.84 32.63
CA ILE B 135 33.82 -6.17 31.90
C ILE B 135 32.51 -6.85 32.31
N ASP B 136 31.76 -6.18 33.18
CA ASP B 136 30.46 -6.66 33.67
C ASP B 136 30.57 -7.97 34.44
N GLY B 137 29.46 -8.41 35.03
CA GLY B 137 29.44 -9.64 35.79
C GLY B 137 28.69 -9.49 37.09
N PRO B 138 29.10 -10.23 38.11
CA PRO B 138 28.45 -10.12 39.42
C PRO B 138 29.08 -9.02 40.27
N ASP B 139 28.58 -8.85 41.49
CA ASP B 139 29.10 -7.85 42.41
C ASP B 139 30.26 -8.47 43.18
N THR B 140 31.48 -8.05 42.85
CA THR B 140 32.69 -8.58 43.46
C THR B 140 33.45 -7.46 44.16
N SER B 141 33.90 -7.73 45.39
CA SER B 141 34.65 -6.75 46.15
C SER B 141 36.06 -6.51 45.59
N GLU B 142 36.54 -7.38 44.70
CA GLU B 142 37.87 -7.19 44.13
C GLU B 142 37.93 -5.99 43.20
N CYS B 143 36.81 -5.61 42.58
CA CYS B 143 36.75 -4.44 41.71
C CYS B 143 35.40 -3.78 41.90
N PRO B 144 35.26 -2.93 42.92
CA PRO B 144 33.96 -2.32 43.21
C PRO B 144 33.56 -1.32 42.14
N ASN B 145 32.26 -0.96 42.16
CA ASN B 145 31.72 -0.05 41.17
C ASN B 145 32.34 1.34 41.25
N GLU B 146 32.90 1.72 42.40
CA GLU B 146 33.52 3.03 42.52
C GLU B 146 34.79 3.16 41.68
N ARG B 147 35.35 2.05 41.22
CA ARG B 147 36.54 2.05 40.36
C ARG B 147 36.23 1.43 39.00
N ARG B 148 35.01 1.60 38.52
CA ARG B 148 34.56 1.01 37.26
C ARG B 148 34.02 2.10 36.35
N ALA B 149 34.44 2.07 35.08
CA ALA B 149 33.99 3.05 34.11
C ALA B 149 32.54 2.77 33.68
N TRP B 150 31.86 3.83 33.25
CA TRP B 150 30.46 3.72 32.89
C TRP B 150 30.06 4.93 32.06
N ASN B 151 29.26 4.69 31.02
CA ASN B 151 28.69 5.73 30.17
C ASN B 151 29.79 6.61 29.54
N PHE B 152 30.60 5.98 28.69
CA PHE B 152 31.66 6.67 27.98
C PHE B 152 31.61 6.48 26.48
N LEU B 153 30.51 5.93 25.94
CA LEU B 153 30.36 5.69 24.52
C LEU B 153 29.13 6.42 24.00
N GLU B 154 29.21 6.89 22.76
CA GLU B 154 28.11 7.62 22.15
C GLU B 154 28.11 7.38 20.65
N VAL B 155 26.96 7.62 20.04
CA VAL B 155 26.73 7.31 18.63
C VAL B 155 27.30 8.40 17.74
N GLU B 156 27.78 8.01 16.57
CA GLU B 156 28.24 8.95 15.55
C GLU B 156 27.42 8.93 14.26
N ASP B 157 26.83 7.81 13.90
CA ASP B 157 25.90 7.72 12.77
C ASP B 157 25.11 6.41 12.88
N TYR B 158 24.22 6.18 11.92
CA TYR B 158 23.29 5.06 12.00
C TYR B 158 23.34 4.10 10.82
N GLY B 159 22.57 3.02 10.96
CA GLY B 159 22.06 2.24 9.86
C GLY B 159 20.65 1.80 10.26
N PHE B 160 19.64 2.20 9.48
CA PHE B 160 18.25 2.15 9.92
C PHE B 160 17.40 1.65 8.76
N GLY B 161 17.26 0.34 8.64
CA GLY B 161 16.62 -0.24 7.49
C GLY B 161 16.10 -1.63 7.72
N MET B 162 16.07 -2.41 6.64
CA MET B 162 15.46 -3.73 6.65
C MET B 162 16.51 -4.83 6.70
N PHE B 163 16.23 -5.86 7.50
CA PHE B 163 16.96 -7.13 7.51
C PHE B 163 18.34 -7.02 8.13
N THR B 164 18.78 -5.80 8.44
CA THR B 164 20.07 -5.57 9.07
C THR B 164 20.19 -4.11 9.47
N THR B 165 20.88 -3.88 10.58
CA THR B 165 21.11 -2.54 11.11
C THR B 165 22.45 -2.52 11.83
N ASN B 166 23.15 -1.40 11.70
CA ASN B 166 24.43 -1.19 12.37
C ASN B 166 24.49 0.22 12.95
N ILE B 167 25.18 0.33 14.08
CA ILE B 167 25.41 1.61 14.74
C ILE B 167 26.89 1.73 15.04
N TRP B 168 27.50 2.84 14.63
CA TRP B 168 28.91 3.10 14.87
C TRP B 168 29.05 4.00 16.09
N MET B 169 29.84 3.56 17.06
CA MET B 169 30.02 4.27 18.32
C MET B 169 31.35 5.00 18.34
N LYS B 170 31.43 6.01 19.20
CA LYS B 170 32.65 6.78 19.37
C LYS B 170 32.75 7.22 20.82
N PHE B 171 33.97 7.58 21.23
CA PHE B 171 34.23 7.93 22.61
C PHE B 171 33.56 9.25 22.99
N ARG B 172 33.09 9.32 24.23
CA ARG B 172 32.50 10.53 24.77
C ARG B 172 33.57 11.39 25.42
N GLU B 173 33.40 12.72 25.30
CA GLU B 173 34.41 13.65 25.79
C GLU B 173 34.36 13.79 27.30
N GLY B 174 33.24 14.25 27.84
CA GLY B 174 33.15 14.51 29.26
C GLY B 174 32.23 13.57 30.01
N SER B 175 32.38 13.52 31.33
CA SER B 175 31.53 12.67 32.15
C SER B 175 30.09 13.19 32.14
N SER B 176 29.14 12.26 32.02
CA SER B 176 27.73 12.62 31.99
C SER B 176 26.91 11.47 32.55
N GLU B 177 25.92 11.82 33.38
CA GLU B 177 24.99 10.85 33.95
C GLU B 177 23.71 10.73 33.16
N VAL B 178 23.60 11.42 32.02
CA VAL B 178 22.42 11.40 31.19
C VAL B 178 22.61 10.38 30.07
N CYS B 179 21.56 9.62 29.79
CA CYS B 179 21.64 8.61 28.73
C CYS B 179 21.83 9.28 27.39
N ASP B 180 22.43 8.55 26.44
CA ASP B 180 22.68 9.08 25.11
C ASP B 180 21.35 9.38 24.41
N HIS B 181 21.15 10.63 24.04
CA HIS B 181 19.89 11.09 23.46
C HIS B 181 19.72 10.68 22.01
N ARG B 182 20.77 10.17 21.36
CA ARG B 182 20.66 9.77 19.96
C ARG B 182 19.75 8.57 19.77
N LEU B 183 19.61 7.72 20.79
CA LEU B 183 18.85 6.48 20.68
C LEU B 183 17.43 6.59 21.21
N MET B 184 16.98 7.80 21.54
CA MET B 184 15.70 8.00 22.19
C MET B 184 14.73 8.73 21.28
N SER B 185 13.45 8.64 21.64
CA SER B 185 12.36 9.25 20.88
C SER B 185 11.19 9.51 21.81
N ALA B 186 10.25 10.32 21.33
CA ALA B 186 9.03 10.62 22.06
C ALA B 186 8.04 11.23 21.07
N ALA B 187 6.76 10.88 21.22
CA ALA B 187 5.73 11.37 20.32
C ALA B 187 4.39 11.37 21.02
N ILE B 188 3.55 12.34 20.67
CA ILE B 188 2.18 12.42 21.15
C ILE B 188 1.28 12.83 20.00
N LYS B 189 0.12 12.20 19.90
CA LYS B 189 -0.86 12.54 18.88
C LYS B 189 -2.24 12.22 19.40
N ASP B 190 -3.16 13.17 19.27
CA ASP B 190 -4.55 12.99 19.67
C ASP B 190 -4.66 12.73 21.17
N GLN B 191 -4.77 11.46 21.55
CA GLN B 191 -4.93 11.07 22.95
C GLN B 191 -4.00 9.92 23.34
N LYS B 192 -2.84 9.82 22.68
CA LYS B 192 -1.89 8.77 22.99
C LYS B 192 -0.48 9.32 22.89
N ALA B 193 0.32 9.08 23.93
CA ALA B 193 1.71 9.49 23.97
C ALA B 193 2.59 8.27 24.19
N VAL B 194 3.89 8.43 23.89
CA VAL B 194 4.84 7.33 24.04
C VAL B 194 6.23 7.92 24.27
N HIS B 195 7.03 7.23 25.08
CA HIS B 195 8.44 7.53 25.29
C HIS B 195 9.23 6.30 24.90
N ALA B 196 9.83 6.33 23.72
CA ALA B 196 10.48 5.17 23.14
C ALA B 196 11.98 5.21 23.40
N ASP B 197 12.62 4.06 23.18
CA ASP B 197 14.05 3.88 23.38
C ASP B 197 14.41 2.51 22.80
N MET B 198 15.70 2.20 22.78
CA MET B 198 16.14 0.89 22.33
C MET B 198 15.77 -0.22 23.30
N GLY B 199 15.40 0.11 24.54
CA GLY B 199 15.05 -0.89 25.52
C GLY B 199 13.86 -0.51 26.38
N TYR B 200 13.28 0.66 26.12
CA TYR B 200 12.14 1.16 26.88
C TYR B 200 10.98 1.44 25.93
N TRP B 201 9.77 1.16 26.40
CA TRP B 201 8.57 1.49 25.64
C TRP B 201 7.46 1.79 26.65
N ILE B 202 7.28 3.07 26.96
CA ILE B 202 6.29 3.52 27.93
C ILE B 202 5.13 4.16 27.17
N GLU B 203 3.92 3.70 27.44
CA GLU B 203 2.73 4.17 26.75
C GLU B 203 1.82 4.91 27.72
N SER B 204 1.24 6.02 27.24
CA SER B 204 0.29 6.80 28.02
C SER B 204 -0.96 7.02 27.19
N SER B 205 -2.07 7.28 27.87
CA SER B 205 -3.34 7.48 27.19
C SER B 205 -4.22 8.36 28.07
N LYS B 206 -5.25 8.92 27.46
CA LYS B 206 -6.18 9.82 28.14
C LYS B 206 -7.55 9.14 28.25
N ASN B 207 -7.93 8.78 29.47
CA ASN B 207 -9.27 8.29 29.78
C ASN B 207 -9.75 9.11 30.96
N GLN B 208 -10.35 10.28 30.67
CA GLN B 208 -10.80 11.26 31.65
C GLN B 208 -9.62 11.93 32.37
N THR B 209 -8.40 11.50 32.06
CA THR B 209 -7.18 12.07 32.62
C THR B 209 -5.99 11.42 31.93
N TRP B 210 -4.84 12.08 32.02
CA TRP B 210 -3.60 11.57 31.45
C TRP B 210 -2.86 10.76 32.51
N GLN B 211 -2.56 9.50 32.21
CA GLN B 211 -1.83 8.65 33.13
C GLN B 211 -1.18 7.51 32.35
N ILE B 212 -0.20 6.87 33.00
CA ILE B 212 0.53 5.79 32.35
C ILE B 212 -0.41 4.61 32.10
N GLU B 213 -0.15 3.90 31.00
CA GLU B 213 -0.96 2.75 30.61
C GLU B 213 -0.18 1.45 30.61
N LYS B 214 0.97 1.42 29.93
CA LYS B 214 1.78 0.22 29.83
C LYS B 214 3.25 0.59 29.89
N ALA B 215 4.10 -0.43 29.99
CA ALA B 215 5.54 -0.26 29.95
C ALA B 215 6.17 -1.61 29.68
N SER B 216 7.14 -1.63 28.77
CA SER B 216 7.81 -2.87 28.36
C SER B 216 9.31 -2.62 28.46
N LEU B 217 9.88 -2.91 29.63
CA LEU B 217 11.30 -2.67 29.89
C LEU B 217 12.05 -3.97 29.61
N ILE B 218 12.68 -4.06 28.43
CA ILE B 218 13.54 -5.19 28.11
C ILE B 218 14.85 -5.14 28.88
N GLU B 219 15.14 -4.02 29.53
CA GLU B 219 16.33 -3.86 30.37
C GLU B 219 16.05 -2.76 31.38
N VAL B 220 16.89 -2.70 32.40
CA VAL B 220 16.79 -1.67 33.43
C VAL B 220 18.09 -0.89 33.45
N LYS B 221 18.02 0.40 33.17
CA LYS B 221 19.18 1.28 33.15
C LYS B 221 19.24 2.11 34.43
N THR B 222 20.34 2.85 34.58
CA THR B 222 20.52 3.69 35.76
C THR B 222 20.94 5.11 35.42
N CYS B 223 20.98 5.49 34.14
CA CYS B 223 21.28 6.85 33.76
C CYS B 223 19.99 7.69 33.82
N LEU B 224 20.08 8.94 33.40
CA LEU B 224 18.97 9.87 33.47
C LEU B 224 18.38 10.11 32.08
N TRP B 225 17.06 10.12 32.01
CA TRP B 225 16.37 10.41 30.76
C TRP B 225 16.50 11.90 30.46
N PRO B 226 17.07 12.28 29.31
CA PRO B 226 17.22 13.71 29.00
C PRO B 226 15.87 14.41 28.91
N LYS B 227 15.84 15.64 29.39
CA LYS B 227 14.60 16.42 29.39
C LYS B 227 14.31 17.06 28.05
N THR B 228 15.24 17.00 27.09
CA THR B 228 14.97 17.48 25.75
C THR B 228 14.07 16.52 24.97
N HIS B 229 13.99 15.26 25.38
CA HIS B 229 13.16 14.25 24.74
C HIS B 229 11.97 13.86 25.62
N THR B 230 11.50 14.79 26.46
CA THR B 230 10.44 14.52 27.42
C THR B 230 9.25 15.43 27.15
N LEU B 231 8.05 14.86 27.23
CA LEU B 231 6.81 15.59 27.05
C LEU B 231 6.25 15.99 28.40
N TRP B 232 5.79 17.24 28.51
CA TRP B 232 5.10 17.74 29.71
C TRP B 232 6.02 17.63 30.94
N SER B 233 7.12 18.38 30.88
CA SER B 233 8.18 18.32 31.87
C SER B 233 8.03 19.35 32.98
N ASN B 234 6.93 20.11 33.00
CA ASN B 234 6.76 21.18 33.97
C ASN B 234 5.90 20.72 35.14
N GLY B 235 6.25 21.18 36.33
CA GLY B 235 5.50 20.85 37.53
C GLY B 235 5.53 19.37 37.90
N VAL B 236 6.70 18.75 37.82
CA VAL B 236 6.85 17.32 38.07
C VAL B 236 7.51 17.11 39.42
N LEU B 237 6.89 16.29 40.26
CA LEU B 237 7.47 15.88 41.53
C LEU B 237 8.18 14.55 41.37
N GLU B 238 9.32 14.42 42.05
CA GLU B 238 10.12 13.21 41.97
C GLU B 238 9.57 12.08 42.84
N SER B 239 8.54 12.36 43.63
CA SER B 239 7.90 11.34 44.46
C SER B 239 6.60 10.83 43.86
N GLN B 240 6.28 11.21 42.62
CA GLN B 240 5.07 10.78 41.96
C GLN B 240 5.32 10.02 40.66
N MET B 241 6.56 10.02 40.15
CA MET B 241 6.89 9.31 38.93
C MET B 241 6.83 7.81 39.17
N LEU B 242 5.94 7.11 38.48
CA LEU B 242 5.76 5.68 38.72
C LEU B 242 7.06 4.91 38.47
N ILE B 243 7.76 5.22 37.39
CA ILE B 243 9.08 4.68 37.13
C ILE B 243 10.10 5.67 37.70
N PRO B 244 10.93 5.25 38.67
CA PRO B 244 11.82 6.21 39.33
C PRO B 244 12.82 6.81 38.36
N LYS B 245 13.23 8.05 38.65
CA LYS B 245 14.22 8.72 37.82
C LYS B 245 15.59 8.07 37.93
N ALA B 246 15.84 7.31 39.00
CA ALA B 246 17.10 6.58 39.14
C ALA B 246 17.15 5.36 38.23
N TYR B 247 16.05 4.98 37.60
CA TYR B 247 15.99 3.86 36.68
C TYR B 247 15.63 4.34 35.27
N ALA B 248 16.15 5.50 34.89
CA ALA B 248 15.95 6.09 33.56
C ALA B 248 14.47 6.27 33.24
N GLY B 249 13.70 6.71 34.24
CA GLY B 249 12.31 7.00 34.04
C GLY B 249 12.11 8.43 33.56
N PRO B 250 11.23 8.63 32.59
CA PRO B 250 11.01 9.98 32.04
C PRO B 250 10.55 10.95 33.11
N PHE B 251 11.09 12.16 33.08
CA PHE B 251 10.74 13.21 34.03
C PHE B 251 9.51 13.96 33.51
N SER B 252 8.40 13.24 33.47
CA SER B 252 7.18 13.70 32.81
C SER B 252 5.98 13.45 33.71
N GLN B 253 4.89 14.17 33.41
CA GLN B 253 3.61 13.92 34.06
C GLN B 253 2.81 12.83 33.38
N HIS B 254 3.25 12.35 32.21
CA HIS B 254 2.71 11.13 31.65
C HIS B 254 3.22 9.88 32.38
N ASN B 255 4.31 10.01 33.13
CA ASN B 255 4.83 8.93 33.97
C ASN B 255 4.17 9.06 35.34
N TYR B 256 2.89 8.71 35.40
CA TYR B 256 2.10 8.91 36.60
C TYR B 256 0.85 8.04 36.54
N ARG B 257 0.50 7.46 37.68
CA ARG B 257 -0.77 6.74 37.83
C ARG B 257 -1.40 7.17 39.14
N GLN B 258 -2.70 7.45 39.09
CA GLN B 258 -3.39 7.97 40.27
C GLN B 258 -3.50 6.90 41.34
N GLY B 259 -3.14 7.26 42.58
CA GLY B 259 -3.19 6.36 43.71
C GLY B 259 -1.86 5.73 44.05
N TYR B 260 -0.88 5.84 43.17
CA TYR B 260 0.44 5.25 43.37
C TYR B 260 1.51 6.35 43.39
N ALA B 261 2.62 6.02 44.03
CA ALA B 261 3.78 6.90 44.11
C ALA B 261 4.96 6.22 43.41
N THR B 262 6.14 6.83 43.55
CA THR B 262 7.34 6.29 42.92
C THR B 262 7.66 4.91 43.46
N GLN B 263 7.96 3.97 42.55
CA GLN B 263 8.24 2.59 42.92
C GLN B 263 9.74 2.40 43.13
N THR B 264 10.23 3.02 44.21
CA THR B 264 11.65 2.95 44.53
C THR B 264 12.08 1.53 44.89
N VAL B 265 11.18 0.73 45.43
CA VAL B 265 11.47 -0.66 45.81
C VAL B 265 10.50 -1.54 45.02
N GLY B 266 10.94 -2.01 43.86
CA GLY B 266 10.16 -2.90 43.04
C GLY B 266 10.99 -4.06 42.55
N PRO B 267 10.39 -4.93 41.74
CA PRO B 267 11.11 -6.08 41.18
C PRO B 267 12.05 -5.72 40.04
N TRP B 268 12.89 -4.71 40.26
CA TRP B 268 13.84 -4.26 39.25
C TRP B 268 15.01 -5.22 39.07
N HIS B 269 15.24 -6.12 40.04
CA HIS B 269 16.34 -7.07 39.94
C HIS B 269 16.12 -8.13 38.87
N LEU B 270 14.92 -8.23 38.30
CA LEU B 270 14.65 -9.24 37.28
C LEU B 270 15.28 -8.89 35.94
N GLY B 271 15.42 -7.61 35.63
CA GLY B 271 15.85 -7.21 34.31
C GLY B 271 14.67 -6.92 33.41
N LYS B 272 14.24 -7.91 32.63
CA LYS B 272 13.04 -7.75 31.82
C LYS B 272 11.81 -7.63 32.70
N LEU B 273 10.98 -6.62 32.43
CA LEU B 273 9.72 -6.43 33.12
C LEU B 273 8.65 -6.04 32.10
N GLU B 274 7.40 -6.04 32.56
CA GLU B 274 6.27 -5.56 31.77
C GLU B 274 5.25 -4.97 32.76
N ILE B 275 5.25 -3.65 32.88
CA ILE B 275 4.34 -2.98 33.80
C ILE B 275 2.96 -2.88 33.14
N ASP B 276 1.95 -3.44 33.80
CA ASP B 276 0.58 -3.35 33.33
C ASP B 276 -0.32 -3.41 34.56
N PHE B 277 -1.57 -2.99 34.37
CA PHE B 277 -2.51 -2.81 35.46
C PHE B 277 -3.61 -3.87 35.37
N GLY B 278 -3.64 -4.77 36.34
CA GLY B 278 -4.60 -5.84 36.35
C GLY B 278 -4.35 -6.76 37.54
N GLU B 279 -5.06 -7.88 37.54
CA GLU B 279 -4.93 -8.87 38.61
C GLU B 279 -4.16 -10.08 38.09
N CYS B 280 -3.15 -10.51 38.86
CA CYS B 280 -2.46 -11.75 38.53
C CYS B 280 -3.43 -12.92 38.66
N PRO B 281 -3.27 -13.97 37.85
CA PRO B 281 -4.27 -15.04 37.81
C PRO B 281 -4.48 -15.68 39.18
N GLY B 282 -5.74 -15.95 39.49
CA GLY B 282 -6.11 -16.60 40.73
C GLY B 282 -6.02 -15.73 41.96
N THR B 283 -6.01 -14.41 41.82
CA THR B 283 -5.83 -13.51 42.94
C THR B 283 -6.84 -12.37 42.86
N THR B 284 -7.25 -11.87 44.03
CA THR B 284 -8.20 -10.78 44.13
C THR B 284 -7.67 -9.72 45.09
N VAL B 285 -7.81 -8.46 44.70
CA VAL B 285 -7.33 -7.32 45.49
C VAL B 285 -8.52 -6.40 45.76
N THR B 286 -8.69 -6.01 47.02
CA THR B 286 -9.75 -5.10 47.44
C THR B 286 -9.13 -3.89 48.12
N ILE B 287 -9.98 -2.94 48.50
CA ILE B 287 -9.57 -1.67 49.08
C ILE B 287 -10.15 -1.60 50.50
N GLN B 288 -9.30 -1.83 51.50
CA GLN B 288 -9.69 -1.68 52.90
C GLN B 288 -8.59 -0.95 53.65
N GLU B 289 -8.98 -0.29 54.74
CA GLU B 289 -8.06 0.52 55.53
C GLU B 289 -7.40 -0.25 56.67
N ASP B 290 -7.77 -1.51 56.88
CA ASP B 290 -7.14 -2.32 57.92
C ASP B 290 -6.00 -3.17 57.35
N CYS B 291 -4.99 -2.50 56.81
CA CYS B 291 -3.88 -3.17 56.14
C CYS B 291 -2.57 -2.53 56.56
N ASP B 292 -1.48 -3.23 56.28
CA ASP B 292 -0.14 -2.71 56.55
C ASP B 292 0.16 -1.54 55.63
N HIS B 293 1.13 -0.72 56.04
CA HIS B 293 1.49 0.47 55.28
C HIS B 293 2.34 0.07 54.07
N ARG B 294 2.90 1.07 53.41
CA ARG B 294 3.69 0.84 52.20
C ARG B 294 4.96 0.06 52.53
N GLY B 295 5.35 -0.81 51.60
CA GLY B 295 6.52 -1.64 51.80
C GLY B 295 7.04 -2.24 50.51
N PRO B 296 8.05 -3.11 50.62
CA PRO B 296 8.64 -3.71 49.42
C PRO B 296 7.65 -4.57 48.65
N SER B 297 7.86 -4.65 47.35
CA SER B 297 6.99 -5.44 46.48
C SER B 297 7.14 -6.93 46.78
N LEU B 298 6.03 -7.66 46.67
CA LEU B 298 6.00 -9.08 46.99
C LEU B 298 5.48 -9.88 45.80
N ARG B 299 5.87 -11.15 45.76
CA ARG B 299 5.44 -12.05 44.69
C ARG B 299 4.15 -12.77 45.11
N THR B 300 3.41 -13.21 44.10
CA THR B 300 2.13 -13.89 44.34
C THR B 300 2.32 -15.35 44.77
N THR B 301 3.53 -15.88 44.71
CA THR B 301 3.81 -17.24 45.15
C THR B 301 4.90 -17.22 46.21
N THR B 302 4.84 -18.20 47.11
CA THR B 302 5.81 -18.30 48.20
C THR B 302 7.02 -19.10 47.74
N ALA B 303 7.97 -19.28 48.67
CA ALA B 303 9.18 -20.04 48.35
C ALA B 303 8.84 -21.48 47.99
N SER B 304 7.93 -22.10 48.74
CA SER B 304 7.51 -23.46 48.42
C SER B 304 6.79 -23.51 47.08
N GLY B 305 5.95 -22.52 46.80
CA GLY B 305 5.20 -22.48 45.55
C GLY B 305 3.71 -22.48 45.77
N LYS B 306 3.27 -21.96 46.92
CA LYS B 306 1.86 -21.92 47.27
C LYS B 306 1.30 -20.54 46.94
N LEU B 307 0.20 -20.52 46.19
CA LEU B 307 -0.40 -19.28 45.73
C LEU B 307 -1.13 -18.57 46.86
N VAL B 308 -1.02 -17.25 46.89
CA VAL B 308 -1.74 -16.39 47.82
C VAL B 308 -2.87 -15.71 47.08
N THR B 309 -4.06 -15.69 47.69
CA THR B 309 -5.28 -15.28 47.00
C THR B 309 -5.92 -14.00 47.53
N GLN B 310 -5.45 -13.45 48.64
CA GLN B 310 -6.08 -12.28 49.25
C GLN B 310 -5.04 -11.19 49.49
N TRP B 311 -5.25 -10.05 48.84
CA TRP B 311 -4.44 -8.86 49.05
C TRP B 311 -5.34 -7.66 49.27
N CYS B 312 -4.78 -6.59 49.82
CA CYS B 312 -5.55 -5.39 50.11
C CYS B 312 -4.64 -4.17 50.03
N CYS B 313 -5.21 -3.06 49.57
CA CYS B 313 -4.49 -1.80 49.43
C CYS B 313 -5.17 -0.73 50.26
N ARG B 314 -4.37 0.24 50.71
CA ARG B 314 -4.89 1.28 51.60
C ARG B 314 -5.70 2.32 50.84
N SER B 315 -5.05 3.03 49.91
CA SER B 315 -5.70 4.10 49.15
C SER B 315 -5.30 4.02 47.68
N CYS B 316 -5.29 2.82 47.12
CA CYS B 316 -4.89 2.64 45.73
C CYS B 316 -6.12 2.81 44.82
N THR B 317 -5.94 2.53 43.53
CA THR B 317 -7.02 2.57 42.55
C THR B 317 -6.98 1.31 41.72
N MET B 318 -8.13 0.92 41.19
CA MET B 318 -8.24 -0.31 40.42
C MET B 318 -8.32 -0.02 38.93
N PRO B 319 -7.78 -0.91 38.08
CA PRO B 319 -7.11 -2.18 38.38
C PRO B 319 -5.73 -1.97 39.02
N PRO B 320 -5.27 -2.94 39.81
CA PRO B 320 -4.03 -2.74 40.57
C PRO B 320 -2.78 -2.86 39.71
N LEU B 321 -1.71 -2.23 40.19
CA LEU B 321 -0.43 -2.29 39.51
C LEU B 321 0.14 -3.69 39.58
N ARG B 322 0.62 -4.19 38.45
CA ARG B 322 1.09 -5.57 38.33
C ARG B 322 2.39 -5.61 37.55
N PHE B 323 3.39 -6.32 38.08
CA PHE B 323 4.65 -6.56 37.41
C PHE B 323 4.71 -8.00 36.95
N LEU B 324 5.03 -8.20 35.67
CA LEU B 324 5.13 -9.54 35.10
C LEU B 324 6.60 -9.84 34.82
N GLY B 325 7.10 -10.92 35.42
CA GLY B 325 8.47 -11.34 35.22
C GLY B 325 8.53 -12.80 34.78
N GLU B 326 9.76 -13.23 34.46
CA GLU B 326 9.96 -14.60 34.02
C GLU B 326 9.83 -15.62 35.15
N ASP B 327 9.80 -15.16 36.40
CA ASP B 327 9.71 -16.04 37.56
C ASP B 327 8.41 -15.84 38.35
N GLY B 328 7.42 -15.19 37.76
CA GLY B 328 6.15 -15.03 38.43
C GLY B 328 5.45 -13.71 38.20
N CYS B 329 4.56 -13.33 39.12
CA CYS B 329 3.77 -12.12 39.02
C CYS B 329 3.90 -11.35 40.32
N TRP B 330 4.03 -10.03 40.22
CA TRP B 330 4.28 -9.17 41.37
C TRP B 330 3.22 -8.07 41.47
N TYR B 331 3.15 -7.45 42.65
CA TYR B 331 2.30 -6.31 42.90
C TYR B 331 3.13 -5.11 43.33
N GLY B 332 2.50 -3.94 43.31
CA GLY B 332 3.16 -2.72 43.68
C GLY B 332 3.38 -2.61 45.18
N MET B 333 4.05 -1.52 45.57
CA MET B 333 4.37 -1.29 46.97
C MET B 333 3.15 -0.97 47.82
N GLU B 334 2.04 -0.56 47.20
CA GLU B 334 0.84 -0.17 47.92
C GLU B 334 -0.16 -1.30 48.09
N ILE B 335 0.15 -2.51 47.60
CA ILE B 335 -0.75 -3.65 47.68
C ILE B 335 -0.12 -4.68 48.59
N ARG B 336 -0.71 -4.88 49.76
CA ARG B 336 -0.19 -5.82 50.75
C ARG B 336 -1.15 -6.99 50.94
N PRO B 337 -0.64 -8.18 51.22
CA PRO B 337 -1.52 -9.32 51.46
C PRO B 337 -2.18 -9.26 52.83
N LEU B 338 -3.28 -9.99 52.96
CA LEU B 338 -3.99 -10.08 54.22
C LEU B 338 -4.16 -11.50 54.75
N SER B 339 -4.44 -12.48 53.87
CA SER B 339 -4.59 -13.86 54.31
C SER B 339 -3.30 -14.65 54.17
N GLU B 340 -2.20 -14.09 54.69
CA GLU B 340 -0.90 -14.75 54.71
C GLU B 340 0.09 -13.85 55.43
N LYS B 341 1.20 -14.41 55.90
CA LYS B 341 2.21 -13.65 56.64
C LYS B 341 3.43 -13.43 55.77
N GLU B 342 3.89 -12.18 55.70
CA GLU B 342 4.94 -11.78 54.77
C GLU B 342 6.27 -12.48 55.04
N GLU B 343 6.40 -13.09 56.23
CA GLU B 343 7.62 -13.81 56.56
C GLU B 343 7.87 -14.96 55.59
N ASN B 344 6.82 -15.52 55.01
CA ASN B 344 6.91 -16.65 54.11
C ASN B 344 6.86 -16.25 52.64
N MET B 345 6.94 -14.96 52.34
CA MET B 345 6.90 -14.46 50.98
C MET B 345 8.29 -14.02 50.51
N VAL B 346 8.49 -14.08 49.20
CA VAL B 346 9.71 -13.57 48.59
C VAL B 346 9.48 -12.12 48.19
N LYS B 347 10.35 -11.24 48.65
CA LYS B 347 10.25 -9.80 48.40
C LYS B 347 11.30 -9.37 47.40
N SER B 348 11.22 -8.10 47.00
CA SER B 348 12.17 -7.55 46.04
C SER B 348 13.56 -7.46 46.67
N GLN B 349 14.56 -7.94 45.93
CA GLN B 349 15.95 -7.93 46.41
C GLN B 349 16.69 -6.70 45.87
N VAL B 350 16.21 -5.54 46.28
CA VAL B 350 16.85 -4.27 45.93
C VAL B 350 17.15 -3.50 47.21
N SER B 351 17.89 -2.41 47.09
CA SER B 351 18.24 -1.59 48.25
C SER B 351 17.01 -0.84 48.72
N ALA B 352 16.47 -1.23 49.86
CA ALA B 352 15.27 -0.58 50.40
C ALA B 352 15.61 0.78 51.00
N ASP C 1 1.69 -2.79 -15.58
CA ASP C 1 2.10 -2.61 -14.21
C ASP C 1 1.26 -1.55 -13.50
N THR C 2 0.25 -2.00 -12.76
CA THR C 2 -0.63 -1.09 -12.05
C THR C 2 -0.02 -0.69 -10.72
N GLY C 3 0.05 0.62 -10.46
CA GLY C 3 0.61 1.11 -9.22
C GLY C 3 0.72 2.61 -9.23
N CYS C 4 1.32 3.14 -8.17
CA CYS C 4 1.50 4.58 -7.98
C CYS C 4 2.99 4.89 -7.84
N ALA C 5 3.36 6.11 -8.24
CA ALA C 5 4.74 6.55 -8.16
C ALA C 5 4.78 8.07 -8.06
N VAL C 6 5.66 8.58 -7.20
CA VAL C 6 5.84 10.02 -7.07
C VAL C 6 6.88 10.47 -8.08
N SER C 7 6.63 11.62 -8.70
CA SER C 7 7.47 12.09 -9.80
C SER C 7 8.84 12.54 -9.29
N TRP C 8 9.71 12.88 -10.24
CA TRP C 8 11.06 13.33 -9.89
C TRP C 8 11.01 14.65 -9.12
N SER C 9 10.14 15.57 -9.53
CA SER C 9 10.01 16.83 -8.81
C SER C 9 9.47 16.63 -7.40
N GLY C 10 8.70 15.56 -7.19
CA GLY C 10 8.15 15.26 -5.89
C GLY C 10 6.86 15.99 -5.56
N LYS C 11 6.37 16.84 -6.45
CA LYS C 11 5.14 17.60 -6.23
C LYS C 11 3.92 16.93 -6.85
N GLU C 12 4.08 15.75 -7.45
CA GLU C 12 2.97 15.06 -8.09
C GLU C 12 3.04 13.58 -7.79
N LEU C 13 1.90 13.01 -7.40
CA LEU C 13 1.75 11.57 -7.19
C LEU C 13 0.77 11.06 -8.25
N LYS C 14 1.27 10.23 -9.16
CA LYS C 14 0.50 9.76 -10.31
C LYS C 14 0.30 8.26 -10.21
N CYS C 15 -0.93 7.81 -10.42
CA CYS C 15 -1.28 6.40 -10.43
C CYS C 15 -1.89 6.02 -11.76
N GLY C 16 -1.64 4.79 -12.20
CA GLY C 16 -2.17 4.32 -13.46
C GLY C 16 -1.60 2.98 -13.83
N SER C 17 -1.80 2.60 -15.09
CA SER C 17 -1.34 1.33 -15.63
C SER C 17 -0.33 1.59 -16.74
N GLY C 18 0.69 0.74 -16.82
CA GLY C 18 1.70 0.86 -17.84
C GLY C 18 2.88 -0.06 -17.62
N ILE C 19 4.09 0.45 -17.81
CA ILE C 19 5.31 -0.31 -17.61
C ILE C 19 6.22 0.46 -16.66
N PHE C 20 6.67 -0.20 -15.60
CA PHE C 20 7.54 0.39 -14.59
C PHE C 20 8.92 -0.24 -14.70
N VAL C 21 9.91 0.56 -15.08
CA VAL C 21 11.29 0.10 -15.19
C VAL C 21 12.03 0.52 -13.92
N ILE C 22 12.47 -0.47 -13.15
CA ILE C 22 13.02 -0.23 -11.82
C ILE C 22 14.52 -0.48 -11.84
N ASP C 23 15.24 0.25 -11.00
CA ASP C 23 16.69 0.11 -10.87
C ASP C 23 16.99 -1.09 -9.98
N ASN C 24 17.64 -2.10 -10.55
CA ASN C 24 18.10 -3.26 -9.79
C ASN C 24 19.55 -3.16 -9.38
N VAL C 25 20.29 -2.27 -10.04
CA VAL C 25 21.68 -2.05 -9.70
C VAL C 25 21.67 -1.39 -8.35
N HIS C 26 20.55 -0.77 -8.02
CA HIS C 26 20.43 -0.11 -6.73
C HIS C 26 19.03 -0.33 -6.16
N THR C 27 18.81 -1.49 -5.57
CA THR C 27 17.51 -1.78 -4.97
C THR C 27 17.65 -1.99 -3.47
N TRP C 28 16.59 -1.70 -2.72
CA TRP C 28 16.63 -1.87 -1.27
C TRP C 28 17.19 -3.22 -0.89
N THR C 29 16.71 -4.28 -1.52
CA THR C 29 17.17 -5.63 -1.18
C THR C 29 17.47 -6.44 -2.42
N GLU C 30 18.17 -7.56 -2.26
CA GLU C 30 18.42 -8.42 -3.41
C GLU C 30 17.10 -8.95 -3.96
N GLN C 31 16.68 -8.42 -5.11
CA GLN C 31 15.33 -8.63 -5.61
C GLN C 31 15.15 -9.95 -6.35
N TYR C 32 16.19 -10.48 -6.98
CA TYR C 32 16.04 -11.64 -7.85
C TYR C 32 17.08 -12.70 -7.49
N LYS C 33 16.73 -13.95 -7.82
CA LYS C 33 17.57 -15.10 -7.50
C LYS C 33 17.38 -16.14 -8.59
N PHE C 34 18.43 -16.41 -9.36
CA PHE C 34 18.36 -17.44 -10.39
C PHE C 34 18.12 -18.81 -9.76
N GLN C 35 17.21 -19.57 -10.36
CA GLN C 35 16.88 -20.90 -9.87
C GLN C 35 17.12 -21.92 -10.96
N PRO C 36 17.94 -22.94 -10.74
CA PRO C 36 18.24 -23.90 -11.80
C PRO C 36 17.03 -24.77 -12.14
N GLU C 37 17.24 -25.64 -13.13
CA GLU C 37 16.16 -26.51 -13.60
C GLU C 37 16.01 -27.74 -12.70
N SER C 38 17.04 -28.57 -12.64
CA SER C 38 17.03 -29.78 -11.83
C SER C 38 18.46 -30.28 -11.68
N PRO C 39 18.75 -31.02 -10.61
CA PRO C 39 20.10 -31.58 -10.45
C PRO C 39 20.40 -32.73 -11.41
N ALA C 40 19.39 -33.27 -12.09
CA ALA C 40 19.59 -34.38 -13.01
C ALA C 40 19.96 -33.92 -14.41
N ARG C 41 19.16 -33.02 -14.98
CA ARG C 41 19.46 -32.49 -16.31
C ARG C 41 20.78 -31.72 -16.30
N LEU C 42 21.00 -30.90 -15.29
CA LEU C 42 22.24 -30.13 -15.16
C LEU C 42 23.43 -30.97 -14.74
N ALA C 43 23.26 -32.28 -14.61
CA ALA C 43 24.38 -33.20 -14.44
C ALA C 43 24.63 -34.05 -15.67
N SER C 44 23.55 -34.56 -16.28
CA SER C 44 23.70 -35.30 -17.54
C SER C 44 24.25 -34.39 -18.63
N ALA C 45 23.78 -33.14 -18.69
CA ALA C 45 24.31 -32.21 -19.68
C ALA C 45 25.78 -31.93 -19.45
N ILE C 46 26.18 -31.73 -18.19
CA ILE C 46 27.59 -31.48 -17.88
C ILE C 46 28.45 -32.67 -18.28
N LEU C 47 27.98 -33.88 -17.95
CA LEU C 47 28.74 -35.08 -18.28
C LEU C 47 28.88 -35.24 -19.79
N ASN C 48 27.76 -35.13 -20.51
CA ASN C 48 27.79 -35.31 -21.96
C ASN C 48 28.67 -34.28 -22.63
N ALA C 49 28.63 -33.03 -22.15
CA ALA C 49 29.55 -32.01 -22.64
C ALA C 49 30.99 -32.38 -22.32
N HIS C 50 31.23 -33.02 -21.17
CA HIS C 50 32.60 -33.40 -20.82
C HIS C 50 33.15 -34.45 -21.78
N GLU C 51 32.37 -35.48 -22.10
CA GLU C 51 32.82 -36.38 -23.16
C GLU C 51 32.79 -35.71 -24.53
N ASP C 52 32.06 -34.60 -24.68
CA ASP C 52 32.07 -33.88 -25.95
C ASP C 52 33.33 -33.05 -26.14
N GLY C 53 34.11 -32.82 -25.08
CA GLY C 53 35.36 -32.11 -25.21
C GLY C 53 35.35 -30.67 -24.72
N VAL C 54 34.74 -30.42 -23.56
CA VAL C 54 34.80 -29.12 -22.92
C VAL C 54 35.31 -29.30 -21.49
N CYS C 55 35.93 -28.26 -20.95
CA CYS C 55 36.55 -28.32 -19.63
C CYS C 55 35.95 -27.34 -18.64
N GLY C 56 34.80 -26.77 -18.93
CA GLY C 56 34.16 -25.87 -18.01
C GLY C 56 33.21 -24.92 -18.72
N ILE C 57 32.76 -23.91 -17.98
CA ILE C 57 31.86 -22.88 -18.49
C ILE C 57 32.29 -21.53 -17.94
N ARG C 58 31.98 -20.48 -18.69
CA ARG C 58 32.09 -19.11 -18.23
C ARG C 58 30.70 -18.55 -17.96
N SER C 59 30.52 -17.93 -16.80
CA SER C 59 29.24 -17.32 -16.48
C SER C 59 29.02 -16.08 -17.36
N THR C 60 27.75 -15.83 -17.68
CA THR C 60 27.38 -14.67 -18.48
C THR C 60 27.04 -13.46 -17.61
N THR C 61 26.31 -13.68 -16.52
CA THR C 61 25.98 -12.63 -15.57
C THR C 61 26.54 -13.00 -14.20
N ARG C 62 26.47 -12.05 -13.27
CA ARG C 62 26.97 -12.29 -11.93
C ARG C 62 25.97 -13.00 -11.04
N LEU C 63 24.75 -13.25 -11.52
CA LEU C 63 23.81 -14.11 -10.82
C LEU C 63 23.96 -15.57 -11.21
N GLU C 64 24.38 -15.85 -12.44
CA GLU C 64 24.64 -17.22 -12.87
C GLU C 64 25.79 -17.84 -12.08
N ASN C 65 26.81 -17.03 -11.75
CA ASN C 65 27.90 -17.54 -10.93
C ASN C 65 27.40 -17.96 -9.55
N ILE C 66 26.56 -17.15 -8.93
CA ILE C 66 25.99 -17.51 -7.63
C ILE C 66 25.14 -18.76 -7.77
N MET C 67 24.38 -18.88 -8.86
CA MET C 67 23.57 -20.07 -9.07
C MET C 67 24.44 -21.31 -9.16
N TRP C 68 25.58 -21.23 -9.87
CA TRP C 68 26.46 -22.38 -9.98
C TRP C 68 27.13 -22.72 -8.65
N LYS C 69 27.55 -21.70 -7.89
CA LYS C 69 28.18 -21.95 -6.60
C LYS C 69 27.19 -22.39 -5.54
N GLN C 70 25.89 -22.24 -5.80
CA GLN C 70 24.87 -22.74 -4.88
C GLN C 70 24.44 -24.17 -5.16
N ILE C 71 24.77 -24.75 -6.31
CA ILE C 71 24.36 -26.12 -6.64
C ILE C 71 25.52 -26.99 -7.09
N THR C 72 26.76 -26.49 -7.03
CA THR C 72 27.90 -27.32 -7.38
C THR C 72 28.02 -28.55 -6.48
N ASN C 73 27.70 -28.40 -5.20
CA ASN C 73 27.76 -29.54 -4.28
C ASN C 73 26.73 -30.60 -4.64
N GLU C 74 25.51 -30.18 -4.96
CA GLU C 74 24.48 -31.14 -5.37
C GLU C 74 24.86 -31.81 -6.69
N LEU C 75 25.44 -31.04 -7.62
CA LEU C 75 25.89 -31.63 -8.88
C LEU C 75 26.97 -32.68 -8.64
N ASN C 76 27.93 -32.38 -7.76
CA ASN C 76 28.97 -33.35 -7.43
C ASN C 76 28.37 -34.60 -6.79
N TYR C 77 27.41 -34.41 -5.88
CA TYR C 77 26.78 -35.55 -5.22
C TYR C 77 26.05 -36.43 -6.22
N VAL C 78 25.29 -35.83 -7.14
CA VAL C 78 24.56 -36.61 -8.13
C VAL C 78 25.52 -37.34 -9.06
N LEU C 79 26.56 -36.64 -9.53
CA LEU C 79 27.51 -37.27 -10.44
C LEU C 79 28.26 -38.42 -9.76
N TRP C 80 28.60 -38.26 -8.47
CA TRP C 80 29.27 -39.33 -7.74
C TRP C 80 28.33 -40.50 -7.49
N GLU C 81 27.04 -40.23 -7.28
CA GLU C 81 26.07 -41.32 -7.24
C GLU C 81 25.95 -42.02 -8.58
N GLY C 82 26.20 -41.31 -9.68
CA GLY C 82 26.19 -41.92 -11.00
C GLY C 82 27.40 -42.76 -11.32
N GLY C 83 28.42 -42.76 -10.46
CA GLY C 83 29.59 -43.57 -10.68
C GLY C 83 30.46 -43.12 -11.84
N HIS C 84 31.08 -41.95 -11.70
CA HIS C 84 31.93 -41.38 -12.74
C HIS C 84 33.22 -40.86 -12.10
N ASP C 85 34.02 -40.18 -12.92
CA ASP C 85 35.31 -39.63 -12.50
C ASP C 85 35.43 -38.17 -12.93
N LEU C 86 34.38 -37.39 -12.67
CA LEU C 86 34.32 -35.99 -13.02
C LEU C 86 34.08 -35.15 -11.78
N THR C 87 34.75 -33.99 -11.70
CA THR C 87 34.62 -33.08 -10.58
C THR C 87 34.47 -31.66 -11.10
N VAL C 88 33.45 -30.97 -10.63
CA VAL C 88 33.23 -29.57 -11.02
C VAL C 88 33.76 -28.67 -9.91
N VAL C 89 34.51 -27.65 -10.32
CA VAL C 89 35.11 -26.70 -9.39
C VAL C 89 34.47 -25.34 -9.66
N ALA C 90 33.62 -24.89 -8.73
CA ALA C 90 32.92 -23.62 -8.89
C ALA C 90 33.82 -22.50 -8.40
N GLY C 91 34.49 -21.83 -9.34
CA GLY C 91 35.36 -20.72 -9.02
C GLY C 91 34.59 -19.42 -8.86
N ASP C 92 35.30 -18.31 -8.99
CA ASP C 92 34.73 -16.98 -8.85
C ASP C 92 35.03 -16.18 -10.10
N VAL C 93 34.58 -14.93 -10.11
CA VAL C 93 34.75 -14.03 -11.24
C VAL C 93 35.72 -12.92 -10.86
N LYS C 94 36.66 -12.63 -11.76
CA LYS C 94 37.67 -11.59 -11.56
C LYS C 94 37.51 -10.55 -12.66
N GLY C 95 36.86 -9.43 -12.32
CA GLY C 95 36.71 -8.34 -13.27
C GLY C 95 35.75 -8.61 -14.40
N VAL C 96 36.28 -8.67 -15.63
CA VAL C 96 35.46 -8.85 -16.81
C VAL C 96 34.98 -10.29 -16.90
N LEU C 97 33.80 -10.47 -17.49
CA LEU C 97 33.21 -11.79 -17.70
C LEU C 97 33.50 -12.20 -19.14
N SER C 98 34.64 -12.86 -19.35
CA SER C 98 35.04 -13.28 -20.68
C SER C 98 34.10 -14.36 -21.22
N LYS C 99 34.06 -14.47 -22.54
CA LYS C 99 33.15 -15.37 -23.23
C LYS C 99 33.88 -16.61 -23.71
N GLY C 100 33.18 -17.75 -23.64
CA GLY C 100 33.66 -19.00 -24.16
C GLY C 100 33.26 -19.20 -25.62
N LYS C 101 33.59 -20.39 -26.13
CA LYS C 101 33.35 -20.71 -27.53
C LYS C 101 32.55 -22.00 -27.72
N ARG C 102 32.11 -22.65 -26.65
CA ARG C 102 31.35 -23.88 -26.74
C ARG C 102 29.98 -23.70 -26.08
N ALA C 103 29.23 -24.79 -25.97
CA ALA C 103 27.90 -24.75 -25.40
C ALA C 103 27.52 -26.11 -24.84
N LEU C 104 26.49 -26.12 -23.99
CA LEU C 104 25.95 -27.34 -23.42
C LEU C 104 24.64 -27.67 -24.11
N ALA C 105 24.49 -28.93 -24.54
CA ALA C 105 23.29 -29.34 -25.23
C ALA C 105 22.30 -29.98 -24.25
N PRO C 106 21.01 -29.64 -24.34
CA PRO C 106 20.03 -30.28 -23.48
C PRO C 106 19.85 -31.73 -23.87
N PRO C 107 19.43 -32.59 -22.92
CA PRO C 107 19.24 -34.02 -23.19
C PRO C 107 18.09 -34.28 -24.17
N PHE C 133 36.51 -30.12 -14.63
CA PHE C 133 35.50 -29.22 -15.16
C PHE C 133 35.44 -27.93 -14.34
N LEU C 134 36.40 -27.05 -14.56
CA LEU C 134 36.50 -25.83 -13.78
C LEU C 134 35.49 -24.80 -14.25
N ILE C 135 34.69 -24.28 -13.32
CA ILE C 135 33.68 -23.27 -13.62
C ILE C 135 34.19 -21.93 -13.13
N ASP C 136 34.25 -20.96 -14.04
CA ASP C 136 34.73 -19.59 -13.74
C ASP C 136 36.17 -19.71 -13.24
N GLY C 137 36.56 -18.94 -12.23
CA GLY C 137 37.90 -18.97 -11.73
C GLY C 137 38.85 -18.12 -12.56
N PRO C 138 40.11 -18.05 -12.14
CA PRO C 138 41.10 -17.27 -12.91
C PRO C 138 41.40 -17.92 -14.24
N ASP C 139 41.82 -17.10 -15.19
CA ASP C 139 42.14 -17.56 -16.54
C ASP C 139 43.34 -18.50 -16.52
N THR C 140 43.10 -19.77 -16.83
CA THR C 140 44.14 -20.79 -16.82
C THR C 140 44.30 -21.35 -18.23
N SER C 141 45.56 -21.44 -18.68
CA SER C 141 45.83 -21.98 -20.01
C SER C 141 45.56 -23.48 -20.10
N GLU C 142 45.43 -24.15 -18.95
CA GLU C 142 45.10 -25.58 -18.98
C GLU C 142 43.69 -25.81 -19.50
N CYS C 143 42.77 -24.88 -19.24
CA CYS C 143 41.40 -24.94 -19.74
C CYS C 143 41.10 -23.61 -20.43
N PRO C 144 41.50 -23.46 -21.69
CA PRO C 144 41.36 -22.17 -22.36
C PRO C 144 39.91 -21.87 -22.71
N ASN C 145 39.67 -20.61 -23.07
CA ASN C 145 38.32 -20.16 -23.40
C ASN C 145 37.81 -20.75 -24.70
N GLU C 146 38.71 -21.17 -25.61
CA GLU C 146 38.30 -21.78 -26.86
C GLU C 146 37.72 -23.18 -26.67
N ARG C 147 37.86 -23.76 -25.48
CA ARG C 147 37.35 -25.08 -25.15
C ARG C 147 36.44 -24.99 -23.93
N ARG C 148 35.55 -23.99 -23.94
CA ARG C 148 34.74 -23.70 -22.77
C ARG C 148 33.40 -23.14 -23.23
N ALA C 149 32.36 -23.38 -22.44
CA ALA C 149 31.01 -23.02 -22.80
C ALA C 149 30.62 -21.66 -22.22
N TRP C 150 29.58 -21.06 -22.80
CA TRP C 150 29.17 -19.71 -22.45
C TRP C 150 27.80 -19.42 -23.05
N ASN C 151 26.94 -18.79 -22.26
CA ASN C 151 25.63 -18.30 -22.71
C ASN C 151 24.78 -19.42 -23.29
N PHE C 152 24.42 -20.37 -22.41
CA PHE C 152 23.59 -21.50 -22.79
C PHE C 152 22.30 -21.57 -21.97
N LEU C 153 22.01 -20.56 -21.15
CA LEU C 153 20.82 -20.54 -20.31
C LEU C 153 19.91 -19.39 -20.73
N GLU C 154 18.61 -19.57 -20.51
CA GLU C 154 17.63 -18.55 -20.83
C GLU C 154 16.48 -18.61 -19.84
N VAL C 155 15.75 -17.51 -19.72
CA VAL C 155 14.66 -17.41 -18.76
C VAL C 155 13.48 -18.23 -19.25
N GLU C 156 12.89 -19.01 -18.34
CA GLU C 156 11.69 -19.79 -18.62
C GLU C 156 10.43 -19.14 -18.05
N ASP C 157 10.49 -18.68 -16.80
CA ASP C 157 9.35 -18.04 -16.16
C ASP C 157 9.87 -17.16 -15.04
N TYR C 158 8.97 -16.38 -14.46
CA TYR C 158 9.24 -15.58 -13.27
C TYR C 158 8.48 -16.13 -12.09
N GLY C 159 8.90 -15.71 -10.89
CA GLY C 159 8.35 -16.20 -9.66
C GLY C 159 7.36 -15.24 -9.03
N PHE C 160 7.03 -15.50 -7.78
CA PHE C 160 6.11 -14.69 -7.00
C PHE C 160 6.83 -14.15 -5.77
N GLY C 161 6.43 -12.98 -5.33
CA GLY C 161 6.97 -12.43 -4.09
C GLY C 161 7.16 -10.93 -4.22
N MET C 162 7.76 -10.37 -3.17
CA MET C 162 8.04 -8.95 -3.10
C MET C 162 9.52 -8.65 -2.86
N PHE C 163 10.26 -9.55 -2.22
CA PHE C 163 11.66 -9.32 -1.89
C PHE C 163 12.60 -10.40 -2.41
N THR C 164 12.15 -11.65 -2.53
CA THR C 164 13.00 -12.78 -2.88
C THR C 164 12.45 -13.53 -4.08
N THR C 165 12.11 -12.81 -5.14
CA THR C 165 11.57 -13.43 -6.34
C THR C 165 12.61 -14.33 -6.99
N ASN C 166 12.15 -15.47 -7.51
CA ASN C 166 13.00 -16.44 -8.18
C ASN C 166 12.74 -16.42 -9.68
N ILE C 167 13.81 -16.67 -10.45
CA ILE C 167 13.74 -16.74 -11.90
C ILE C 167 14.16 -18.15 -12.32
N TRP C 168 13.40 -18.75 -13.24
CA TRP C 168 13.61 -20.12 -13.65
C TRP C 168 14.38 -20.16 -14.97
N MET C 169 15.42 -20.98 -15.02
CA MET C 169 16.29 -21.08 -16.17
C MET C 169 16.03 -22.35 -16.96
N LYS C 170 16.48 -22.35 -18.22
CA LYS C 170 16.37 -23.51 -19.08
C LYS C 170 17.40 -23.39 -20.19
N PHE C 171 17.65 -24.51 -20.86
CA PHE C 171 18.66 -24.56 -21.92
C PHE C 171 18.17 -23.87 -23.18
N ARG C 172 19.12 -23.42 -23.99
CA ARG C 172 18.83 -22.84 -25.29
C ARG C 172 18.97 -23.91 -26.37
N GLU C 173 18.01 -23.92 -27.31
CA GLU C 173 18.07 -24.88 -28.40
C GLU C 173 19.28 -24.62 -29.30
N GLY C 174 19.54 -23.36 -29.61
CA GLY C 174 20.63 -22.98 -30.47
C GLY C 174 21.74 -22.26 -29.73
N SER C 175 22.48 -21.42 -30.46
CA SER C 175 23.55 -20.63 -29.90
C SER C 175 23.44 -19.20 -30.40
N SER C 176 23.85 -18.24 -29.56
CA SER C 176 23.77 -16.84 -29.91
C SER C 176 24.75 -16.05 -29.06
N GLU C 177 25.23 -14.94 -29.61
CA GLU C 177 26.09 -14.01 -28.90
C GLU C 177 25.31 -12.87 -28.25
N VAL C 178 23.99 -12.88 -28.36
CA VAL C 178 23.15 -11.81 -27.84
C VAL C 178 22.75 -12.16 -26.41
N CYS C 179 22.64 -11.13 -25.57
CA CYS C 179 22.23 -11.34 -24.19
C CYS C 179 20.76 -11.74 -24.13
N ASP C 180 20.38 -12.30 -22.98
CA ASP C 180 19.00 -12.75 -22.79
C ASP C 180 18.07 -11.54 -22.70
N HIS C 181 17.10 -11.48 -23.61
CA HIS C 181 16.21 -10.32 -23.71
C HIS C 181 15.12 -10.30 -22.66
N ARG C 182 14.93 -11.39 -21.91
CA ARG C 182 13.91 -11.42 -20.87
C ARG C 182 14.40 -10.85 -19.55
N LEU C 183 15.65 -10.38 -19.49
CA LEU C 183 16.19 -9.76 -18.29
C LEU C 183 16.57 -8.30 -18.53
N MET C 184 16.07 -7.69 -19.60
CA MET C 184 16.50 -6.35 -20.00
C MET C 184 15.30 -5.43 -20.13
N SER C 185 15.57 -4.13 -20.09
CA SER C 185 14.53 -3.12 -20.13
C SER C 185 15.08 -1.84 -20.76
N ALA C 186 14.18 -0.91 -21.05
CA ALA C 186 14.51 0.41 -21.57
C ALA C 186 13.27 1.27 -21.50
N ALA C 187 13.47 2.57 -21.25
CA ALA C 187 12.35 3.48 -21.11
C ALA C 187 12.80 4.89 -21.45
N ILE C 188 11.82 5.75 -21.76
CA ILE C 188 12.06 7.15 -22.02
C ILE C 188 10.78 7.91 -21.74
N LYS C 189 10.92 9.10 -21.15
CA LYS C 189 9.76 9.93 -20.82
C LYS C 189 10.23 11.36 -20.67
N ASP C 190 9.55 12.29 -21.34
CA ASP C 190 9.93 13.71 -21.36
C ASP C 190 11.33 13.85 -21.92
N GLN C 191 12.31 14.17 -21.07
CA GLN C 191 13.73 14.12 -21.45
C GLN C 191 14.46 13.33 -20.38
N LYS C 192 14.36 11.99 -20.48
CA LYS C 192 15.08 11.09 -19.58
C LYS C 192 15.01 9.70 -20.20
N ALA C 193 16.16 9.16 -20.58
CA ALA C 193 16.25 7.81 -21.12
C ALA C 193 17.03 6.92 -20.16
N VAL C 194 16.83 5.61 -20.30
CA VAL C 194 17.55 4.64 -19.47
C VAL C 194 17.56 3.30 -20.18
N HIS C 195 18.69 2.60 -20.07
CA HIS C 195 18.83 1.22 -20.52
C HIS C 195 19.26 0.40 -19.32
N ALA C 196 18.47 -0.62 -18.97
CA ALA C 196 18.65 -1.32 -17.71
C ALA C 196 18.60 -2.81 -17.89
N ASP C 197 19.34 -3.52 -17.04
CA ASP C 197 19.21 -4.96 -16.87
C ASP C 197 19.59 -5.27 -15.42
N MET C 198 19.88 -6.54 -15.13
CA MET C 198 20.17 -6.94 -13.76
C MET C 198 21.47 -6.35 -13.23
N GLY C 199 22.37 -5.91 -14.10
CA GLY C 199 23.64 -5.37 -13.65
C GLY C 199 24.07 -4.08 -14.32
N TYR C 200 23.21 -3.52 -15.17
CA TYR C 200 23.52 -2.31 -15.90
C TYR C 200 22.47 -1.25 -15.62
N TRP C 201 22.91 0.00 -15.57
CA TRP C 201 21.99 1.14 -15.41
C TRP C 201 22.64 2.33 -16.13
N ILE C 202 22.27 2.52 -17.39
CA ILE C 202 22.82 3.57 -18.23
C ILE C 202 21.77 4.67 -18.36
N GLU C 203 22.07 5.84 -17.84
CA GLU C 203 21.14 6.96 -17.88
C GLU C 203 21.52 7.95 -18.97
N SER C 204 20.52 8.62 -19.51
CA SER C 204 20.71 9.66 -20.51
C SER C 204 19.76 10.81 -20.21
N SER C 205 20.08 11.99 -20.76
CA SER C 205 19.28 13.18 -20.53
C SER C 205 19.51 14.14 -21.69
N LYS C 206 18.62 15.13 -21.78
CA LYS C 206 18.69 16.14 -22.83
C LYS C 206 19.10 17.48 -22.23
N ASN C 207 20.30 17.93 -22.55
CA ASN C 207 20.77 19.27 -22.22
C ASN C 207 21.40 19.83 -23.48
N GLN C 208 20.57 20.44 -24.34
CA GLN C 208 20.94 20.98 -25.63
C GLN C 208 21.31 19.88 -26.62
N THR C 209 21.35 18.63 -26.16
CA THR C 209 21.72 17.48 -26.97
C THR C 209 21.40 16.21 -26.18
N TRP C 210 21.00 15.17 -26.90
CA TRP C 210 20.79 13.86 -26.29
C TRP C 210 22.14 13.16 -26.14
N GLN C 211 22.62 13.08 -24.90
CA GLN C 211 23.91 12.47 -24.63
C GLN C 211 23.88 11.78 -23.27
N ILE C 212 24.82 10.87 -23.06
CA ILE C 212 24.85 10.08 -21.84
C ILE C 212 25.11 10.98 -20.64
N GLU C 213 24.62 10.54 -19.48
CA GLU C 213 24.79 11.26 -18.23
C GLU C 213 25.60 10.50 -17.20
N LYS C 214 25.25 9.24 -16.94
CA LYS C 214 25.96 8.44 -15.95
C LYS C 214 25.71 6.97 -16.26
N ALA C 215 26.45 6.11 -15.57
CA ALA C 215 26.30 4.67 -15.72
C ALA C 215 26.78 4.00 -14.45
N SER C 216 26.18 2.85 -14.14
CA SER C 216 26.51 2.08 -12.95
C SER C 216 26.55 0.61 -13.35
N LEU C 217 27.76 0.06 -13.46
CA LEU C 217 27.97 -1.31 -13.92
C LEU C 217 28.44 -2.15 -12.73
N ILE C 218 27.52 -2.94 -12.16
CA ILE C 218 27.91 -3.91 -11.15
C ILE C 218 28.79 -4.99 -11.77
N GLU C 219 28.51 -5.37 -13.00
CA GLU C 219 29.25 -6.39 -13.73
C GLU C 219 29.71 -5.81 -15.06
N VAL C 220 30.52 -6.59 -15.78
CA VAL C 220 30.96 -6.24 -17.13
C VAL C 220 30.76 -7.49 -17.98
N LYS C 221 29.76 -7.46 -18.86
CA LYS C 221 29.46 -8.59 -19.72
C LYS C 221 30.22 -8.47 -21.04
N THR C 222 30.06 -9.49 -21.89
CA THR C 222 30.65 -9.47 -23.23
C THR C 222 29.67 -9.87 -24.32
N CYS C 223 28.41 -10.12 -23.98
CA CYS C 223 27.40 -10.42 -24.99
C CYS C 223 26.95 -9.14 -25.67
N LEU C 224 26.04 -9.26 -26.63
CA LEU C 224 25.56 -8.13 -27.41
C LEU C 224 24.19 -7.70 -26.95
N TRP C 225 23.99 -6.41 -26.78
CA TRP C 225 22.70 -5.86 -26.41
C TRP C 225 21.71 -6.07 -27.54
N PRO C 226 20.58 -6.73 -27.32
CA PRO C 226 19.61 -6.91 -28.41
C PRO C 226 19.06 -5.57 -28.89
N LYS C 227 18.84 -5.49 -30.20
CA LYS C 227 18.34 -4.26 -30.81
C LYS C 227 16.83 -4.09 -30.65
N THR C 228 16.13 -5.11 -30.17
CA THR C 228 14.71 -4.97 -29.88
C THR C 228 14.44 -4.18 -28.61
N HIS C 229 15.45 -4.01 -27.76
CA HIS C 229 15.33 -3.30 -26.49
C HIS C 229 16.15 -2.02 -26.50
N THR C 230 16.41 -1.46 -27.68
CA THR C 230 17.29 -0.31 -27.84
C THR C 230 16.52 0.87 -28.41
N LEU C 231 16.61 2.01 -27.75
CA LEU C 231 16.03 3.26 -28.25
C LEU C 231 16.98 3.92 -29.23
N TRP C 232 16.42 4.45 -30.33
CA TRP C 232 17.18 5.25 -31.28
C TRP C 232 18.35 4.46 -31.87
N SER C 233 18.01 3.38 -32.58
CA SER C 233 18.98 2.40 -33.03
C SER C 233 19.47 2.65 -34.46
N ASN C 234 19.05 3.73 -35.09
CA ASN C 234 19.40 3.98 -36.48
C ASN C 234 20.51 5.01 -36.60
N GLY C 235 21.32 4.87 -37.65
CA GLY C 235 22.41 5.80 -37.90
C GLY C 235 23.47 5.81 -36.82
N VAL C 236 23.84 4.63 -36.31
CA VAL C 236 24.80 4.50 -35.23
C VAL C 236 26.11 3.95 -35.79
N LEU C 237 27.21 4.63 -35.49
CA LEU C 237 28.54 4.19 -35.88
C LEU C 237 29.21 3.52 -34.68
N GLU C 238 29.93 2.43 -34.94
CA GLU C 238 30.60 1.73 -33.85
C GLU C 238 31.94 2.39 -33.54
N SER C 239 31.93 3.71 -33.38
CA SER C 239 33.11 4.44 -32.91
C SER C 239 32.76 5.60 -32.00
N GLN C 240 31.48 5.80 -31.68
CA GLN C 240 31.05 6.91 -30.83
C GLN C 240 30.42 6.44 -29.52
N MET C 241 30.09 5.16 -29.40
CA MET C 241 29.49 4.64 -28.18
C MET C 241 30.56 4.56 -27.08
N LEU C 242 30.32 5.26 -25.97
CA LEU C 242 31.28 5.24 -24.86
C LEU C 242 31.48 3.83 -24.34
N ILE C 243 30.38 3.13 -24.06
CA ILE C 243 30.45 1.71 -23.71
C ILE C 243 30.56 0.93 -25.01
N PRO C 244 31.64 0.18 -25.23
CA PRO C 244 31.84 -0.48 -26.52
C PRO C 244 30.80 -1.57 -26.76
N LYS C 245 30.61 -1.89 -28.05
CA LYS C 245 29.69 -2.95 -28.43
C LYS C 245 30.13 -4.29 -27.88
N ALA C 246 31.45 -4.47 -27.68
CA ALA C 246 31.97 -5.73 -27.16
C ALA C 246 31.50 -5.97 -25.74
N TYR C 247 31.43 -4.92 -24.91
CA TYR C 247 31.09 -5.04 -23.50
C TYR C 247 29.61 -4.82 -23.22
N ALA C 248 28.74 -5.20 -24.16
CA ALA C 248 27.29 -5.12 -24.00
C ALA C 248 26.83 -3.68 -23.77
N GLY C 249 27.25 -2.81 -24.69
CA GLY C 249 26.78 -1.44 -24.70
C GLY C 249 25.67 -1.27 -25.72
N PRO C 250 24.62 -0.53 -25.35
CA PRO C 250 23.48 -0.37 -26.25
C PRO C 250 23.88 0.26 -27.57
N PHE C 251 23.32 -0.26 -28.66
CA PHE C 251 23.57 0.27 -30.00
C PHE C 251 22.65 1.46 -30.27
N SER C 252 22.83 2.49 -29.44
CA SER C 252 21.92 3.61 -29.38
C SER C 252 22.69 4.93 -29.49
N GLN C 253 22.00 5.96 -29.96
CA GLN C 253 22.57 7.31 -29.97
C GLN C 253 22.46 7.99 -28.62
N HIS C 254 21.71 7.41 -27.67
CA HIS C 254 21.78 7.87 -26.29
C HIS C 254 23.08 7.45 -25.63
N ASN C 255 23.71 6.38 -26.12
CA ASN C 255 25.03 5.95 -25.66
C ASN C 255 26.10 6.75 -26.39
N TYR C 256 26.21 8.01 -25.98
CA TYR C 256 27.04 8.97 -26.71
C TYR C 256 27.35 10.16 -25.80
N ARG C 257 28.53 10.73 -26.01
CA ARG C 257 28.92 11.98 -25.35
C ARG C 257 29.75 12.80 -26.34
N GLN C 258 29.55 14.11 -26.30
CA GLN C 258 30.19 14.99 -27.28
C GLN C 258 31.69 15.07 -27.04
N GLY C 259 32.47 14.89 -28.11
CA GLY C 259 33.91 15.04 -28.06
C GLY C 259 34.67 13.77 -27.78
N TYR C 260 33.99 12.70 -27.37
CA TYR C 260 34.64 11.45 -27.03
C TYR C 260 34.40 10.42 -28.13
N ALA C 261 34.87 9.20 -27.90
CA ALA C 261 34.70 8.09 -28.83
C ALA C 261 34.59 6.81 -28.01
N THR C 262 34.73 5.67 -28.68
CA THR C 262 34.59 4.38 -28.01
C THR C 262 35.72 4.15 -27.01
N GLN C 263 35.36 3.72 -25.81
CA GLN C 263 36.33 3.51 -24.74
C GLN C 263 36.73 2.04 -24.69
N THR C 264 37.47 1.63 -25.72
CA THR C 264 37.88 0.23 -25.83
C THR C 264 39.01 -0.13 -24.87
N VAL C 265 39.77 0.85 -24.39
CA VAL C 265 40.93 0.57 -23.55
C VAL C 265 40.68 1.19 -22.18
N GLY C 266 39.41 1.24 -21.78
CA GLY C 266 39.06 1.73 -20.47
C GLY C 266 39.33 0.71 -19.39
N PRO C 267 39.14 1.12 -18.14
CA PRO C 267 39.35 0.19 -17.02
C PRO C 267 38.24 -0.82 -16.87
N TRP C 268 38.06 -1.67 -17.89
CA TRP C 268 37.03 -2.70 -17.87
C TRP C 268 37.44 -3.92 -17.07
N HIS C 269 38.67 -3.96 -16.56
CA HIS C 269 39.16 -5.08 -15.78
C HIS C 269 38.84 -4.94 -14.29
N LEU C 270 38.22 -3.83 -13.89
CA LEU C 270 37.90 -3.58 -12.49
C LEU C 270 36.62 -4.28 -12.04
N GLY C 271 35.80 -4.77 -12.97
CA GLY C 271 34.53 -5.34 -12.60
C GLY C 271 33.50 -4.26 -12.32
N LYS C 272 33.20 -4.03 -11.05
CA LYS C 272 32.29 -2.96 -10.68
C LYS C 272 32.84 -1.61 -11.14
N LEU C 273 31.95 -0.77 -11.66
CA LEU C 273 32.33 0.55 -12.16
C LEU C 273 31.21 1.53 -11.87
N GLU C 274 31.57 2.82 -11.88
CA GLU C 274 30.61 3.92 -11.71
C GLU C 274 31.07 5.04 -12.64
N ILE C 275 30.53 5.05 -13.86
CA ILE C 275 30.89 6.09 -14.82
C ILE C 275 30.17 7.38 -14.49
N ASP C 276 30.93 8.48 -14.45
CA ASP C 276 30.36 9.78 -14.14
C ASP C 276 31.21 10.85 -14.82
N PHE C 277 30.64 12.04 -14.93
CA PHE C 277 31.32 13.18 -15.57
C PHE C 277 31.60 14.22 -14.49
N GLY C 278 32.88 14.44 -14.22
CA GLY C 278 33.27 15.37 -13.17
C GLY C 278 34.77 15.41 -13.05
N GLU C 279 35.24 15.85 -11.90
CA GLU C 279 36.67 15.97 -11.62
C GLU C 279 36.98 15.35 -10.27
N CYS C 280 37.98 14.47 -10.23
CA CYS C 280 38.44 13.92 -8.97
C CYS C 280 39.17 14.99 -8.17
N PRO C 281 39.13 14.91 -6.84
CA PRO C 281 39.72 15.96 -6.01
C PRO C 281 41.19 16.21 -6.34
N GLY C 282 41.56 17.49 -6.40
CA GLY C 282 42.94 17.88 -6.59
C GLY C 282 43.43 17.88 -8.02
N THR C 283 42.59 17.56 -8.99
CA THR C 283 43.00 17.46 -10.39
C THR C 283 42.40 18.60 -11.21
N THR C 284 42.96 18.79 -12.39
CA THR C 284 42.52 19.84 -13.32
C THR C 284 42.86 19.42 -14.73
N VAL C 285 41.93 19.66 -15.66
CA VAL C 285 42.09 19.31 -17.07
C VAL C 285 41.99 20.58 -17.90
N THR C 286 42.95 20.76 -18.80
CA THR C 286 42.93 21.91 -19.69
C THR C 286 43.00 21.35 -21.10
N ILE C 287 42.12 21.81 -21.98
CA ILE C 287 42.08 21.23 -23.33
C ILE C 287 43.04 21.90 -24.31
N GLN C 288 43.94 21.12 -24.89
CA GLN C 288 44.89 21.66 -25.87
C GLN C 288 45.14 20.63 -26.96
N GLU C 289 44.94 21.01 -28.22
CA GLU C 289 45.24 20.09 -29.30
C GLU C 289 46.59 19.42 -29.08
N ASP C 290 47.57 20.17 -28.59
CA ASP C 290 48.92 19.62 -28.41
C ASP C 290 49.01 18.44 -27.45
N CYS C 291 48.00 18.27 -26.60
CA CYS C 291 48.02 17.18 -25.63
C CYS C 291 48.32 15.83 -26.29
N ASP C 292 48.85 14.88 -25.51
CA ASP C 292 49.18 13.59 -26.09
C ASP C 292 47.98 12.98 -26.79
N HIS C 293 48.24 12.23 -27.86
CA HIS C 293 47.18 11.62 -28.63
C HIS C 293 46.47 10.54 -27.82
N ARG C 294 45.44 9.95 -28.42
CA ARG C 294 44.60 9.00 -27.71
C ARG C 294 45.40 7.78 -27.28
N GLY C 295 45.19 7.35 -26.03
CA GLY C 295 45.93 6.23 -25.48
C GLY C 295 45.20 5.56 -24.34
N PRO C 296 45.80 4.51 -23.77
CA PRO C 296 45.16 3.79 -22.67
C PRO C 296 44.93 4.69 -21.46
N SER C 297 43.85 4.38 -20.73
CA SER C 297 43.50 5.13 -19.54
C SER C 297 44.58 4.98 -18.46
N LEU C 298 44.72 6.02 -17.64
CA LEU C 298 45.72 6.04 -16.58
C LEU C 298 45.07 6.45 -15.27
N ARG C 299 45.50 5.83 -14.17
CA ARG C 299 44.98 6.17 -12.86
C ARG C 299 45.56 7.51 -12.39
N THR C 300 44.83 8.17 -11.49
CA THR C 300 45.24 9.47 -10.97
C THR C 300 46.35 9.36 -9.93
N THR C 301 46.64 8.17 -9.44
CA THR C 301 47.71 7.97 -8.46
C THR C 301 48.71 6.96 -9.01
N THR C 302 49.99 7.24 -8.78
CA THR C 302 51.05 6.36 -9.25
C THR C 302 51.14 5.11 -8.38
N ALA C 303 52.13 4.27 -8.68
CA ALA C 303 52.30 3.03 -7.91
C ALA C 303 52.62 3.33 -6.44
N SER C 304 53.47 4.32 -6.20
CA SER C 304 53.77 4.72 -4.82
C SER C 304 52.54 5.31 -4.15
N GLY C 305 51.79 6.13 -4.87
CA GLY C 305 50.60 6.76 -4.32
C GLY C 305 50.64 8.26 -4.43
N LYS C 306 51.45 8.78 -5.35
CA LYS C 306 51.57 10.21 -5.57
C LYS C 306 50.38 10.70 -6.39
N LEU C 307 49.77 11.79 -5.96
CA LEU C 307 48.57 12.33 -6.59
C LEU C 307 48.99 13.27 -7.71
N VAL C 308 48.76 12.84 -8.96
CA VAL C 308 48.98 13.72 -10.09
C VAL C 308 47.90 14.80 -10.10
N THR C 309 48.31 16.06 -10.26
CA THR C 309 47.42 17.20 -10.06
C THR C 309 47.33 18.08 -11.30
N GLN C 310 47.60 17.54 -12.48
CA GLN C 310 47.49 18.32 -13.71
C GLN C 310 47.37 17.37 -14.88
N TRP C 311 46.29 17.51 -15.66
CA TRP C 311 46.03 16.69 -16.83
C TRP C 311 45.71 17.58 -18.01
N CYS C 312 45.47 16.97 -19.17
CA CYS C 312 45.17 17.71 -20.38
C CYS C 312 44.50 16.79 -21.39
N CYS C 313 43.76 17.38 -22.32
CA CYS C 313 43.08 16.65 -23.38
C CYS C 313 43.16 17.45 -24.67
N ARG C 314 43.19 16.75 -25.80
CA ARG C 314 43.33 17.44 -27.08
C ARG C 314 42.02 18.08 -27.51
N SER C 315 40.96 17.28 -27.68
CA SER C 315 39.69 17.80 -28.17
C SER C 315 38.52 17.25 -27.36
N CYS C 316 38.69 17.02 -26.06
CA CYS C 316 37.58 16.43 -25.28
C CYS C 316 36.55 17.52 -24.97
N THR C 317 35.76 17.38 -23.92
CA THR C 317 34.84 18.47 -23.52
C THR C 317 34.58 18.37 -22.02
N MET C 318 34.61 19.49 -21.31
CA MET C 318 34.44 19.44 -19.82
C MET C 318 32.95 19.39 -19.49
N PRO C 319 32.51 18.91 -18.30
CA PRO C 319 33.30 18.04 -17.42
C PRO C 319 33.81 16.76 -18.08
N PRO C 320 35.01 16.25 -17.72
CA PRO C 320 35.58 15.08 -18.40
C PRO C 320 35.11 13.68 -17.94
N LEU C 321 35.48 12.65 -18.69
CA LEU C 321 35.10 11.24 -18.39
C LEU C 321 35.81 10.79 -17.12
N ARG C 322 35.13 10.07 -16.23
CA ARG C 322 35.71 9.73 -14.93
C ARG C 322 35.21 8.36 -14.51
N PHE C 323 36.09 7.35 -14.56
CA PHE C 323 35.77 6.02 -14.09
C PHE C 323 36.15 5.87 -12.63
N LEU C 324 35.21 5.40 -11.81
CA LEU C 324 35.43 5.19 -10.40
C LEU C 324 35.18 3.74 -10.05
N GLY C 325 36.15 3.10 -9.40
CA GLY C 325 36.01 1.71 -9.00
C GLY C 325 36.69 1.42 -7.68
N GLU C 326 37.27 0.22 -7.56
CA GLU C 326 37.99 -0.13 -6.35
C GLU C 326 39.32 0.60 -6.24
N ASP C 327 39.82 1.17 -7.34
CA ASP C 327 41.08 1.88 -7.36
C ASP C 327 40.92 3.39 -7.25
N GLY C 328 39.72 3.86 -6.93
CA GLY C 328 39.48 5.26 -6.66
C GLY C 328 39.09 6.13 -7.85
N CYS C 329 40.05 6.44 -8.73
CA CYS C 329 39.80 7.38 -9.81
C CYS C 329 40.53 6.96 -11.06
N TRP C 330 39.82 7.01 -12.19
CA TRP C 330 40.41 6.83 -13.50
C TRP C 330 39.81 7.87 -14.46
N TYR C 331 40.59 8.22 -15.48
CA TYR C 331 40.14 9.13 -16.53
C TYR C 331 40.03 8.39 -17.85
N GLY C 332 39.50 9.09 -18.85
CA GLY C 332 39.25 8.50 -20.15
C GLY C 332 40.52 8.38 -20.97
N MET C 333 40.31 8.05 -22.24
CA MET C 333 41.40 7.83 -23.19
C MET C 333 41.87 9.12 -23.84
N GLU C 334 41.25 10.26 -23.54
CA GLU C 334 41.65 11.54 -24.08
C GLU C 334 42.33 12.45 -23.06
N ILE C 335 42.12 12.20 -21.77
CA ILE C 335 42.67 13.05 -20.72
C ILE C 335 44.07 12.57 -20.36
N ARG C 336 45.08 13.19 -20.95
CA ARG C 336 46.47 12.81 -20.75
C ARG C 336 47.13 13.73 -19.72
N PRO C 337 48.18 13.26 -19.04
CA PRO C 337 48.87 14.11 -18.08
C PRO C 337 49.94 14.96 -18.76
N LEU C 338 49.90 16.27 -18.53
CA LEU C 338 50.88 17.18 -19.11
C LEU C 338 52.02 17.50 -18.15
N SER C 339 51.81 17.33 -16.85
CA SER C 339 52.84 17.57 -15.84
C SER C 339 53.37 16.26 -15.27
N GLU C 340 53.39 15.21 -16.08
CA GLU C 340 53.84 13.89 -15.66
C GLU C 340 54.21 13.12 -16.93
N LYS C 341 55.01 12.07 -16.77
CA LYS C 341 55.39 11.19 -17.87
C LYS C 341 54.65 9.86 -17.70
N GLU C 342 54.68 9.03 -18.75
CA GLU C 342 53.98 7.76 -18.76
C GLU C 342 54.86 6.61 -18.28
N GLU C 343 56.08 6.91 -17.85
CA GLU C 343 56.99 5.86 -17.40
C GLU C 343 56.44 5.12 -16.19
N ASN C 344 55.96 5.88 -15.20
CA ASN C 344 55.39 5.30 -13.99
C ASN C 344 53.93 5.76 -13.87
N MET C 345 53.04 5.03 -14.52
CA MET C 345 51.60 5.32 -14.47
C MET C 345 50.85 4.00 -14.53
N VAL C 346 49.76 3.91 -13.77
CA VAL C 346 48.94 2.70 -13.78
C VAL C 346 48.04 2.73 -15.01
N LYS C 347 48.25 1.77 -15.92
CA LYS C 347 47.55 1.72 -17.19
C LYS C 347 46.58 0.56 -17.22
N SER C 348 45.61 0.65 -18.14
CA SER C 348 44.54 -0.33 -18.22
C SER C 348 45.08 -1.70 -18.62
N GLN C 349 44.53 -2.74 -18.00
CA GLN C 349 45.03 -4.10 -18.20
C GLN C 349 44.75 -4.60 -19.61
N VAL C 350 43.61 -4.21 -20.18
CA VAL C 350 43.23 -4.71 -21.50
C VAL C 350 44.22 -4.21 -22.54
N SER C 351 44.67 -5.10 -23.41
CA SER C 351 45.68 -4.79 -24.41
C SER C 351 45.04 -4.74 -25.80
N ALA C 352 45.69 -3.98 -26.68
CA ALA C 352 45.21 -3.85 -28.06
C ALA C 352 46.31 -4.24 -29.05
N ASP D 1 -6.42 -10.93 -6.13
CA ASP D 1 -6.11 -9.60 -5.63
C ASP D 1 -4.74 -9.57 -4.97
N THR D 2 -3.84 -8.77 -5.53
CA THR D 2 -2.48 -8.63 -5.02
C THR D 2 -2.35 -7.30 -4.29
N GLY D 3 -1.91 -7.34 -3.05
CA GLY D 3 -1.77 -6.13 -2.27
C GLY D 3 -1.34 -6.42 -0.87
N CYS D 4 -1.43 -5.41 -0.01
CA CYS D 4 -1.04 -5.51 1.39
C CYS D 4 -2.18 -5.01 2.26
N ALA D 5 -2.18 -5.45 3.52
CA ALA D 5 -3.20 -5.05 4.47
C ALA D 5 -2.64 -5.14 5.88
N VAL D 6 -3.30 -4.40 6.79
CA VAL D 6 -2.97 -4.41 8.21
C VAL D 6 -4.10 -5.11 8.94
N SER D 7 -3.76 -6.05 9.82
CA SER D 7 -4.74 -6.93 10.45
C SER D 7 -5.72 -6.17 11.34
N TRP D 8 -6.72 -6.89 11.87
CA TRP D 8 -7.73 -6.25 12.71
C TRP D 8 -7.10 -5.66 13.97
N SER D 9 -6.18 -6.38 14.59
CA SER D 9 -5.49 -5.90 15.79
C SER D 9 -4.47 -4.82 15.48
N GLY D 10 -4.04 -4.68 14.23
CA GLY D 10 -3.15 -3.62 13.84
C GLY D 10 -1.69 -3.85 14.12
N LYS D 11 -1.30 -5.06 14.51
CA LYS D 11 0.10 -5.37 14.83
C LYS D 11 0.78 -6.21 13.77
N GLU D 12 0.12 -6.45 12.63
CA GLU D 12 0.71 -7.22 11.54
C GLU D 12 0.44 -6.52 10.22
N LEU D 13 1.33 -6.76 9.25
CA LEU D 13 1.17 -6.27 7.89
C LEU D 13 1.51 -7.40 6.95
N LYS D 14 0.51 -7.93 6.25
CA LYS D 14 0.66 -9.09 5.39
C LYS D 14 0.44 -8.70 3.94
N CYS D 15 1.33 -9.15 3.06
CA CYS D 15 1.24 -8.92 1.63
C CYS D 15 1.18 -10.25 0.91
N GLY D 16 0.33 -10.34 -0.11
CA GLY D 16 0.21 -11.57 -0.86
C GLY D 16 -0.89 -11.48 -1.90
N SER D 17 -1.34 -12.65 -2.35
CA SER D 17 -2.40 -12.76 -3.34
C SER D 17 -3.57 -13.53 -2.76
N GLY D 18 -4.78 -13.09 -3.08
CA GLY D 18 -5.99 -13.75 -2.62
C GLY D 18 -7.24 -13.04 -3.03
N ILE D 19 -8.21 -12.92 -2.12
CA ILE D 19 -9.46 -12.20 -2.37
C ILE D 19 -9.65 -11.19 -1.26
N PHE D 20 -9.86 -9.92 -1.64
CA PHE D 20 -10.05 -8.83 -0.70
C PHE D 20 -11.49 -8.33 -0.82
N VAL D 21 -12.27 -8.52 0.24
CA VAL D 21 -13.66 -8.10 0.28
C VAL D 21 -13.70 -6.74 0.97
N ILE D 22 -14.03 -5.70 0.22
CA ILE D 22 -13.95 -4.31 0.70
C ILE D 22 -15.36 -3.80 0.97
N ASP D 23 -15.48 -2.99 2.02
CA ASP D 23 -16.73 -2.33 2.35
C ASP D 23 -17.05 -1.29 1.28
N ASN D 24 -18.07 -1.56 0.47
CA ASN D 24 -18.52 -0.62 -0.55
C ASN D 24 -19.62 0.31 -0.06
N VAL D 25 -20.18 0.06 1.13
CA VAL D 25 -21.11 1.00 1.72
C VAL D 25 -20.39 2.24 2.20
N HIS D 26 -19.26 2.06 2.89
CA HIS D 26 -18.34 3.14 3.25
C HIS D 26 -17.19 3.04 2.26
N THR D 27 -17.32 3.75 1.13
CA THR D 27 -16.57 3.40 -0.07
C THR D 27 -15.09 3.78 0.04
N TRP D 28 -14.77 4.86 0.74
CA TRP D 28 -13.48 5.56 0.77
C TRP D 28 -13.26 6.38 -0.49
N THR D 29 -14.13 6.26 -1.49
CA THR D 29 -13.98 6.94 -2.78
C THR D 29 -15.37 7.24 -3.31
N GLU D 30 -15.46 7.52 -4.61
CA GLU D 30 -16.74 7.77 -5.25
C GLU D 30 -17.40 6.44 -5.60
N GLN D 31 -18.74 6.45 -5.62
CA GLN D 31 -19.50 5.24 -5.85
C GLN D 31 -19.32 4.74 -7.28
N TYR D 32 -19.71 3.49 -7.50
CA TYR D 32 -19.69 2.92 -8.84
C TYR D 32 -20.76 3.58 -9.71
N LYS D 33 -20.56 3.50 -11.02
CA LYS D 33 -21.47 4.10 -11.99
C LYS D 33 -21.92 3.03 -12.96
N PHE D 34 -23.22 2.77 -13.00
CA PHE D 34 -23.79 1.81 -13.93
C PHE D 34 -23.86 2.43 -15.32
N GLN D 35 -23.40 1.69 -16.32
CA GLN D 35 -23.39 2.16 -17.70
C GLN D 35 -24.23 1.21 -18.56
N PRO D 36 -25.30 1.68 -19.19
CA PRO D 36 -26.17 0.78 -19.96
C PRO D 36 -25.56 0.34 -21.29
N GLU D 37 -26.35 -0.39 -22.08
CA GLU D 37 -25.87 -0.95 -23.33
C GLU D 37 -25.69 0.11 -24.42
N SER D 38 -26.79 0.73 -24.84
CA SER D 38 -26.78 1.67 -25.96
C SER D 38 -28.13 2.35 -26.07
N PRO D 39 -28.18 3.60 -26.56
CA PRO D 39 -29.47 4.26 -26.73
C PRO D 39 -30.41 3.54 -27.68
N ALA D 40 -29.88 2.86 -28.70
CA ALA D 40 -30.72 2.16 -29.66
C ALA D 40 -31.31 0.88 -29.11
N ARG D 41 -30.55 0.13 -28.31
CA ARG D 41 -31.05 -1.13 -27.76
C ARG D 41 -32.11 -0.89 -26.70
N LEU D 42 -31.85 0.02 -25.77
CA LEU D 42 -32.79 0.27 -24.68
C LEU D 42 -34.10 0.85 -25.20
N ALA D 43 -34.03 1.78 -26.16
CA ALA D 43 -35.25 2.35 -26.72
C ALA D 43 -36.08 1.28 -27.40
N SER D 44 -35.45 0.39 -28.17
CA SER D 44 -36.17 -0.69 -28.82
C SER D 44 -36.80 -1.63 -27.80
N ALA D 45 -36.06 -1.97 -26.74
CA ALA D 45 -36.58 -2.87 -25.72
C ALA D 45 -37.77 -2.24 -25.01
N ILE D 46 -37.69 -0.94 -24.68
CA ILE D 46 -38.78 -0.27 -24.01
C ILE D 46 -40.01 -0.17 -24.92
N LEU D 47 -39.78 0.11 -26.21
CA LEU D 47 -40.89 0.21 -27.15
C LEU D 47 -41.60 -1.13 -27.31
N ASN D 48 -40.82 -2.22 -27.44
CA ASN D 48 -41.42 -3.54 -27.52
C ASN D 48 -42.12 -3.94 -26.24
N ALA D 49 -41.58 -3.55 -25.08
CA ALA D 49 -42.27 -3.82 -23.82
C ALA D 49 -43.59 -3.08 -23.75
N HIS D 50 -43.63 -1.82 -24.19
CA HIS D 50 -44.88 -1.07 -24.20
C HIS D 50 -45.88 -1.69 -25.16
N GLU D 51 -45.41 -2.17 -26.32
CA GLU D 51 -46.28 -2.89 -27.23
C GLU D 51 -46.85 -4.14 -26.59
N ASP D 52 -46.01 -4.87 -25.85
CA ASP D 52 -46.46 -6.10 -25.21
C ASP D 52 -47.45 -5.83 -24.09
N GLY D 53 -47.29 -4.72 -23.37
CA GLY D 53 -48.20 -4.38 -22.29
C GLY D 53 -47.50 -4.02 -20.99
N VAL D 54 -46.16 -3.97 -21.03
CA VAL D 54 -45.41 -3.59 -19.83
C VAL D 54 -45.66 -2.11 -19.55
N CYS D 55 -45.97 -1.82 -18.29
CA CYS D 55 -46.33 -0.45 -17.91
C CYS D 55 -45.15 0.37 -17.42
N GLY D 56 -44.17 -0.27 -16.80
CA GLY D 56 -43.04 0.49 -16.28
C GLY D 56 -41.93 -0.41 -15.78
N ILE D 57 -41.06 0.17 -14.97
CA ILE D 57 -39.88 -0.51 -14.46
C ILE D 57 -39.74 -0.24 -12.97
N ARG D 58 -39.50 -1.28 -12.19
CA ARG D 58 -39.13 -1.17 -10.80
C ARG D 58 -37.64 -1.46 -10.65
N SER D 59 -36.91 -0.55 -10.02
CA SER D 59 -35.48 -0.71 -9.87
C SER D 59 -35.16 -1.80 -8.86
N THR D 60 -34.03 -2.46 -9.06
CA THR D 60 -33.53 -3.48 -8.15
C THR D 60 -32.46 -2.96 -7.20
N THR D 61 -31.66 -2.00 -7.64
CA THR D 61 -30.60 -1.43 -6.83
C THR D 61 -30.70 0.09 -6.90
N ARG D 62 -30.28 0.77 -5.83
CA ARG D 62 -30.29 2.22 -5.82
C ARG D 62 -29.29 2.81 -6.81
N LEU D 63 -28.33 2.02 -7.28
CA LEU D 63 -27.41 2.47 -8.31
C LEU D 63 -28.01 2.39 -9.72
N GLU D 64 -29.11 1.66 -9.88
CA GLU D 64 -29.77 1.57 -11.18
C GLU D 64 -30.74 2.73 -11.40
N ASN D 65 -31.31 3.26 -10.32
CA ASN D 65 -32.19 4.43 -10.44
C ASN D 65 -31.44 5.63 -10.99
N ILE D 66 -30.20 5.82 -10.54
CA ILE D 66 -29.39 6.92 -11.05
C ILE D 66 -29.12 6.76 -12.55
N MET D 67 -28.82 5.54 -12.99
CA MET D 67 -28.61 5.30 -14.41
C MET D 67 -29.86 5.60 -15.22
N TRP D 68 -31.02 5.14 -14.74
CA TRP D 68 -32.26 5.43 -15.45
C TRP D 68 -32.54 6.92 -15.51
N LYS D 69 -32.30 7.63 -14.40
CA LYS D 69 -32.52 9.07 -14.38
C LYS D 69 -31.60 9.79 -15.35
N GLN D 70 -30.35 9.36 -15.45
CA GLN D 70 -29.41 10.04 -16.34
C GLN D 70 -29.64 9.70 -17.81
N ILE D 71 -30.22 8.53 -18.11
CA ILE D 71 -30.44 8.16 -19.51
C ILE D 71 -31.88 8.41 -19.97
N THR D 72 -32.76 8.89 -19.10
CA THR D 72 -34.15 9.12 -19.49
C THR D 72 -34.25 10.15 -20.61
N ASN D 73 -33.47 11.23 -20.54
CA ASN D 73 -33.55 12.26 -21.57
C ASN D 73 -33.15 11.73 -22.94
N GLU D 74 -32.06 10.97 -22.99
CA GLU D 74 -31.63 10.39 -24.27
C GLU D 74 -32.64 9.37 -24.78
N LEU D 75 -33.23 8.58 -23.87
CA LEU D 75 -34.26 7.64 -24.30
C LEU D 75 -35.45 8.37 -24.91
N ASN D 76 -35.87 9.47 -24.28
CA ASN D 76 -36.99 10.26 -24.82
C ASN D 76 -36.62 10.86 -26.17
N TYR D 77 -35.39 11.36 -26.30
CA TYR D 77 -34.97 11.93 -27.58
C TYR D 77 -34.98 10.88 -28.69
N VAL D 78 -34.49 9.68 -28.40
CA VAL D 78 -34.51 8.62 -29.40
C VAL D 78 -35.94 8.23 -29.75
N LEU D 79 -36.79 8.07 -28.73
CA LEU D 79 -38.18 7.68 -28.98
C LEU D 79 -38.96 8.75 -29.74
N TRP D 80 -38.56 10.01 -29.62
CA TRP D 80 -39.22 11.05 -30.41
C TRP D 80 -38.68 11.14 -31.83
N GLU D 81 -37.35 11.06 -32.00
CA GLU D 81 -36.79 11.12 -33.33
C GLU D 81 -37.11 9.88 -34.15
N GLY D 82 -37.49 8.77 -33.52
CA GLY D 82 -37.94 7.60 -34.23
C GLY D 82 -39.36 7.65 -34.72
N GLY D 83 -40.12 8.68 -34.34
CA GLY D 83 -41.51 8.78 -34.74
C GLY D 83 -42.42 7.81 -34.01
N HIS D 84 -42.44 7.92 -32.69
CA HIS D 84 -43.22 7.02 -31.85
C HIS D 84 -44.03 7.82 -30.84
N ASP D 85 -45.06 7.17 -30.29
CA ASP D 85 -45.96 7.79 -29.32
C ASP D 85 -45.66 7.18 -27.95
N LEU D 86 -44.67 7.75 -27.26
CA LEU D 86 -44.25 7.26 -25.95
C LEU D 86 -43.33 8.29 -25.32
N THR D 87 -43.43 8.41 -24.00
CA THR D 87 -42.55 9.28 -23.24
C THR D 87 -42.11 8.55 -21.98
N VAL D 88 -40.85 8.70 -21.60
CA VAL D 88 -40.32 8.03 -20.42
C VAL D 88 -40.22 9.03 -19.27
N VAL D 89 -40.79 8.68 -18.13
CA VAL D 89 -40.74 9.49 -16.92
C VAL D 89 -40.04 8.69 -15.83
N ALA D 90 -38.99 9.27 -15.25
CA ALA D 90 -38.22 8.61 -14.20
C ALA D 90 -38.49 9.30 -12.89
N GLY D 91 -38.91 8.53 -11.90
CA GLY D 91 -39.23 9.04 -10.57
C GLY D 91 -38.07 8.86 -9.61
N ASP D 92 -38.41 8.76 -8.33
CA ASP D 92 -37.41 8.59 -7.28
C ASP D 92 -37.81 7.44 -6.37
N VAL D 93 -36.82 6.81 -5.76
CA VAL D 93 -37.04 5.65 -4.90
C VAL D 93 -37.18 6.13 -3.46
N LYS D 94 -38.31 5.81 -2.84
CA LYS D 94 -38.57 6.15 -1.44
C LYS D 94 -39.08 4.90 -0.75
N GLY D 95 -38.28 4.37 0.17
CA GLY D 95 -38.67 3.19 0.92
C GLY D 95 -38.12 1.90 0.35
N VAL D 96 -38.90 0.82 0.45
CA VAL D 96 -38.47 -0.48 -0.03
C VAL D 96 -38.48 -0.49 -1.56
N LEU D 97 -37.45 -1.10 -2.14
CA LEU D 97 -37.38 -1.29 -3.59
C LEU D 97 -38.37 -2.38 -3.96
N SER D 98 -39.56 -1.96 -4.39
CA SER D 98 -40.64 -2.90 -4.67
C SER D 98 -40.27 -3.81 -5.84
N LYS D 99 -40.99 -4.92 -5.93
CA LYS D 99 -40.70 -5.98 -6.90
C LYS D 99 -41.78 -6.01 -7.98
N GLY D 100 -41.36 -5.91 -9.24
CA GLY D 100 -42.26 -6.09 -10.34
C GLY D 100 -42.43 -7.55 -10.73
N LYS D 101 -43.35 -7.80 -11.66
CA LYS D 101 -43.67 -9.16 -12.08
C LYS D 101 -43.39 -9.43 -13.55
N ARG D 102 -42.73 -8.51 -14.25
CA ARG D 102 -42.45 -8.71 -15.66
C ARG D 102 -40.98 -8.37 -15.96
N ALA D 103 -40.60 -8.34 -17.23
CA ALA D 103 -39.22 -8.03 -17.60
C ALA D 103 -39.16 -7.59 -19.05
N LEU D 104 -38.06 -6.92 -19.39
CA LEU D 104 -37.76 -6.56 -20.78
C LEU D 104 -36.97 -7.67 -21.44
N ALA D 105 -37.45 -8.12 -22.59
CA ALA D 105 -36.70 -9.08 -23.39
C ALA D 105 -35.60 -8.35 -24.17
N PRO D 106 -34.51 -9.03 -24.51
CA PRO D 106 -33.48 -8.41 -25.34
C PRO D 106 -34.04 -7.99 -26.67
N PRO D 107 -33.62 -6.84 -27.19
CA PRO D 107 -34.25 -6.30 -28.41
C PRO D 107 -33.61 -6.80 -29.69
N VAL D 108 -34.43 -7.23 -30.64
CA VAL D 108 -33.98 -7.61 -31.97
C VAL D 108 -34.45 -6.55 -32.96
N ASN D 109 -33.66 -6.33 -34.00
CA ASN D 109 -33.91 -5.29 -35.00
C ASN D 109 -34.00 -3.92 -34.32
N ASP D 110 -32.87 -3.51 -33.76
CA ASP D 110 -32.79 -2.30 -32.95
C ASP D 110 -33.13 -1.07 -33.77
N LEU D 111 -33.30 0.05 -33.06
CA LEU D 111 -33.66 1.32 -33.67
C LEU D 111 -32.42 1.96 -34.29
N LYS D 112 -32.53 3.22 -34.70
CA LYS D 112 -31.46 3.94 -35.37
C LYS D 112 -31.05 5.15 -34.53
N TYR D 113 -29.75 5.32 -34.33
CA TYR D 113 -29.23 6.44 -33.57
C TYR D 113 -27.83 6.76 -34.06
N SER D 114 -27.38 7.98 -33.76
CA SER D 114 -26.12 8.46 -34.30
C SER D 114 -24.93 7.80 -33.63
N TRP D 115 -24.78 7.98 -32.32
CA TRP D 115 -23.61 7.53 -31.59
C TRP D 115 -23.88 6.25 -30.80
N LYS D 116 -22.80 5.67 -30.29
CA LYS D 116 -22.87 4.49 -29.44
C LYS D 116 -22.73 4.81 -27.96
N THR D 117 -22.04 5.89 -27.61
CA THR D 117 -21.85 6.30 -26.23
C THR D 117 -23.07 7.11 -25.76
N TRP D 118 -22.97 7.69 -24.57
CA TRP D 118 -24.05 8.49 -24.00
C TRP D 118 -23.55 9.90 -23.78
N GLY D 119 -24.28 10.88 -24.31
CA GLY D 119 -23.91 12.28 -24.15
C GLY D 119 -23.57 12.97 -25.43
N LYS D 120 -24.45 13.84 -25.91
CA LYS D 120 -24.22 14.61 -27.13
C LYS D 120 -25.19 15.79 -27.11
N ALA D 121 -25.00 16.71 -28.07
CA ALA D 121 -25.94 17.81 -28.23
C ALA D 121 -27.29 17.27 -28.66
N LYS D 122 -28.35 17.68 -27.94
CA LYS D 122 -29.68 17.15 -28.15
C LYS D 122 -30.68 18.29 -28.05
N ILE D 123 -31.97 17.93 -28.00
CA ILE D 123 -33.05 18.87 -27.79
C ILE D 123 -33.99 18.26 -26.75
N PHE D 124 -34.76 19.13 -26.09
CA PHE D 124 -35.69 18.72 -25.05
C PHE D 124 -37.05 18.43 -25.68
N THR D 125 -37.43 17.15 -25.70
CA THR D 125 -38.72 16.78 -26.25
C THR D 125 -39.84 17.20 -25.31
N PRO D 126 -40.96 17.69 -25.83
CA PRO D 126 -42.07 18.11 -24.95
C PRO D 126 -42.69 16.91 -24.25
N GLU D 127 -43.15 17.14 -23.02
CA GLU D 127 -43.83 16.13 -22.24
C GLU D 127 -45.24 15.96 -22.79
N ALA D 128 -45.42 14.97 -23.65
CA ALA D 128 -46.67 14.81 -24.40
C ALA D 128 -46.79 13.36 -24.84
N LYS D 129 -47.65 13.12 -25.83
CA LYS D 129 -47.94 11.84 -26.50
C LYS D 129 -48.89 10.96 -25.70
N ASN D 130 -49.31 11.37 -24.50
CA ASN D 130 -50.41 10.72 -23.77
C ASN D 130 -50.15 9.23 -23.55
N SER D 131 -48.88 8.86 -23.44
CA SER D 131 -48.51 7.46 -23.19
C SER D 131 -47.16 7.47 -22.49
N THR D 132 -47.14 7.13 -21.20
CA THR D 132 -45.96 7.29 -20.37
C THR D 132 -45.46 5.93 -19.88
N PHE D 133 -44.14 5.79 -19.89
CA PHE D 133 -43.46 4.59 -19.38
C PHE D 133 -42.80 4.98 -18.06
N LEU D 134 -43.54 4.85 -16.96
CA LEU D 134 -43.05 5.28 -15.66
C LEU D 134 -41.88 4.43 -15.22
N ILE D 135 -40.86 5.08 -14.66
CA ILE D 135 -39.71 4.40 -14.06
C ILE D 135 -39.68 4.79 -12.59
N ASP D 136 -39.88 3.81 -11.72
CA ASP D 136 -39.89 4.02 -10.27
C ASP D 136 -40.96 5.02 -9.86
N GLY D 137 -40.81 5.63 -8.69
CA GLY D 137 -41.75 6.59 -8.19
C GLY D 137 -42.60 6.03 -7.06
N PRO D 138 -43.73 6.67 -6.78
CA PRO D 138 -44.62 6.18 -5.72
C PRO D 138 -45.47 5.03 -6.21
N ASP D 139 -46.11 4.36 -5.25
CA ASP D 139 -47.01 3.25 -5.54
C ASP D 139 -48.36 3.82 -5.98
N THR D 140 -48.70 3.63 -7.24
CA THR D 140 -49.93 4.14 -7.82
C THR D 140 -50.85 2.99 -8.20
N SER D 141 -52.02 3.34 -8.75
CA SER D 141 -52.98 2.36 -9.23
C SER D 141 -53.09 2.30 -10.73
N GLU D 142 -52.75 3.39 -11.45
CA GLU D 142 -52.77 3.35 -12.90
C GLU D 142 -51.67 2.45 -13.44
N CYS D 143 -50.55 2.33 -12.72
CA CYS D 143 -49.42 1.50 -13.13
C CYS D 143 -49.05 0.59 -11.97
N PRO D 144 -49.79 -0.50 -11.78
CA PRO D 144 -49.48 -1.41 -10.66
C PRO D 144 -48.20 -2.19 -10.92
N ASN D 145 -47.68 -2.78 -9.84
CA ASN D 145 -46.46 -3.58 -9.92
C ASN D 145 -46.65 -4.86 -10.72
N GLU D 146 -47.89 -5.27 -10.98
CA GLU D 146 -48.14 -6.48 -11.76
C GLU D 146 -47.84 -6.31 -13.25
N ARG D 147 -47.65 -5.08 -13.71
CA ARG D 147 -47.32 -4.81 -15.11
C ARG D 147 -46.00 -4.05 -15.23
N ARG D 148 -45.12 -4.22 -14.26
CA ARG D 148 -43.84 -3.52 -14.24
C ARG D 148 -42.70 -4.54 -14.34
N ALA D 149 -41.62 -4.12 -14.97
CA ALA D 149 -40.45 -4.95 -15.21
C ALA D 149 -39.47 -4.83 -14.05
N TRP D 150 -38.86 -5.95 -13.67
CA TRP D 150 -37.97 -5.99 -12.53
C TRP D 150 -36.89 -7.04 -12.75
N ASN D 151 -35.66 -6.70 -12.36
CA ASN D 151 -34.53 -7.63 -12.35
C ASN D 151 -34.26 -8.20 -13.75
N PHE D 152 -33.90 -7.33 -14.68
CA PHE D 152 -33.61 -7.73 -16.06
C PHE D 152 -32.24 -7.25 -16.54
N LEU D 153 -31.36 -6.83 -15.64
CA LEU D 153 -30.03 -6.37 -16.00
C LEU D 153 -28.98 -7.19 -15.27
N GLU D 154 -27.79 -7.28 -15.87
CA GLU D 154 -26.69 -7.99 -15.26
C GLU D 154 -25.37 -7.42 -15.76
N VAL D 155 -24.33 -7.62 -14.97
CA VAL D 155 -23.00 -7.08 -15.27
C VAL D 155 -22.34 -7.93 -16.35
N GLU D 156 -21.65 -7.27 -17.29
CA GLU D 156 -20.88 -7.99 -18.29
C GLU D 156 -19.38 -7.75 -18.20
N ASP D 157 -18.94 -6.68 -17.53
CA ASP D 157 -17.54 -6.48 -17.18
C ASP D 157 -17.46 -5.29 -16.22
N TYR D 158 -16.25 -5.05 -15.71
CA TYR D 158 -15.96 -3.90 -14.86
C TYR D 158 -15.09 -2.90 -15.61
N GLY D 159 -14.91 -1.74 -15.00
CA GLY D 159 -14.14 -0.65 -15.57
C GLY D 159 -12.72 -0.62 -15.06
N PHE D 160 -12.15 0.58 -15.03
CA PHE D 160 -10.78 0.79 -14.58
C PHE D 160 -10.72 2.06 -13.74
N GLY D 161 -9.68 2.16 -12.93
CA GLY D 161 -9.40 3.35 -12.17
C GLY D 161 -9.30 3.06 -10.69
N MET D 162 -9.20 4.13 -9.91
CA MET D 162 -9.16 4.05 -8.45
C MET D 162 -10.24 4.88 -7.78
N PHE D 163 -10.56 6.05 -8.31
CA PHE D 163 -11.59 6.90 -7.74
C PHE D 163 -12.96 6.59 -8.35
N THR D 164 -13.07 6.73 -9.66
CA THR D 164 -14.32 6.48 -10.37
C THR D 164 -14.15 5.27 -11.28
N THR D 165 -15.06 4.31 -11.16
CA THR D 165 -15.05 3.10 -11.96
C THR D 165 -16.45 2.86 -12.52
N ASN D 166 -16.52 2.41 -13.77
CA ASN D 166 -17.78 2.17 -14.46
C ASN D 166 -18.09 0.68 -14.47
N ILE D 167 -19.37 0.35 -14.37
CA ILE D 167 -19.85 -1.03 -14.49
C ILE D 167 -20.79 -1.07 -15.68
N TRP D 168 -20.52 -1.97 -16.61
CA TRP D 168 -21.29 -2.09 -17.85
C TRP D 168 -22.31 -3.21 -17.72
N MET D 169 -23.55 -2.92 -18.07
CA MET D 169 -24.67 -3.83 -17.87
C MET D 169 -25.16 -4.37 -19.21
N LYS D 170 -25.86 -5.50 -19.13
CA LYS D 170 -26.46 -6.14 -20.30
C LYS D 170 -27.84 -6.65 -19.91
N PHE D 171 -28.43 -7.48 -20.77
CA PHE D 171 -29.76 -8.02 -20.56
C PHE D 171 -29.67 -9.47 -20.13
N ARG D 172 -30.47 -9.83 -19.13
CA ARG D 172 -30.58 -11.23 -18.73
C ARG D 172 -31.25 -12.04 -19.83
N GLU D 173 -30.72 -13.25 -20.08
CA GLU D 173 -31.32 -14.11 -21.08
C GLU D 173 -32.66 -14.67 -20.61
N GLY D 174 -32.77 -14.98 -19.31
CA GLY D 174 -34.00 -15.50 -18.77
C GLY D 174 -34.61 -14.64 -17.69
N SER D 175 -35.43 -15.22 -16.82
CA SER D 175 -36.08 -14.53 -15.73
C SER D 175 -35.74 -15.21 -14.41
N SER D 176 -35.44 -14.40 -13.40
CA SER D 176 -35.08 -14.93 -12.10
C SER D 176 -35.42 -13.91 -11.02
N GLU D 177 -35.60 -14.42 -9.80
CA GLU D 177 -35.86 -13.59 -8.63
C GLU D 177 -34.63 -13.41 -7.75
N VAL D 178 -33.49 -13.99 -8.14
CA VAL D 178 -32.27 -13.92 -7.36
C VAL D 178 -31.50 -12.67 -7.75
N CYS D 179 -30.83 -12.07 -6.76
CA CYS D 179 -30.02 -10.90 -7.03
C CYS D 179 -28.82 -11.27 -7.89
N ASP D 180 -28.29 -10.28 -8.62
CA ASP D 180 -27.15 -10.52 -9.48
C ASP D 180 -25.92 -10.85 -8.63
N HIS D 181 -25.28 -11.97 -8.94
CA HIS D 181 -24.19 -12.48 -8.11
C HIS D 181 -22.84 -11.85 -8.42
N ARG D 182 -22.74 -11.06 -9.49
CA ARG D 182 -21.47 -10.44 -9.84
C ARG D 182 -21.22 -9.15 -9.07
N LEU D 183 -22.17 -8.72 -8.24
CA LEU D 183 -22.02 -7.55 -7.39
C LEU D 183 -21.93 -7.90 -5.91
N MET D 184 -21.85 -9.19 -5.57
CA MET D 184 -21.91 -9.65 -4.20
C MET D 184 -20.63 -10.38 -3.82
N SER D 185 -20.41 -10.49 -2.52
CA SER D 185 -19.22 -11.15 -1.98
C SER D 185 -19.50 -11.57 -0.56
N ALA D 186 -18.63 -12.46 -0.04
CA ALA D 186 -18.72 -12.94 1.33
C ALA D 186 -17.36 -13.50 1.72
N ALA D 187 -16.98 -13.28 2.98
CA ALA D 187 -15.68 -13.73 3.45
C ALA D 187 -15.75 -14.08 4.93
N ILE D 188 -14.86 -14.97 5.35
CA ILE D 188 -14.70 -15.33 6.76
C ILE D 188 -13.23 -15.60 7.01
N LYS D 189 -12.74 -15.19 8.17
CA LYS D 189 -11.36 -15.42 8.55
C LYS D 189 -11.25 -15.36 10.06
N ASP D 190 -10.62 -16.36 10.65
CA ASP D 190 -10.41 -16.44 12.10
C ASP D 190 -11.75 -16.47 12.82
N GLN D 191 -12.21 -15.33 13.31
CA GLN D 191 -13.45 -15.25 14.08
C GLN D 191 -14.30 -14.06 13.64
N LYS D 192 -14.25 -13.70 12.35
CA LYS D 192 -15.04 -12.60 11.81
C LYS D 192 -15.50 -12.94 10.42
N ALA D 193 -16.81 -12.83 10.18
CA ALA D 193 -17.42 -13.08 8.89
C ALA D 193 -18.10 -11.81 8.39
N VAL D 194 -18.42 -11.80 7.10
CA VAL D 194 -19.09 -10.65 6.48
C VAL D 194 -19.83 -11.13 5.25
N HIS D 195 -20.98 -10.52 4.98
CA HIS D 195 -21.76 -10.74 3.77
C HIS D 195 -21.93 -9.38 3.10
N ALA D 196 -21.10 -9.10 2.10
CA ALA D 196 -21.01 -7.77 1.51
C ALA D 196 -21.84 -7.69 0.23
N ASP D 197 -22.07 -6.45 -0.20
CA ASP D 197 -22.87 -6.13 -1.36
C ASP D 197 -22.67 -4.64 -1.65
N MET D 198 -23.28 -4.15 -2.72
CA MET D 198 -23.18 -2.73 -3.06
C MET D 198 -23.99 -1.85 -2.13
N GLY D 199 -24.97 -2.41 -1.41
CA GLY D 199 -25.77 -1.63 -0.49
C GLY D 199 -26.02 -2.34 0.82
N TYR D 200 -25.44 -3.53 0.97
CA TYR D 200 -25.56 -4.33 2.19
C TYR D 200 -24.18 -4.57 2.77
N TRP D 201 -24.09 -4.55 4.10
CA TRP D 201 -22.85 -4.88 4.81
C TRP D 201 -23.24 -5.52 6.14
N ILE D 202 -23.30 -6.84 6.18
CA ILE D 202 -23.68 -7.59 7.36
C ILE D 202 -22.42 -8.13 8.01
N GLU D 203 -22.23 -7.84 9.30
CA GLU D 203 -21.04 -8.26 10.03
C GLU D 203 -21.42 -9.28 11.10
N SER D 204 -20.54 -10.26 11.30
CA SER D 204 -20.75 -11.30 12.30
C SER D 204 -19.44 -11.58 13.01
N SER D 205 -19.54 -12.12 14.22
CA SER D 205 -18.36 -12.39 15.03
C SER D 205 -18.68 -13.52 16.00
N LYS D 206 -17.63 -14.06 16.61
CA LYS D 206 -17.75 -15.15 17.57
C LYS D 206 -17.41 -14.65 18.96
N ASN D 207 -18.40 -14.64 19.85
CA ASN D 207 -18.20 -14.43 21.29
C ASN D 207 -18.95 -15.56 21.99
N GLN D 208 -18.28 -16.72 22.09
CA GLN D 208 -18.84 -17.94 22.65
C GLN D 208 -19.94 -18.52 21.76
N THR D 209 -20.29 -17.83 20.68
CA THR D 209 -21.33 -18.25 19.75
C THR D 209 -21.29 -17.33 18.53
N TRP D 210 -21.49 -17.93 17.35
CA TRP D 210 -21.55 -17.16 16.11
C TRP D 210 -22.92 -16.50 15.99
N GLN D 211 -22.93 -15.16 15.92
CA GLN D 211 -24.18 -14.44 15.75
C GLN D 211 -23.88 -13.08 15.12
N ILE D 212 -24.95 -12.47 14.59
CA ILE D 212 -24.83 -11.19 13.91
C ILE D 212 -24.53 -10.09 14.93
N GLU D 213 -23.76 -9.08 14.51
CA GLU D 213 -23.36 -8.02 15.40
C GLU D 213 -23.66 -6.63 14.83
N LYS D 214 -23.63 -6.50 13.51
CA LYS D 214 -23.84 -5.21 12.86
C LYS D 214 -24.42 -5.43 11.47
N ALA D 215 -25.05 -4.39 10.94
CA ALA D 215 -25.61 -4.42 9.60
C ALA D 215 -25.86 -3.00 9.14
N SER D 216 -25.30 -2.63 7.99
CA SER D 216 -25.51 -1.32 7.39
C SER D 216 -26.25 -1.51 6.08
N LEU D 217 -27.42 -0.87 5.96
CA LEU D 217 -28.27 -1.01 4.79
C LEU D 217 -28.60 0.38 4.26
N ILE D 218 -28.04 0.73 3.11
CA ILE D 218 -28.34 2.01 2.49
C ILE D 218 -29.44 1.81 1.44
N GLU D 219 -29.99 0.60 1.40
CA GLU D 219 -31.12 0.28 0.53
C GLU D 219 -31.78 -0.97 1.06
N VAL D 220 -33.04 -1.16 0.70
CA VAL D 220 -33.81 -2.34 1.09
C VAL D 220 -34.26 -3.03 -0.19
N LYS D 221 -33.55 -4.08 -0.57
CA LYS D 221 -33.88 -4.84 -1.77
C LYS D 221 -35.00 -5.84 -1.47
N THR D 222 -35.45 -6.53 -2.53
CA THR D 222 -36.48 -7.55 -2.39
C THR D 222 -36.15 -8.82 -3.17
N CYS D 223 -34.97 -8.90 -3.79
CA CYS D 223 -34.57 -10.13 -4.46
C CYS D 223 -34.01 -11.10 -3.42
N LEU D 224 -33.57 -12.27 -3.89
CA LEU D 224 -33.07 -13.31 -3.03
C LEU D 224 -31.55 -13.35 -3.07
N TRP D 225 -30.93 -13.46 -1.90
CA TRP D 225 -29.49 -13.61 -1.83
C TRP D 225 -29.09 -14.96 -2.40
N PRO D 226 -28.22 -15.01 -3.41
CA PRO D 226 -27.80 -16.31 -3.95
C PRO D 226 -27.08 -17.14 -2.91
N LYS D 227 -27.35 -18.44 -2.92
CA LYS D 227 -26.77 -19.34 -1.93
C LYS D 227 -25.37 -19.81 -2.29
N THR D 228 -24.88 -19.48 -3.49
CA THR D 228 -23.50 -19.74 -3.83
C THR D 228 -22.55 -18.75 -3.14
N HIS D 229 -23.08 -17.63 -2.67
CA HIS D 229 -22.31 -16.60 -1.99
C HIS D 229 -22.63 -16.53 -0.50
N THR D 230 -23.02 -17.65 0.08
CA THR D 230 -23.48 -17.71 1.46
C THR D 230 -22.60 -18.67 2.25
N LEU D 231 -22.20 -18.25 3.45
CA LEU D 231 -21.42 -19.07 4.36
C LEU D 231 -22.34 -19.78 5.34
N TRP D 232 -22.11 -21.08 5.55
CA TRP D 232 -22.80 -21.86 6.58
C TRP D 232 -24.31 -21.84 6.35
N SER D 233 -24.71 -22.35 5.18
CA SER D 233 -26.09 -22.27 4.72
C SER D 233 -26.82 -23.61 4.81
N ASN D 234 -26.45 -24.45 5.77
CA ASN D 234 -27.11 -25.72 5.98
C ASN D 234 -27.84 -25.73 7.32
N GLY D 235 -28.99 -26.41 7.35
CA GLY D 235 -29.80 -26.44 8.55
C GLY D 235 -30.32 -25.10 8.97
N VAL D 236 -30.66 -24.24 8.01
CA VAL D 236 -31.12 -22.88 8.28
C VAL D 236 -32.63 -22.88 8.30
N LEU D 237 -33.22 -22.32 9.36
CA LEU D 237 -34.66 -22.16 9.47
C LEU D 237 -35.02 -20.74 9.09
N GLU D 238 -36.05 -20.60 8.24
CA GLU D 238 -36.48 -19.29 7.78
C GLU D 238 -37.09 -18.44 8.89
N SER D 239 -37.44 -19.04 10.02
CA SER D 239 -38.02 -18.31 11.14
C SER D 239 -36.97 -17.72 12.07
N GLN D 240 -35.69 -17.99 11.84
CA GLN D 240 -34.62 -17.53 12.71
C GLN D 240 -33.73 -16.47 12.08
N MET D 241 -33.90 -16.17 10.79
CA MET D 241 -33.09 -15.16 10.13
C MET D 241 -33.50 -13.78 10.62
N LEU D 242 -32.54 -13.05 11.22
CA LEU D 242 -32.85 -11.72 11.73
C LEU D 242 -33.30 -10.79 10.62
N ILE D 243 -32.61 -10.83 9.48
CA ILE D 243 -33.03 -10.09 8.29
C ILE D 243 -33.87 -11.05 7.44
N PRO D 244 -35.13 -10.73 7.16
CA PRO D 244 -36.01 -11.69 6.49
C PRO D 244 -35.50 -12.08 5.11
N LYS D 245 -35.84 -13.30 4.70
CA LYS D 245 -35.47 -13.80 3.38
C LYS D 245 -36.08 -12.95 2.28
N ALA D 246 -37.21 -12.31 2.54
CA ALA D 246 -37.90 -11.48 1.55
C ALA D 246 -37.27 -10.11 1.36
N TYR D 247 -36.17 -9.83 2.07
CA TYR D 247 -35.49 -8.54 1.95
C TYR D 247 -34.01 -8.74 1.65
N ALA D 248 -33.70 -9.73 0.82
CA ALA D 248 -32.33 -10.04 0.41
C ALA D 248 -31.42 -10.33 1.62
N GLY D 249 -31.95 -11.05 2.59
CA GLY D 249 -31.18 -11.49 3.72
C GLY D 249 -30.53 -12.83 3.46
N PRO D 250 -29.26 -12.97 3.84
CA PRO D 250 -28.54 -14.22 3.56
C PRO D 250 -29.20 -15.41 4.22
N PHE D 251 -29.21 -16.54 3.50
CA PHE D 251 -29.77 -17.80 3.99
C PHE D 251 -28.70 -18.56 4.79
N SER D 252 -28.26 -17.94 5.88
CA SER D 252 -27.10 -18.40 6.63
C SER D 252 -27.42 -18.46 8.12
N GLN D 253 -26.58 -19.18 8.85
CA GLN D 253 -26.63 -19.21 10.30
C GLN D 253 -25.80 -18.10 10.94
N HIS D 254 -25.00 -17.38 10.15
CA HIS D 254 -24.40 -16.15 10.62
C HIS D 254 -25.40 -15.00 10.68
N ASN D 255 -26.53 -15.14 10.00
CA ASN D 255 -27.62 -14.16 10.06
C ASN D 255 -28.59 -14.61 11.14
N TYR D 256 -28.16 -14.47 12.39
CA TYR D 256 -28.90 -15.01 13.52
C TYR D 256 -28.47 -14.28 14.79
N ARG D 257 -29.41 -14.09 15.69
CA ARG D 257 -29.14 -13.56 17.03
C ARG D 257 -29.98 -14.32 18.03
N GLN D 258 -29.36 -14.70 19.15
CA GLN D 258 -30.03 -15.53 20.14
C GLN D 258 -31.15 -14.76 20.82
N GLY D 259 -32.29 -15.41 21.00
CA GLY D 259 -33.44 -14.79 21.64
C GLY D 259 -34.36 -14.03 20.70
N TYR D 260 -34.00 -13.92 19.42
CA TYR D 260 -34.79 -13.18 18.45
C TYR D 260 -35.24 -14.10 17.32
N ALA D 261 -36.24 -13.64 16.58
CA ALA D 261 -36.79 -14.33 15.43
C ALA D 261 -36.73 -13.41 14.22
N THR D 262 -37.39 -13.82 13.13
CA THR D 262 -37.40 -13.01 11.92
C THR D 262 -38.12 -11.69 12.14
N GLN D 263 -37.53 -10.62 11.62
CA GLN D 263 -38.08 -9.27 11.79
C GLN D 263 -38.90 -8.89 10.56
N THR D 264 -40.04 -9.58 10.42
CA THR D 264 -40.88 -9.37 9.24
C THR D 264 -41.54 -8.01 9.25
N VAL D 265 -41.85 -7.46 10.42
CA VAL D 265 -42.64 -6.23 10.52
C VAL D 265 -41.76 -5.13 11.11
N GLY D 266 -40.46 -5.20 10.83
CA GLY D 266 -39.56 -4.17 11.28
C GLY D 266 -39.72 -2.90 10.46
N PRO D 267 -38.96 -1.86 10.83
CA PRO D 267 -39.07 -0.56 10.15
C PRO D 267 -38.33 -0.54 8.80
N TRP D 268 -38.79 -1.40 7.89
CA TRP D 268 -38.18 -1.51 6.58
C TRP D 268 -38.63 -0.41 5.62
N HIS D 269 -39.67 0.34 5.97
CA HIS D 269 -40.21 1.39 5.12
C HIS D 269 -39.33 2.64 5.09
N LEU D 270 -38.20 2.63 5.79
CA LEU D 270 -37.33 3.79 5.87
C LEU D 270 -36.28 3.84 4.77
N GLY D 271 -35.90 2.70 4.20
CA GLY D 271 -34.81 2.68 3.25
C GLY D 271 -33.48 2.49 3.94
N LYS D 272 -32.76 3.58 4.19
CA LYS D 272 -31.51 3.51 4.92
C LYS D 272 -31.76 3.01 6.34
N LEU D 273 -30.87 2.14 6.82
CA LEU D 273 -31.00 1.56 8.15
C LEU D 273 -29.62 1.28 8.71
N GLU D 274 -29.56 1.16 10.03
CA GLU D 274 -28.32 0.82 10.75
C GLU D 274 -28.73 -0.12 11.90
N ILE D 275 -28.60 -1.42 11.66
CA ILE D 275 -28.97 -2.42 12.66
C ILE D 275 -27.80 -2.62 13.61
N ASP D 276 -28.04 -2.39 14.90
CA ASP D 276 -27.05 -2.60 15.93
C ASP D 276 -27.77 -2.94 17.23
N PHE D 277 -27.02 -3.43 18.20
CA PHE D 277 -27.58 -3.92 19.45
C PHE D 277 -27.13 -3.02 20.59
N GLY D 278 -28.06 -2.24 21.11
CA GLY D 278 -27.75 -1.30 22.17
C GLY D 278 -29.01 -0.65 22.71
N GLU D 279 -28.81 0.46 23.41
CA GLU D 279 -29.91 1.21 24.01
C GLU D 279 -30.07 2.54 23.28
N CYS D 280 -31.30 2.87 22.92
CA CYS D 280 -31.60 4.19 22.40
C CYS D 280 -31.39 5.23 23.50
N PRO D 281 -31.05 6.47 23.14
CA PRO D 281 -30.74 7.47 24.17
C PRO D 281 -31.91 7.78 25.10
N GLY D 282 -31.75 7.44 26.38
CA GLY D 282 -32.74 7.75 27.38
C GLY D 282 -33.74 6.66 27.70
N THR D 283 -33.50 5.43 27.25
CA THR D 283 -34.44 4.33 27.44
C THR D 283 -33.77 3.18 28.19
N THR D 284 -34.60 2.21 28.58
CA THR D 284 -34.12 1.02 29.26
C THR D 284 -35.07 -0.14 28.99
N VAL D 285 -34.52 -1.34 28.92
CA VAL D 285 -35.29 -2.55 28.64
C VAL D 285 -34.97 -3.59 29.72
N THR D 286 -36.01 -4.23 30.24
CA THR D 286 -35.86 -5.23 31.30
C THR D 286 -36.59 -6.51 30.90
N ILE D 287 -36.07 -7.63 31.38
CA ILE D 287 -36.64 -8.94 31.06
C ILE D 287 -37.81 -9.20 32.00
N GLN D 288 -38.99 -9.43 31.43
CA GLN D 288 -40.18 -9.71 32.22
C GLN D 288 -41.02 -10.76 31.53
N GLU D 289 -41.48 -11.76 32.28
CA GLU D 289 -42.31 -12.82 31.72
C GLU D 289 -43.75 -12.39 31.48
N ASP D 290 -44.22 -11.35 32.17
CA ASP D 290 -45.59 -10.91 32.02
C ASP D 290 -45.81 -10.01 30.80
N CYS D 291 -44.75 -9.65 30.10
CA CYS D 291 -44.89 -8.80 28.92
C CYS D 291 -45.67 -9.50 27.82
N ASP D 292 -46.42 -8.73 27.05
CA ASP D 292 -47.25 -9.28 25.99
C ASP D 292 -46.39 -9.76 24.82
N HIS D 293 -47.05 -10.34 23.83
CA HIS D 293 -46.36 -10.98 22.71
C HIS D 293 -45.74 -9.93 21.79
N ARG D 294 -45.04 -10.41 20.77
CA ARG D 294 -44.34 -9.56 19.83
C ARG D 294 -45.31 -9.04 18.76
N GLY D 295 -44.98 -7.85 18.23
CA GLY D 295 -45.80 -7.22 17.22
C GLY D 295 -45.00 -6.28 16.35
N PRO D 296 -45.68 -5.32 15.72
CA PRO D 296 -44.98 -4.37 14.85
C PRO D 296 -43.98 -3.52 15.62
N SER D 297 -42.90 -3.15 14.93
CA SER D 297 -41.88 -2.32 15.54
C SER D 297 -42.41 -0.93 15.84
N LEU D 298 -41.89 -0.31 16.89
CA LEU D 298 -42.36 0.99 17.36
C LEU D 298 -41.17 1.93 17.56
N ARG D 299 -41.43 3.22 17.39
CA ARG D 299 -40.44 4.25 17.60
C ARG D 299 -40.46 4.72 19.05
N THR D 300 -39.29 5.13 19.54
CA THR D 300 -39.16 5.60 20.92
C THR D 300 -39.67 7.02 21.10
N THR D 301 -40.00 7.72 20.02
CA THR D 301 -40.54 9.07 20.08
C THR D 301 -41.95 9.06 19.50
N THR D 302 -42.91 9.59 20.26
CA THR D 302 -44.30 9.58 19.82
C THR D 302 -44.50 10.61 18.72
N ALA D 303 -45.75 10.68 18.23
CA ALA D 303 -46.07 11.63 17.16
C ALA D 303 -45.90 13.07 17.64
N SER D 304 -46.34 13.37 18.86
CA SER D 304 -46.18 14.72 19.39
C SER D 304 -44.70 15.07 19.58
N GLY D 305 -43.92 14.14 20.11
CA GLY D 305 -42.49 14.37 20.28
C GLY D 305 -41.95 13.92 21.62
N LYS D 306 -42.83 13.44 22.50
CA LYS D 306 -42.38 13.00 23.82
C LYS D 306 -41.63 11.68 23.71
N LEU D 307 -40.85 11.37 24.74
CA LEU D 307 -40.00 10.20 24.78
C LEU D 307 -40.64 9.12 25.65
N VAL D 308 -40.56 7.87 25.19
CA VAL D 308 -41.01 6.72 25.95
C VAL D 308 -39.80 6.10 26.63
N THR D 309 -39.86 5.99 27.96
CA THR D 309 -38.68 5.63 28.75
C THR D 309 -38.59 4.17 29.12
N GLN D 310 -39.69 3.54 29.52
CA GLN D 310 -39.67 2.18 30.05
C GLN D 310 -40.15 1.20 29.00
N TRP D 311 -39.32 0.17 28.74
CA TRP D 311 -39.66 -0.90 27.83
C TRP D 311 -39.34 -2.24 28.47
N CYS D 312 -39.92 -3.30 27.92
CA CYS D 312 -39.68 -4.64 28.42
C CYS D 312 -39.98 -5.65 27.33
N CYS D 313 -39.20 -6.73 27.29
CA CYS D 313 -39.44 -7.85 26.40
C CYS D 313 -39.81 -9.08 27.22
N ARG D 314 -40.19 -10.15 26.51
CA ARG D 314 -40.65 -11.36 27.17
C ARG D 314 -39.52 -12.36 27.40
N SER D 315 -38.84 -12.77 26.33
CA SER D 315 -37.74 -13.72 26.45
C SER D 315 -36.59 -13.35 25.52
N CYS D 316 -36.37 -12.05 25.31
CA CYS D 316 -35.29 -11.60 24.44
C CYS D 316 -33.96 -11.66 25.18
N THR D 317 -32.90 -11.16 24.56
CA THR D 317 -31.57 -11.16 25.15
C THR D 317 -30.99 -9.75 25.08
N MET D 318 -30.21 -9.37 26.10
CA MET D 318 -29.66 -8.03 26.13
C MET D 318 -28.25 -8.02 25.54
N PRO D 319 -27.84 -6.91 24.90
CA PRO D 319 -28.58 -5.66 24.64
C PRO D 319 -29.69 -5.82 23.59
N PRO D 320 -30.72 -4.99 23.63
CA PRO D 320 -31.86 -5.17 22.74
C PRO D 320 -31.55 -4.78 21.30
N LEU D 321 -32.34 -5.34 20.39
CA LEU D 321 -32.23 -5.02 18.97
C LEU D 321 -32.67 -3.59 18.73
N ARG D 322 -31.89 -2.85 17.94
CA ARG D 322 -32.11 -1.43 17.74
C ARG D 322 -31.91 -1.07 16.28
N PHE D 323 -32.87 -0.33 15.72
CA PHE D 323 -32.78 0.20 14.37
C PHE D 323 -32.58 1.71 14.42
N LEU D 324 -31.66 2.21 13.61
CA LEU D 324 -31.38 3.64 13.54
C LEU D 324 -31.72 4.15 12.14
N GLY D 325 -32.56 5.19 12.09
CA GLY D 325 -32.93 5.79 10.82
C GLY D 325 -32.95 7.30 10.87
N GLU D 326 -33.44 7.95 9.81
CA GLU D 326 -33.54 9.40 9.81
C GLU D 326 -34.68 9.89 10.70
N ASP D 327 -35.71 9.05 10.91
CA ASP D 327 -36.81 9.43 11.80
C ASP D 327 -36.34 9.51 13.24
N GLY D 328 -35.62 8.49 13.69
CA GLY D 328 -35.18 8.42 15.07
C GLY D 328 -34.59 7.08 15.44
N CYS D 329 -35.04 6.52 16.56
CA CYS D 329 -34.54 5.25 17.08
C CYS D 329 -35.71 4.28 17.23
N TRP D 330 -35.52 3.05 16.78
CA TRP D 330 -36.57 2.03 16.82
C TRP D 330 -36.09 0.81 17.58
N TYR D 331 -37.05 -0.04 17.95
CA TYR D 331 -36.81 -1.32 18.59
C TYR D 331 -37.35 -2.46 17.77
N GLY D 332 -36.89 -3.67 18.09
CA GLY D 332 -37.33 -4.86 17.40
C GLY D 332 -38.74 -5.26 17.78
N MET D 333 -39.22 -6.31 17.11
CA MET D 333 -40.59 -6.77 17.32
C MET D 333 -40.80 -7.34 18.71
N GLU D 334 -39.75 -7.77 19.40
CA GLU D 334 -39.88 -8.41 20.70
C GLU D 334 -39.96 -7.42 21.85
N ILE D 335 -39.31 -6.27 21.74
CA ILE D 335 -39.35 -5.27 22.81
C ILE D 335 -40.67 -4.51 22.72
N ARG D 336 -41.40 -4.47 23.82
CA ARG D 336 -42.72 -3.87 23.88
C ARG D 336 -42.72 -2.66 24.82
N PRO D 337 -43.59 -1.68 24.57
CA PRO D 337 -43.65 -0.52 25.46
C PRO D 337 -44.40 -0.83 26.75
N LEU D 338 -43.87 -0.30 27.85
CA LEU D 338 -44.42 -0.53 29.17
C LEU D 338 -44.99 0.72 29.82
N SER D 339 -44.64 1.91 29.31
CA SER D 339 -44.96 3.15 30.00
C SER D 339 -45.86 4.08 29.20
N GLU D 340 -46.12 3.80 27.92
CA GLU D 340 -46.79 4.83 27.12
C GLU D 340 -47.91 4.32 26.23
N LYS D 341 -48.72 3.34 26.66
CA LYS D 341 -50.04 3.16 26.06
C LYS D 341 -49.99 2.93 24.55
N GLU D 342 -49.56 1.74 24.13
CA GLU D 342 -49.13 1.46 22.76
C GLU D 342 -50.14 1.86 21.69
N GLU D 343 -51.35 2.27 22.09
CA GLU D 343 -52.35 2.79 21.16
C GLU D 343 -52.14 4.31 21.00
N ASN D 344 -50.91 4.75 21.24
CA ASN D 344 -50.57 6.16 21.14
C ASN D 344 -49.19 6.36 20.51
N MET D 345 -48.66 5.33 19.87
CA MET D 345 -47.28 5.33 19.40
C MET D 345 -47.22 5.06 17.90
N VAL D 346 -46.14 5.55 17.28
CA VAL D 346 -45.93 5.33 15.86
C VAL D 346 -45.44 3.90 15.65
N LYS D 347 -46.04 3.22 14.67
CA LYS D 347 -45.70 1.84 14.35
C LYS D 347 -45.20 1.74 12.92
N SER D 348 -44.58 0.61 12.61
CA SER D 348 -44.02 0.41 11.28
C SER D 348 -45.14 0.33 10.23
N GLN D 349 -44.90 0.98 9.09
CA GLN D 349 -45.87 0.99 7.99
C GLN D 349 -45.88 -0.32 7.22
N VAL D 350 -44.93 -1.23 7.48
CA VAL D 350 -44.93 -2.51 6.80
C VAL D 350 -46.17 -3.30 7.20
N SER D 351 -46.71 -4.06 6.25
CA SER D 351 -47.91 -4.85 6.51
C SER D 351 -47.67 -5.84 7.64
N ALA D 352 -48.62 -5.89 8.58
CA ALA D 352 -48.49 -6.76 9.75
C ALA D 352 -49.05 -8.16 9.46
N ASP E 1 0.02 3.31 14.95
CA ASP E 1 0.14 3.57 13.53
C ASP E 1 1.08 2.58 12.87
N THR E 2 0.52 1.51 12.31
CA THR E 2 1.31 0.48 11.64
C THR E 2 1.51 0.85 10.18
N GLY E 3 2.77 0.85 9.74
CA GLY E 3 3.06 1.19 8.36
C GLY E 3 4.55 1.23 8.12
N CYS E 4 4.92 1.63 6.92
CA CYS E 4 6.30 1.72 6.48
C CYS E 4 6.64 3.15 6.12
N ALA E 5 7.91 3.51 6.30
CA ALA E 5 8.36 4.86 6.01
C ALA E 5 9.81 4.83 5.53
N VAL E 6 10.13 5.76 4.64
CA VAL E 6 11.50 5.92 4.13
C VAL E 6 12.19 6.98 4.95
N SER E 7 13.43 6.69 5.37
CA SER E 7 14.15 7.57 6.29
C SER E 7 14.41 8.93 5.65
N TRP E 8 14.94 9.86 6.48
CA TRP E 8 15.19 11.21 6.02
C TRP E 8 16.18 11.24 4.86
N SER E 9 17.21 10.40 4.91
CA SER E 9 18.23 10.37 3.87
C SER E 9 17.75 9.69 2.59
N GLY E 10 16.64 8.97 2.63
CA GLY E 10 16.11 8.33 1.45
C GLY E 10 16.84 7.08 1.02
N LYS E 11 17.77 6.58 1.81
CA LYS E 11 18.56 5.40 1.48
C LYS E 11 18.07 4.14 2.19
N GLU E 12 16.91 4.20 2.83
CA GLU E 12 16.51 3.14 3.75
C GLU E 12 14.99 2.94 3.66
N LEU E 13 14.50 1.98 4.44
CA LEU E 13 13.08 1.67 4.50
C LEU E 13 12.83 0.90 5.79
N LYS E 14 11.93 1.40 6.64
CA LYS E 14 11.64 0.78 7.92
C LYS E 14 10.14 0.64 8.12
N CYS E 15 9.73 -0.49 8.68
CA CYS E 15 8.32 -0.76 8.97
C CYS E 15 8.18 -1.15 10.44
N GLY E 16 7.05 -0.76 11.03
CA GLY E 16 6.81 -1.07 12.42
C GLY E 16 5.53 -0.43 12.90
N SER E 17 5.37 -0.40 14.23
CA SER E 17 4.20 0.16 14.88
C SER E 17 4.64 1.28 15.83
N GLY E 18 3.85 2.35 15.86
CA GLY E 18 4.15 3.47 16.74
C GLY E 18 3.25 4.65 16.51
N ILE E 19 3.82 5.85 16.45
CA ILE E 19 3.09 7.08 16.18
C ILE E 19 3.75 7.80 15.02
N PHE E 20 2.96 8.12 14.00
CA PHE E 20 3.44 8.80 12.80
C PHE E 20 2.83 10.19 12.76
N VAL E 21 3.67 11.21 12.90
CA VAL E 21 3.24 12.60 12.88
C VAL E 21 3.43 13.13 11.46
N ILE E 22 2.33 13.38 10.76
CA ILE E 22 2.35 13.74 9.35
C ILE E 22 2.10 15.24 9.22
N ASP E 23 2.81 15.86 8.28
CA ASP E 23 2.63 17.27 7.98
C ASP E 23 1.29 17.49 7.29
N ASN E 24 0.46 18.36 7.85
CA ASN E 24 -0.84 18.71 7.27
C ASN E 24 -0.84 20.08 6.60
N VAL E 25 0.33 20.68 6.42
CA VAL E 25 0.46 21.97 5.77
C VAL E 25 0.82 21.82 4.30
N HIS E 26 1.77 20.96 3.98
CA HIS E 26 2.17 20.65 2.61
C HIS E 26 1.81 19.18 2.38
N THR E 27 0.57 18.92 2.01
CA THR E 27 0.08 17.55 1.89
C THR E 27 -0.74 17.34 0.61
N TRP E 28 -0.24 17.77 -0.54
CA TRP E 28 -0.84 17.44 -1.84
C TRP E 28 -2.24 18.01 -1.96
N THR E 29 -3.20 17.43 -1.22
CA THR E 29 -4.58 17.88 -1.20
C THR E 29 -5.08 17.87 0.23
N GLU E 30 -6.13 18.66 0.49
CA GLU E 30 -6.68 18.76 1.83
C GLU E 30 -7.13 17.40 2.33
N GLN E 31 -6.79 17.10 3.59
CA GLN E 31 -7.00 15.76 4.14
C GLN E 31 -8.08 15.70 5.21
N TYR E 32 -8.49 16.82 5.78
CA TYR E 32 -9.46 16.82 6.86
C TYR E 32 -10.57 17.82 6.57
N LYS E 33 -11.74 17.55 7.15
CA LYS E 33 -12.93 18.36 6.90
C LYS E 33 -13.80 18.32 8.14
N PHE E 34 -14.11 19.50 8.69
CA PHE E 34 -14.92 19.58 9.89
C PHE E 34 -16.38 19.27 9.58
N GLN E 35 -17.06 18.64 10.55
CA GLN E 35 -18.47 18.31 10.42
C GLN E 35 -19.20 18.81 11.66
N PRO E 36 -20.27 19.61 11.50
CA PRO E 36 -20.98 20.13 12.68
C PRO E 36 -21.85 19.08 13.34
N GLU E 37 -22.61 19.49 14.35
CA GLU E 37 -23.45 18.55 15.09
C GLU E 37 -24.73 18.22 14.33
N SER E 38 -25.57 19.23 14.13
CA SER E 38 -26.84 19.08 13.41
C SER E 38 -27.46 20.45 13.18
N PRO E 39 -28.24 20.64 12.11
CA PRO E 39 -28.86 21.95 11.87
C PRO E 39 -29.82 22.37 12.97
N ALA E 40 -30.52 21.42 13.59
CA ALA E 40 -31.49 21.78 14.63
C ALA E 40 -30.79 22.25 15.90
N ARG E 41 -29.72 21.57 16.30
CA ARG E 41 -29.03 21.93 17.54
C ARG E 41 -28.32 23.28 17.41
N LEU E 42 -27.67 23.53 16.28
CA LEU E 42 -26.91 24.76 16.11
C LEU E 42 -27.83 25.98 16.12
N ALA E 43 -28.99 25.88 15.45
CA ALA E 43 -29.94 26.98 15.46
C ALA E 43 -30.46 27.24 16.87
N SER E 44 -30.74 26.17 17.61
CA SER E 44 -31.18 26.34 18.99
C SER E 44 -30.12 27.04 19.84
N ALA E 45 -28.86 26.66 19.66
CA ALA E 45 -27.78 27.32 20.39
C ALA E 45 -27.67 28.79 20.01
N ILE E 46 -27.83 29.08 18.71
CA ILE E 46 -27.74 30.46 18.25
C ILE E 46 -28.86 31.31 18.87
N LEU E 47 -30.08 30.78 18.90
CA LEU E 47 -31.18 31.50 19.55
C LEU E 47 -30.92 31.69 21.05
N ASN E 48 -30.49 30.63 21.74
CA ASN E 48 -30.27 30.74 23.18
C ASN E 48 -29.10 31.67 23.51
N ALA E 49 -28.17 31.87 22.59
CA ALA E 49 -27.09 32.82 22.81
C ALA E 49 -27.50 34.25 22.46
N HIS E 50 -28.23 34.43 21.36
CA HIS E 50 -28.72 35.77 21.01
C HIS E 50 -29.73 36.29 22.02
N GLU E 51 -30.41 35.40 22.74
CA GLU E 51 -31.28 35.80 23.83
C GLU E 51 -30.50 36.32 25.04
N ASP E 52 -29.18 36.14 25.07
CA ASP E 52 -28.36 36.56 26.19
C ASP E 52 -27.41 37.70 25.87
N GLY E 53 -27.20 38.03 24.60
CA GLY E 53 -26.35 39.16 24.26
C GLY E 53 -25.30 38.88 23.21
N VAL E 54 -25.03 37.61 22.93
CA VAL E 54 -24.02 37.25 21.94
C VAL E 54 -24.49 37.66 20.56
N CYS E 55 -23.62 38.36 19.82
CA CYS E 55 -23.97 38.88 18.51
C CYS E 55 -23.06 38.38 17.39
N GLY E 56 -22.34 37.28 17.60
CA GLY E 56 -21.51 36.75 16.54
C GLY E 56 -20.62 35.63 17.03
N ILE E 57 -19.74 35.20 16.13
CA ILE E 57 -18.79 34.11 16.40
C ILE E 57 -17.44 34.47 15.78
N ARG E 58 -16.37 34.24 16.52
CA ARG E 58 -15.01 34.26 16.00
C ARG E 58 -14.50 32.83 15.83
N SER E 59 -13.92 32.54 14.69
CA SER E 59 -13.36 31.21 14.44
C SER E 59 -12.04 31.06 15.19
N THR E 60 -11.72 29.81 15.52
CA THR E 60 -10.46 29.46 16.18
C THR E 60 -9.41 28.96 15.20
N THR E 61 -9.82 28.14 14.24
CA THR E 61 -8.95 27.66 13.17
C THR E 61 -9.59 28.01 11.82
N ARG E 62 -8.81 27.84 10.76
CA ARG E 62 -9.31 28.16 9.43
C ARG E 62 -10.08 26.99 8.81
N LEU E 63 -10.08 25.83 9.44
CA LEU E 63 -10.95 24.73 9.04
C LEU E 63 -12.36 24.87 9.59
N GLU E 64 -12.56 25.73 10.60
CA GLU E 64 -13.89 26.02 11.13
C GLU E 64 -14.59 27.11 10.34
N ASN E 65 -13.83 28.05 9.76
CA ASN E 65 -14.42 29.06 8.91
C ASN E 65 -15.05 28.45 7.67
N ILE E 66 -14.38 27.45 7.09
CA ILE E 66 -14.95 26.75 5.93
C ILE E 66 -16.25 26.06 6.30
N MET E 67 -16.28 25.43 7.48
CA MET E 67 -17.52 24.77 7.94
C MET E 67 -18.64 25.79 8.11
N TRP E 68 -18.34 26.93 8.74
CA TRP E 68 -19.36 27.96 8.92
C TRP E 68 -19.88 28.47 7.58
N LYS E 69 -18.97 28.76 6.65
CA LYS E 69 -19.37 29.23 5.33
C LYS E 69 -20.15 28.22 4.54
N GLN E 70 -19.90 26.92 4.70
CA GLN E 70 -20.65 25.92 3.95
C GLN E 70 -21.92 25.44 4.65
N ILE E 71 -22.12 25.74 5.93
CA ILE E 71 -23.35 25.37 6.62
C ILE E 71 -24.20 26.58 7.00
N THR E 72 -23.80 27.79 6.62
CA THR E 72 -24.63 28.94 6.96
C THR E 72 -25.93 29.03 6.15
N ASN E 73 -26.36 28.04 5.37
CA ASN E 73 -27.60 28.13 4.60
C ASN E 73 -28.73 27.33 5.22
N GLU E 74 -28.47 26.08 5.61
CA GLU E 74 -29.49 25.31 6.32
C GLU E 74 -29.84 25.92 7.66
N LEU E 75 -28.90 26.62 8.30
CA LEU E 75 -29.22 27.35 9.52
C LEU E 75 -30.27 28.41 9.24
N ASN E 76 -30.08 29.18 8.17
CA ASN E 76 -31.08 30.18 7.79
C ASN E 76 -32.40 29.53 7.41
N TYR E 77 -32.34 28.36 6.77
CA TYR E 77 -33.58 27.63 6.47
C TYR E 77 -34.35 27.28 7.74
N VAL E 78 -33.64 26.77 8.74
CA VAL E 78 -34.28 26.40 10.00
C VAL E 78 -34.85 27.64 10.68
N LEU E 79 -34.10 28.74 10.68
CA LEU E 79 -34.59 29.97 11.31
C LEU E 79 -35.81 30.52 10.60
N TRP E 80 -35.83 30.45 9.26
CA TRP E 80 -36.99 30.95 8.52
C TRP E 80 -38.20 30.07 8.73
N GLU E 81 -38.02 28.75 8.77
CA GLU E 81 -39.14 27.85 8.98
C GLU E 81 -39.61 27.81 10.43
N GLY E 82 -38.81 28.32 11.36
CA GLY E 82 -39.23 28.38 12.75
C GLY E 82 -40.14 29.55 13.05
N GLY E 83 -40.18 30.52 12.14
CA GLY E 83 -41.01 31.69 12.31
C GLY E 83 -40.27 32.86 12.93
N HIS E 84 -39.43 32.57 13.92
CA HIS E 84 -38.63 33.61 14.54
C HIS E 84 -37.65 34.21 13.54
N ASP E 85 -37.49 35.53 13.58
CA ASP E 85 -36.70 36.26 12.61
C ASP E 85 -35.26 36.42 13.12
N LEU E 86 -34.32 35.81 12.40
CA LEU E 86 -32.90 35.96 12.68
C LEU E 86 -32.10 35.47 11.47
N THR E 87 -31.20 36.30 10.96
CA THR E 87 -30.41 35.94 9.79
C THR E 87 -28.94 35.77 10.19
N VAL E 88 -28.26 34.89 9.48
CA VAL E 88 -26.85 34.56 9.75
C VAL E 88 -26.06 34.84 8.48
N VAL E 89 -25.01 35.65 8.61
CA VAL E 89 -24.11 35.97 7.49
C VAL E 89 -22.72 35.48 7.85
N ALA E 90 -22.08 34.78 6.93
CA ALA E 90 -20.76 34.21 7.15
C ALA E 90 -19.75 34.96 6.29
N GLY E 91 -18.84 35.66 6.94
CA GLY E 91 -17.79 36.40 6.26
C GLY E 91 -16.54 35.57 6.09
N ASP E 92 -15.44 36.27 5.83
CA ASP E 92 -14.13 35.66 5.65
C ASP E 92 -13.22 36.06 6.82
N VAL E 93 -11.95 35.67 6.73
CA VAL E 93 -10.96 35.92 7.77
C VAL E 93 -9.87 36.81 7.19
N LYS E 94 -9.47 37.83 7.94
CA LYS E 94 -8.41 38.75 7.54
C LYS E 94 -7.30 38.71 8.59
N GLY E 95 -6.11 38.27 8.18
CA GLY E 95 -4.97 38.29 9.09
C GLY E 95 -5.13 37.31 10.23
N VAL E 96 -4.94 37.81 11.44
CA VAL E 96 -4.94 36.97 12.64
C VAL E 96 -6.38 36.64 13.03
N LEU E 97 -6.59 35.40 13.47
CA LEU E 97 -7.87 34.94 13.99
C LEU E 97 -8.02 35.49 15.41
N SER E 98 -8.72 36.62 15.53
CA SER E 98 -8.84 37.30 16.81
C SER E 98 -9.64 36.47 17.80
N LYS E 99 -9.63 36.92 19.05
CA LYS E 99 -10.20 36.18 20.17
C LYS E 99 -11.46 36.87 20.68
N GLY E 100 -12.50 36.08 20.92
CA GLY E 100 -13.72 36.57 21.52
C GLY E 100 -13.77 36.27 23.02
N LYS E 101 -14.81 36.81 23.66
CA LYS E 101 -14.97 36.68 25.10
C LYS E 101 -16.23 35.92 25.50
N ARG E 102 -16.98 35.37 24.54
CA ARG E 102 -18.20 34.64 24.81
C ARG E 102 -18.08 33.22 24.26
N ALA E 103 -19.14 32.43 24.46
CA ALA E 103 -19.15 31.06 23.99
C ALA E 103 -20.60 30.58 23.88
N LEU E 104 -20.86 29.75 22.88
CA LEU E 104 -22.20 29.18 22.70
C LEU E 104 -22.41 28.04 23.70
N ALA E 105 -23.50 28.10 24.44
CA ALA E 105 -23.77 27.01 25.37
C ALA E 105 -24.61 25.93 24.70
N PRO E 106 -24.46 24.68 25.11
CA PRO E 106 -25.28 23.60 24.55
C PRO E 106 -26.75 23.85 24.80
N PRO E 107 -27.61 23.56 23.83
CA PRO E 107 -29.04 23.80 24.01
C PRO E 107 -29.68 22.79 24.96
N VAL E 108 -30.76 23.22 25.58
CA VAL E 108 -31.57 22.35 26.42
C VAL E 108 -32.77 21.79 25.66
N ASN E 109 -33.42 22.63 24.85
CA ASN E 109 -34.49 22.20 23.97
C ASN E 109 -33.96 22.09 22.54
N ASP E 110 -34.86 21.86 21.58
CA ASP E 110 -34.45 21.71 20.19
C ASP E 110 -35.58 22.23 19.30
N LEU E 111 -35.23 22.51 18.05
CA LEU E 111 -36.16 22.98 17.04
C LEU E 111 -36.55 21.82 16.12
N LYS E 112 -37.83 21.74 15.77
CA LYS E 112 -38.32 20.65 14.94
C LYS E 112 -37.68 20.69 13.57
N TYR E 113 -37.37 19.51 13.04
CA TYR E 113 -36.74 19.37 11.73
C TYR E 113 -37.03 17.97 11.20
N SER E 114 -36.70 17.75 9.93
CA SER E 114 -36.94 16.48 9.28
C SER E 114 -35.70 15.81 8.73
N TRP E 115 -34.52 16.39 8.94
CA TRP E 115 -33.27 15.83 8.43
C TRP E 115 -32.22 15.80 9.53
N LYS E 116 -31.37 14.78 9.50
CA LYS E 116 -30.23 14.68 10.40
C LYS E 116 -28.91 14.99 9.70
N THR E 117 -28.96 15.38 8.42
CA THR E 117 -27.76 15.68 7.66
C THR E 117 -27.85 17.08 7.04
N TRP E 118 -26.92 17.41 6.16
CA TRP E 118 -26.86 18.73 5.53
C TRP E 118 -26.90 18.59 4.02
N GLY E 119 -27.64 19.50 3.37
CA GLY E 119 -27.64 19.56 1.92
C GLY E 119 -28.99 19.32 1.27
N LYS E 120 -30.07 19.60 1.98
CA LYS E 120 -31.42 19.34 1.47
C LYS E 120 -32.38 20.41 1.96
N ALA E 121 -33.47 20.59 1.21
CA ALA E 121 -34.61 21.41 1.59
C ALA E 121 -34.19 22.87 1.85
N LYS E 122 -33.75 23.51 0.76
CA LYS E 122 -33.40 24.92 0.79
C LYS E 122 -33.92 25.58 -0.49
N ILE E 123 -34.45 26.79 -0.36
CA ILE E 123 -34.86 27.51 -1.58
C ILE E 123 -33.96 28.72 -1.80
N PHE E 124 -34.14 29.78 -1.00
CA PHE E 124 -33.12 30.81 -0.92
C PHE E 124 -33.05 31.43 0.48
N THR E 125 -34.11 31.24 1.27
CA THR E 125 -34.34 31.97 2.51
C THR E 125 -34.13 33.47 2.32
N PRO E 126 -35.04 34.16 1.61
CA PRO E 126 -34.84 35.59 1.28
C PRO E 126 -35.31 36.53 2.39
N GLU E 127 -34.76 36.35 3.60
CA GLU E 127 -35.13 37.18 4.73
C GLU E 127 -33.90 37.53 5.56
N ALA E 128 -33.68 38.82 5.78
CA ALA E 128 -32.64 39.30 6.69
C ALA E 128 -33.23 40.10 7.85
N LYS E 129 -33.98 41.16 7.56
CA LYS E 129 -34.69 41.96 8.56
C LYS E 129 -33.73 42.49 9.64
N ASN E 130 -32.53 42.87 9.23
CA ASN E 130 -31.54 43.64 10.01
C ASN E 130 -31.20 43.01 11.36
N SER E 131 -31.58 41.75 11.60
CA SER E 131 -31.20 41.02 12.80
C SER E 131 -30.12 40.02 12.39
N THR E 132 -28.88 40.48 12.37
CA THR E 132 -27.77 39.75 11.77
C THR E 132 -26.91 39.08 12.84
N PHE E 133 -26.57 37.81 12.61
CA PHE E 133 -25.58 37.08 13.39
C PHE E 133 -24.33 36.98 12.54
N LEU E 134 -23.32 37.78 12.86
CA LEU E 134 -22.13 37.91 12.02
C LEU E 134 -21.09 36.88 12.44
N ILE E 135 -20.73 36.00 11.53
CA ILE E 135 -19.70 34.99 11.76
C ILE E 135 -18.42 35.49 11.08
N ASP E 136 -17.39 35.74 11.88
CA ASP E 136 -16.08 36.22 11.41
C ASP E 136 -16.30 37.57 10.70
N GLY E 137 -15.64 37.80 9.57
CA GLY E 137 -15.77 39.06 8.86
C GLY E 137 -14.71 40.06 9.29
N PRO E 138 -14.93 41.32 8.97
CA PRO E 138 -13.98 42.36 9.35
C PRO E 138 -14.24 42.86 10.77
N ASP E 139 -13.30 43.66 11.26
CA ASP E 139 -13.37 44.20 12.62
C ASP E 139 -14.26 45.44 12.59
N THR E 140 -15.57 45.24 12.81
CA THR E 140 -16.52 46.34 12.83
C THR E 140 -16.63 46.88 14.25
N SER E 141 -17.61 47.76 14.49
CA SER E 141 -17.83 48.35 15.80
C SER E 141 -19.21 48.08 16.38
N GLU E 142 -20.16 47.60 15.58
CA GLU E 142 -21.50 47.31 16.09
C GLU E 142 -21.52 46.10 17.01
N CYS E 143 -20.71 45.08 16.72
CA CYS E 143 -20.62 43.87 17.53
C CYS E 143 -19.14 43.62 17.82
N PRO E 144 -18.60 44.24 18.86
CA PRO E 144 -17.18 44.12 19.15
C PRO E 144 -16.83 42.72 19.66
N ASN E 145 -15.52 42.46 19.71
CA ASN E 145 -15.02 41.16 20.16
C ASN E 145 -15.31 40.88 21.62
N GLU E 146 -15.63 41.91 22.41
CA GLU E 146 -15.99 41.71 23.82
C GLU E 146 -17.35 41.06 23.99
N ARG E 147 -18.14 40.95 22.93
CA ARG E 147 -19.49 40.39 22.99
C ARG E 147 -19.71 39.43 21.83
N ARG E 148 -18.71 38.58 21.57
CA ARG E 148 -18.74 37.68 20.42
C ARG E 148 -18.12 36.34 20.80
N ALA E 149 -18.77 35.25 20.40
CA ALA E 149 -18.38 33.92 20.84
C ALA E 149 -17.08 33.47 20.17
N TRP E 150 -16.39 32.54 20.84
CA TRP E 150 -15.10 32.05 20.38
C TRP E 150 -14.71 30.81 21.18
N ASN E 151 -14.17 29.82 20.48
CA ASN E 151 -13.59 28.61 21.09
C ASN E 151 -14.63 27.87 21.94
N PHE E 152 -15.65 27.35 21.24
CA PHE E 152 -16.73 26.62 21.88
C PHE E 152 -16.95 25.23 21.30
N LEU E 153 -16.06 24.75 20.44
CA LEU E 153 -16.22 23.45 19.80
C LEU E 153 -15.02 22.56 20.12
N GLU E 154 -15.28 21.25 20.13
CA GLU E 154 -14.23 20.26 20.36
C GLU E 154 -14.55 19.00 19.57
N VAL E 155 -13.52 18.21 19.32
CA VAL E 155 -13.63 17.03 18.46
C VAL E 155 -14.32 15.91 19.23
N GLU E 156 -15.30 15.27 18.57
CA GLU E 156 -15.96 14.10 19.11
C GLU E 156 -15.21 12.82 18.74
N ASP E 157 -15.03 12.58 17.45
CA ASP E 157 -14.25 11.44 16.96
C ASP E 157 -13.86 11.72 15.52
N TYR E 158 -12.96 10.90 14.99
CA TYR E 158 -12.49 10.99 13.62
C TYR E 158 -13.32 10.07 12.72
N GLY E 159 -13.20 10.31 11.42
CA GLY E 159 -13.93 9.56 10.42
C GLY E 159 -13.11 8.45 9.81
N PHE E 160 -13.43 8.11 8.57
CA PHE E 160 -12.72 7.09 7.82
C PHE E 160 -12.31 7.64 6.46
N GLY E 161 -11.29 7.03 5.88
CA GLY E 161 -10.88 7.42 4.54
C GLY E 161 -9.38 7.42 4.32
N MET E 162 -8.96 7.79 3.12
CA MET E 162 -7.55 7.86 2.75
C MET E 162 -7.12 9.24 2.30
N PHE E 163 -7.96 9.93 1.53
CA PHE E 163 -7.63 11.23 0.97
C PHE E 163 -8.32 12.37 1.70
N THR E 164 -9.60 12.22 2.04
CA THR E 164 -10.32 13.21 2.81
C THR E 164 -11.07 12.49 3.94
N THR E 165 -10.89 12.99 5.16
CA THR E 165 -11.50 12.39 6.34
C THR E 165 -12.29 13.45 7.08
N ASN E 166 -13.44 13.04 7.61
CA ASN E 166 -14.34 13.93 8.32
C ASN E 166 -14.00 13.93 9.81
N ILE E 167 -14.11 15.10 10.43
CA ILE E 167 -13.92 15.25 11.87
C ILE E 167 -15.24 15.75 12.45
N TRP E 168 -15.78 15.01 13.40
CA TRP E 168 -17.07 15.32 14.00
C TRP E 168 -16.87 16.18 15.24
N MET E 169 -17.47 17.36 15.24
CA MET E 169 -17.30 18.31 16.32
C MET E 169 -18.52 18.33 17.23
N LYS E 170 -18.32 18.78 18.47
CA LYS E 170 -19.39 18.87 19.45
C LYS E 170 -19.12 20.06 20.37
N PHE E 171 -20.18 20.52 21.03
CA PHE E 171 -20.08 21.69 21.88
C PHE E 171 -19.27 21.39 23.13
N ARG E 172 -18.49 22.37 23.56
CA ARG E 172 -17.76 22.27 24.81
C ARG E 172 -18.70 22.43 26.00
N GLU E 173 -18.26 21.93 27.15
CA GLU E 173 -19.05 22.07 28.37
C GLU E 173 -18.70 23.32 29.16
N GLY E 174 -17.44 23.75 29.13
CA GLY E 174 -17.04 24.93 29.84
C GLY E 174 -16.07 25.76 29.02
N SER E 175 -15.97 27.04 29.37
CA SER E 175 -15.09 27.95 28.67
C SER E 175 -13.63 27.62 28.95
N SER E 176 -12.79 27.79 27.93
CA SER E 176 -11.36 27.53 28.06
C SER E 176 -10.62 28.31 26.99
N GLU E 177 -9.43 28.81 27.34
CA GLU E 177 -8.59 29.56 26.42
C GLU E 177 -7.51 28.71 25.78
N VAL E 178 -7.51 27.41 26.03
CA VAL E 178 -6.50 26.51 25.49
C VAL E 178 -7.02 25.89 24.20
N CYS E 179 -6.12 25.71 23.23
CA CYS E 179 -6.49 25.07 21.98
C CYS E 179 -6.88 23.62 22.21
N ASP E 180 -7.69 23.09 21.30
CA ASP E 180 -8.14 21.70 21.42
C ASP E 180 -6.96 20.76 21.26
N HIS E 181 -6.64 20.02 22.33
CA HIS E 181 -5.50 19.12 22.32
C HIS E 181 -5.69 17.94 21.37
N ARG E 182 -6.91 17.65 20.95
CA ARG E 182 -7.21 16.47 20.17
C ARG E 182 -6.90 16.66 18.69
N LEU E 183 -6.41 17.84 18.30
CA LEU E 183 -6.00 18.13 16.93
C LEU E 183 -4.51 18.45 16.83
N MET E 184 -3.72 18.10 17.84
CA MET E 184 -2.34 18.52 17.93
C MET E 184 -1.41 17.31 18.02
N SER E 185 -0.12 17.57 17.77
CA SER E 185 0.89 16.52 17.74
C SER E 185 2.24 17.12 18.10
N ALA E 186 3.18 16.23 18.42
CA ALA E 186 4.57 16.58 18.73
C ALA E 186 5.40 15.32 18.69
N ALA E 187 6.60 15.41 18.12
CA ALA E 187 7.44 14.23 17.98
C ALA E 187 8.90 14.66 17.97
N ILE E 188 9.76 13.82 18.55
CA ILE E 188 11.21 14.02 18.53
C ILE E 188 11.87 12.68 18.29
N LYS E 189 12.90 12.68 17.44
CA LYS E 189 13.65 11.46 17.15
C LYS E 189 15.06 11.86 16.77
N ASP E 190 16.04 11.29 17.47
CA ASP E 190 17.45 11.60 17.24
C ASP E 190 17.74 13.07 17.50
N GLN E 191 17.93 13.85 16.43
CA GLN E 191 18.22 15.27 16.54
C GLN E 191 17.22 16.10 15.72
N LYS E 192 15.98 15.62 15.62
CA LYS E 192 14.92 16.31 14.89
C LYS E 192 13.68 16.37 15.77
N ALA E 193 13.06 17.54 15.85
CA ALA E 193 11.84 17.75 16.62
C ALA E 193 10.84 18.51 15.77
N VAL E 194 9.56 18.40 16.14
CA VAL E 194 8.50 19.10 15.43
C VAL E 194 7.32 19.26 16.38
N HIS E 195 6.62 20.39 16.26
CA HIS E 195 5.36 20.64 16.94
C HIS E 195 4.31 20.86 15.87
N ALA E 196 3.52 19.83 15.58
CA ALA E 196 2.61 19.83 14.44
C ALA E 196 1.21 20.25 14.88
N ASP E 197 0.41 20.61 13.88
CA ASP E 197 -0.96 21.08 14.08
C ASP E 197 -1.62 21.12 12.71
N MET E 198 -2.93 21.41 12.70
CA MET E 198 -3.65 21.52 11.44
C MET E 198 -3.16 22.67 10.58
N GLY E 199 -2.64 23.73 11.18
CA GLY E 199 -2.14 24.87 10.42
C GLY E 199 -0.76 25.31 10.84
N TYR E 200 -0.18 24.64 11.83
CA TYR E 200 1.14 24.95 12.34
C TYR E 200 2.09 23.80 12.05
N TRP E 201 3.34 24.15 11.69
CA TRP E 201 4.39 23.15 11.49
C TRP E 201 5.70 23.80 11.88
N ILE E 202 6.11 23.59 13.13
CA ILE E 202 7.29 24.22 13.70
C ILE E 202 8.37 23.15 13.86
N GLU E 203 9.53 23.38 13.26
CA GLU E 203 10.61 22.41 13.24
C GLU E 203 11.80 22.91 14.06
N SER E 204 12.50 21.97 14.69
CA SER E 204 13.69 22.25 15.46
C SER E 204 14.73 21.18 15.16
N SER E 205 15.99 21.52 15.41
CA SER E 205 17.09 20.60 15.11
C SER E 205 18.28 20.96 15.99
N LYS E 206 19.19 20.00 16.11
CA LYS E 206 20.39 20.17 16.92
C LYS E 206 21.60 20.37 16.00
N ASN E 207 22.41 21.38 16.20
CA ASN E 207 23.63 21.54 15.42
C ASN E 207 24.47 22.29 16.38
N GLN E 208 24.94 21.62 17.43
CA GLN E 208 25.66 22.30 18.51
C GLN E 208 24.69 22.85 19.57
N THR E 209 23.42 23.06 19.21
CA THR E 209 22.43 23.50 20.18
C THR E 209 21.02 23.18 19.73
N TRP E 210 20.07 23.19 20.65
CA TRP E 210 18.67 22.92 20.35
C TRP E 210 17.95 24.25 20.18
N GLN E 211 17.59 24.57 18.93
CA GLN E 211 16.93 25.84 18.65
C GLN E 211 16.07 25.68 17.40
N ILE E 212 15.12 26.61 17.25
CA ILE E 212 14.21 26.57 16.12
C ILE E 212 14.99 26.75 14.81
N GLU E 213 14.49 26.14 13.75
CA GLU E 213 15.18 26.21 12.46
C GLU E 213 14.25 26.66 11.34
N LYS E 214 12.97 26.30 11.41
CA LYS E 214 12.04 26.59 10.32
C LYS E 214 10.62 26.42 10.82
N ALA E 215 9.79 27.43 10.60
CA ALA E 215 8.37 27.38 10.91
C ALA E 215 7.55 27.68 9.67
N SER E 216 6.38 27.06 9.56
CA SER E 216 5.51 27.22 8.40
C SER E 216 4.08 27.34 8.91
N LEU E 217 3.55 28.56 8.85
CA LEU E 217 2.22 28.85 9.38
C LEU E 217 1.30 29.27 8.25
N ILE E 218 0.14 28.62 8.14
CA ILE E 218 -0.89 29.02 7.20
C ILE E 218 -2.06 29.70 7.89
N GLU E 219 -1.94 29.93 9.20
CA GLU E 219 -2.93 30.68 9.97
C GLU E 219 -2.25 31.16 11.24
N VAL E 220 -2.86 32.15 11.89
CA VAL E 220 -2.35 32.72 13.12
C VAL E 220 -3.46 32.63 14.16
N LYS E 221 -3.32 31.70 15.09
CA LYS E 221 -4.32 31.50 16.14
C LYS E 221 -4.05 32.41 17.33
N THR E 222 -4.91 32.33 18.34
CA THR E 222 -4.77 33.12 19.55
C THR E 222 -4.99 32.31 20.83
N CYS E 223 -5.32 31.03 20.71
CA CYS E 223 -5.47 30.19 21.88
C CYS E 223 -4.09 29.77 22.39
N LEU E 224 -4.07 29.03 23.49
CA LEU E 224 -2.83 28.62 24.13
C LEU E 224 -2.50 27.17 23.78
N TRP E 225 -1.23 26.92 23.48
CA TRP E 225 -0.79 25.56 23.20
C TRP E 225 -0.80 24.75 24.48
N PRO E 226 -1.52 23.63 24.54
CA PRO E 226 -1.54 22.82 25.76
C PRO E 226 -0.16 22.28 26.09
N LYS E 227 0.15 22.24 27.39
CA LYS E 227 1.46 21.79 27.84
C LYS E 227 1.59 20.26 27.88
N THR E 228 0.48 19.53 27.72
CA THR E 228 0.57 18.08 27.62
C THR E 228 1.12 17.63 26.27
N HIS E 229 1.10 18.50 25.27
CA HIS E 229 1.58 18.19 23.93
C HIS E 229 2.86 18.95 23.59
N THR E 230 3.63 19.33 24.61
CA THR E 230 4.80 20.18 24.46
C THR E 230 6.04 19.44 24.96
N LEU E 231 7.09 19.43 24.15
CA LEU E 231 8.36 18.82 24.52
C LEU E 231 9.25 19.84 25.21
N TRP E 232 9.90 19.41 26.29
CA TRP E 232 10.91 20.22 26.98
C TRP E 232 10.32 21.54 27.47
N SER E 233 9.28 21.42 28.30
CA SER E 233 8.48 22.56 28.74
C SER E 233 8.80 22.99 30.16
N ASN E 234 10.06 22.90 30.58
CA ASN E 234 10.47 23.31 31.90
C ASN E 234 11.56 24.36 31.82
N GLY E 235 11.55 25.29 32.77
CA GLY E 235 12.52 26.37 32.77
C GLY E 235 12.41 27.27 31.57
N VAL E 236 11.20 27.59 31.14
CA VAL E 236 10.95 28.39 29.94
C VAL E 236 10.54 29.78 30.35
N LEU E 237 11.20 30.79 29.79
CA LEU E 237 10.86 32.19 30.02
C LEU E 237 10.00 32.68 28.88
N GLU E 238 8.90 33.36 29.23
CA GLU E 238 7.98 33.89 28.21
C GLU E 238 8.61 34.96 27.34
N SER E 239 9.75 35.53 27.76
CA SER E 239 10.43 36.57 27.00
C SER E 239 11.41 36.03 25.99
N GLN E 240 11.60 34.70 25.93
CA GLN E 240 12.55 34.10 25.01
C GLN E 240 11.91 33.24 23.93
N MET E 241 10.61 32.96 24.03
CA MET E 241 9.93 32.17 23.01
C MET E 241 9.84 32.97 21.72
N LEU E 242 10.43 32.44 20.64
CA LEU E 242 10.44 33.18 19.37
C LEU E 242 9.03 33.45 18.88
N ILE E 243 8.17 32.43 18.89
CA ILE E 243 6.75 32.61 18.60
C ILE E 243 6.06 32.96 19.91
N PRO E 244 5.36 34.08 20.00
CA PRO E 244 4.80 34.52 21.28
C PRO E 244 3.74 33.54 21.80
N LYS E 245 3.61 33.51 23.12
CA LYS E 245 2.62 32.62 23.75
C LYS E 245 1.20 32.98 23.35
N ALA E 246 0.92 34.26 23.12
CA ALA E 246 -0.41 34.71 22.75
C ALA E 246 -0.81 34.30 21.34
N TYR E 247 0.12 33.77 20.54
CA TYR E 247 -0.16 33.35 19.18
C TYR E 247 -0.04 31.84 19.02
N ALA E 248 -0.45 31.10 20.06
CA ALA E 248 -0.42 29.63 20.06
C ALA E 248 0.98 29.10 19.80
N GLY E 249 1.97 29.75 20.39
CA GLY E 249 3.34 29.28 20.31
C GLY E 249 3.63 28.29 21.41
N PRO E 250 4.36 27.21 21.08
CA PRO E 250 4.66 26.19 22.08
C PRO E 250 5.44 26.77 23.25
N PHE E 251 5.07 26.34 24.45
CA PHE E 251 5.76 26.76 25.67
C PHE E 251 6.94 25.82 25.92
N SER E 252 7.90 25.89 25.00
CA SER E 252 8.99 24.91 24.94
C SER E 252 10.31 25.63 24.75
N GLN E 253 11.39 24.94 25.12
CA GLN E 253 12.74 25.42 24.84
C GLN E 253 13.21 25.09 23.44
N HIS E 254 12.44 24.29 22.69
CA HIS E 254 12.66 24.12 21.26
C HIS E 254 12.18 25.32 20.46
N ASN E 255 11.32 26.15 21.05
CA ASN E 255 10.85 27.39 20.44
C ASN E 255 11.79 28.50 20.90
N TYR E 256 13.00 28.49 20.36
CA TYR E 256 14.07 29.35 20.84
C TYR E 256 15.09 29.54 19.72
N ARG E 257 15.76 30.70 19.76
CA ARG E 257 16.86 30.99 18.85
C ARG E 257 17.82 31.94 19.56
N GLN E 258 19.12 31.72 19.34
CA GLN E 258 20.14 32.53 20.00
C GLN E 258 20.16 33.93 19.41
N GLY E 259 20.22 34.94 20.29
CA GLY E 259 20.31 36.32 19.89
C GLY E 259 18.99 37.01 19.64
N TYR E 260 17.88 36.27 19.63
CA TYR E 260 16.57 36.83 19.40
C TYR E 260 15.68 36.63 20.62
N ALA E 261 14.63 37.44 20.70
CA ALA E 261 13.66 37.35 21.79
C ALA E 261 12.26 37.18 21.21
N THR E 262 11.24 37.30 22.05
CA THR E 262 9.87 37.13 21.58
C THR E 262 9.51 38.19 20.54
N GLN E 263 8.90 37.74 19.45
CA GLN E 263 8.53 38.63 18.35
C GLN E 263 7.05 39.02 18.49
N THR E 264 6.79 39.86 19.49
CA THR E 264 5.42 40.28 19.76
C THR E 264 4.92 41.28 18.73
N VAL E 265 5.81 41.98 18.05
CA VAL E 265 5.43 43.03 17.12
C VAL E 265 5.86 42.61 15.71
N GLY E 266 5.86 41.30 15.46
CA GLY E 266 6.20 40.79 14.15
C GLY E 266 5.04 40.92 13.18
N PRO E 267 5.27 40.57 11.91
CA PRO E 267 4.20 40.65 10.91
C PRO E 267 3.17 39.54 11.09
N TRP E 268 2.38 39.61 12.17
CA TRP E 268 1.37 38.60 12.46
C TRP E 268 0.02 38.94 11.86
N HIS E 269 -0.05 39.92 10.97
CA HIS E 269 -1.29 40.32 10.32
C HIS E 269 -1.38 39.83 8.89
N LEU E 270 -0.50 38.91 8.49
CA LEU E 270 -0.44 38.43 7.12
C LEU E 270 -1.06 37.05 6.93
N GLY E 271 -1.55 36.42 8.00
CA GLY E 271 -2.07 35.08 7.87
C GLY E 271 -0.99 34.07 7.60
N LYS E 272 -0.93 33.58 6.36
CA LYS E 272 0.11 32.64 5.97
C LYS E 272 1.49 33.27 6.12
N LEU E 273 2.42 32.53 6.71
CA LEU E 273 3.79 32.98 6.91
C LEU E 273 4.74 31.82 6.70
N GLU E 274 6.01 32.16 6.49
CA GLU E 274 7.09 31.17 6.34
C GLU E 274 8.30 31.72 7.07
N ILE E 275 8.45 31.32 8.33
CA ILE E 275 9.57 31.79 9.15
C ILE E 275 10.82 31.02 8.76
N ASP E 276 11.88 31.75 8.40
CA ASP E 276 13.13 31.14 7.99
C ASP E 276 14.27 32.04 8.43
N PHE E 277 15.49 31.54 8.31
CA PHE E 277 16.69 32.28 8.68
C PHE E 277 17.57 32.40 7.44
N GLY E 278 17.70 33.61 6.93
CA GLY E 278 18.47 33.83 5.72
C GLY E 278 18.37 35.27 5.30
N GLU E 279 18.70 35.53 4.04
CA GLU E 279 18.70 36.88 3.48
C GLU E 279 17.59 37.00 2.44
N CYS E 280 16.81 38.09 2.53
CA CYS E 280 15.91 38.42 1.46
C CYS E 280 16.73 38.75 0.21
N PRO E 281 16.18 38.50 -0.99
CA PRO E 281 16.98 38.68 -2.21
C PRO E 281 17.48 40.11 -2.41
N GLY E 282 18.79 40.28 -2.34
CA GLY E 282 19.41 41.59 -2.55
C GLY E 282 19.49 42.43 -1.30
N THR E 283 20.07 41.89 -0.23
CA THR E 283 20.21 42.63 1.02
C THR E 283 21.37 42.05 1.81
N THR E 284 22.04 42.90 2.58
CA THR E 284 23.13 42.49 3.45
C THR E 284 22.86 42.95 4.88
N VAL E 285 23.19 42.09 5.84
CA VAL E 285 22.99 42.37 7.25
C VAL E 285 24.30 42.16 7.98
N THR E 286 24.70 43.13 8.80
CA THR E 286 25.91 43.06 9.60
C THR E 286 25.58 43.38 11.04
N ILE E 287 26.58 43.21 11.92
CA ILE E 287 26.43 43.46 13.35
C ILE E 287 27.26 44.68 13.70
N GLN E 288 26.60 45.72 14.21
CA GLN E 288 27.26 46.92 14.68
C GLN E 288 26.78 47.25 16.08
N GLU E 289 27.72 47.66 16.94
CA GLU E 289 27.43 47.91 18.34
C GLU E 289 26.66 49.20 18.58
N ASP E 290 26.73 50.16 17.66
CA ASP E 290 26.10 51.46 17.86
C ASP E 290 24.68 51.52 17.34
N CYS E 291 24.10 50.39 16.94
CA CYS E 291 22.75 50.37 16.40
C CYS E 291 21.74 50.80 17.48
N ASP E 292 20.56 51.19 17.02
CA ASP E 292 19.51 51.67 17.91
C ASP E 292 18.84 50.49 18.61
N HIS E 293 17.77 50.77 19.34
CA HIS E 293 17.11 49.76 20.16
C HIS E 293 16.15 48.93 19.30
N ARG E 294 15.34 48.10 19.96
CA ARG E 294 14.42 47.19 19.30
C ARG E 294 13.21 47.97 18.78
N GLY E 295 12.53 47.38 17.80
CA GLY E 295 11.38 48.01 17.19
C GLY E 295 10.52 47.07 16.38
N PRO E 296 9.44 47.61 15.82
CA PRO E 296 8.54 46.77 15.01
C PRO E 296 9.22 46.26 13.75
N SER E 297 8.73 45.12 13.26
CA SER E 297 9.27 44.54 12.03
C SER E 297 8.96 45.44 10.84
N LEU E 298 9.86 45.43 9.87
CA LEU E 298 9.77 46.29 8.70
C LEU E 298 9.96 45.46 7.43
N ARG E 299 9.18 45.78 6.40
CA ARG E 299 9.36 45.14 5.10
C ARG E 299 10.56 45.75 4.38
N THR E 300 11.20 44.93 3.55
CA THR E 300 12.41 45.38 2.86
C THR E 300 12.12 46.41 1.79
N THR E 301 10.93 46.38 1.21
CA THR E 301 10.58 47.25 0.08
C THR E 301 9.54 48.28 0.52
N THR E 302 9.79 49.54 0.18
CA THR E 302 8.84 50.61 0.42
C THR E 302 7.66 50.46 -0.54
N ALA E 303 6.53 51.06 -0.17
CA ALA E 303 5.33 50.98 -1.01
C ALA E 303 5.59 51.46 -2.43
N SER E 304 6.51 52.42 -2.59
CA SER E 304 6.90 52.84 -3.93
C SER E 304 7.67 51.75 -4.65
N GLY E 305 8.39 50.91 -3.92
CA GLY E 305 9.19 49.86 -4.51
C GLY E 305 10.68 50.08 -4.33
N LYS E 306 11.05 50.72 -3.23
CA LYS E 306 12.44 51.03 -2.91
C LYS E 306 13.00 49.92 -2.03
N LEU E 307 13.89 49.11 -2.60
CA LEU E 307 14.47 47.98 -1.89
C LEU E 307 15.65 48.46 -1.06
N VAL E 308 15.47 48.55 0.26
CA VAL E 308 16.55 48.95 1.14
C VAL E 308 17.61 47.84 1.16
N THR E 309 18.88 48.24 1.08
CA THR E 309 19.98 47.29 0.99
C THR E 309 20.84 47.23 2.25
N GLN E 310 20.84 48.28 3.07
CA GLN E 310 21.70 48.37 4.25
C GLN E 310 20.86 48.12 5.50
N TRP E 311 21.15 47.03 6.19
CA TRP E 311 20.51 46.69 7.46
C TRP E 311 21.58 46.26 8.45
N CYS E 312 21.26 46.40 9.74
CA CYS E 312 22.19 46.02 10.78
C CYS E 312 21.43 45.55 12.01
N CYS E 313 22.09 44.75 12.83
CA CYS E 313 21.55 44.27 14.09
C CYS E 313 22.58 44.46 15.19
N ARG E 314 22.11 44.59 16.42
CA ARG E 314 22.97 44.89 17.55
C ARG E 314 23.48 43.64 18.27
N SER E 315 22.67 42.59 18.37
CA SER E 315 23.10 41.37 19.04
C SER E 315 22.61 40.11 18.34
N CYS E 316 22.06 40.20 17.14
CA CYS E 316 21.54 39.03 16.46
C CYS E 316 22.67 38.12 15.98
N THR E 317 22.32 36.87 15.70
CA THR E 317 23.25 35.87 15.19
C THR E 317 22.83 35.48 13.78
N MET E 318 23.75 35.60 12.83
CA MET E 318 23.45 35.27 11.45
C MET E 318 23.31 33.75 11.30
N PRO E 319 22.48 33.28 10.35
CA PRO E 319 21.65 34.05 9.41
C PRO E 319 20.49 34.77 10.10
N PRO E 320 20.09 35.93 9.57
CA PRO E 320 19.06 36.72 10.25
C PRO E 320 17.66 36.16 10.07
N LEU E 321 16.79 36.51 11.01
CA LEU E 321 15.40 36.09 10.98
C LEU E 321 14.64 36.87 9.92
N ARG E 322 13.84 36.15 9.13
CA ARG E 322 13.06 36.77 8.07
C ARG E 322 11.68 36.11 7.99
N PHE E 323 10.72 36.85 7.45
CA PHE E 323 9.37 36.36 7.20
C PHE E 323 9.07 36.47 5.72
N LEU E 324 8.48 35.43 5.15
CA LEU E 324 8.13 35.39 3.72
C LEU E 324 6.61 35.38 3.61
N GLY E 325 6.03 36.57 3.60
CA GLY E 325 4.60 36.73 3.43
C GLY E 325 4.20 36.84 1.96
N GLU E 326 2.94 37.19 1.75
CA GLU E 326 2.43 37.32 0.39
C GLU E 326 2.97 38.59 -0.28
N ASP E 327 3.00 39.69 0.46
CA ASP E 327 3.41 40.96 -0.13
C ASP E 327 4.91 41.00 -0.40
N GLY E 328 5.72 40.53 0.54
CA GLY E 328 7.15 40.59 0.35
C GLY E 328 7.90 39.88 1.47
N CYS E 329 9.19 40.17 1.56
CA CYS E 329 10.09 39.54 2.52
C CYS E 329 10.39 40.52 3.64
N TRP E 330 10.22 40.06 4.88
CA TRP E 330 10.34 40.91 6.07
C TRP E 330 11.56 40.50 6.89
N TYR E 331 11.86 41.31 7.89
CA TYR E 331 12.88 41.02 8.90
C TYR E 331 12.29 41.06 10.30
N GLY E 332 13.09 40.59 11.25
CA GLY E 332 12.66 40.52 12.63
C GLY E 332 12.74 41.86 13.33
N MET E 333 12.41 41.82 14.63
CA MET E 333 12.36 43.05 15.43
C MET E 333 13.75 43.59 15.77
N GLU E 334 14.78 42.75 15.73
CA GLU E 334 16.12 43.16 16.13
C GLU E 334 16.98 43.62 14.96
N ILE E 335 16.43 43.69 13.76
CA ILE E 335 17.17 44.09 12.56
C ILE E 335 16.65 45.45 12.14
N ARG E 336 17.46 46.49 12.33
CA ARG E 336 17.18 47.87 11.95
C ARG E 336 17.97 48.25 10.70
N PRO E 337 17.44 49.13 9.87
CA PRO E 337 18.15 49.52 8.64
C PRO E 337 19.09 50.69 8.85
N LEU E 338 20.28 50.55 8.24
CA LEU E 338 21.26 51.63 8.23
C LEU E 338 20.93 52.72 7.22
N SER E 339 20.33 52.36 6.09
CA SER E 339 19.82 53.32 5.12
C SER E 339 18.35 53.59 5.41
N GLU E 340 17.87 54.74 4.95
CA GLU E 340 16.51 55.18 5.20
C GLU E 340 16.26 55.32 6.71
N LYS E 341 15.00 55.51 7.09
CA LYS E 341 14.66 55.63 8.51
C LYS E 341 13.22 55.16 8.69
N GLU E 342 12.87 54.80 9.92
CA GLU E 342 11.55 54.27 10.21
C GLU E 342 10.50 55.36 10.23
N GLU E 343 10.36 56.09 9.11
CA GLU E 343 9.34 57.12 8.99
C GLU E 343 8.63 57.04 7.65
N ASN E 344 9.29 56.44 6.66
CA ASN E 344 8.77 56.36 5.29
C ASN E 344 8.87 54.91 4.79
N MET E 345 8.47 53.98 5.66
CA MET E 345 8.43 52.57 5.31
C MET E 345 7.33 51.89 6.11
N VAL E 346 6.84 50.77 5.58
CA VAL E 346 5.71 50.10 6.20
C VAL E 346 6.17 49.37 7.45
N LYS E 347 5.48 49.62 8.56
CA LYS E 347 5.77 48.95 9.83
C LYS E 347 4.79 47.79 10.02
N SER E 348 4.79 47.20 11.21
CA SER E 348 3.86 46.12 11.54
C SER E 348 2.60 46.70 12.16
N GLN E 349 1.44 46.26 11.66
CA GLN E 349 0.17 46.79 12.15
C GLN E 349 -0.03 46.45 13.63
N VAL E 350 0.53 45.33 14.08
CA VAL E 350 0.40 44.94 15.47
C VAL E 350 1.14 45.96 16.34
N SER E 351 0.46 46.49 17.34
CA SER E 351 1.06 47.45 18.26
C SER E 351 0.25 47.46 19.55
N ALA E 352 0.85 48.03 20.59
CA ALA E 352 0.20 48.13 21.89
C ALA E 352 -0.29 49.55 22.15
N ASP F 1 11.08 8.38 -10.41
CA ASP F 1 9.78 7.83 -10.05
C ASP F 1 9.92 6.73 -9.01
N THR F 2 9.56 7.04 -7.77
CA THR F 2 9.64 6.10 -6.66
C THR F 2 8.25 5.61 -6.32
N GLY F 3 8.06 4.29 -6.31
CA GLY F 3 6.76 3.73 -6.02
C GLY F 3 6.78 2.23 -6.21
N CYS F 4 5.58 1.64 -6.15
CA CYS F 4 5.39 0.21 -6.28
C CYS F 4 4.38 -0.08 -7.38
N ALA F 5 4.49 -1.27 -7.96
CA ALA F 5 3.58 -1.69 -9.03
C ALA F 5 3.61 -3.21 -9.12
N VAL F 6 2.43 -3.80 -9.32
CA VAL F 6 2.31 -5.24 -9.52
C VAL F 6 2.58 -5.56 -10.97
N SER F 7 3.12 -6.75 -11.22
CA SER F 7 3.44 -7.15 -12.58
C SER F 7 2.18 -7.44 -13.39
N TRP F 8 2.37 -7.68 -14.70
CA TRP F 8 1.23 -8.02 -15.54
C TRP F 8 0.59 -9.32 -15.11
N SER F 9 1.40 -10.32 -14.76
CA SER F 9 0.87 -11.59 -14.26
C SER F 9 0.16 -11.43 -12.92
N GLY F 10 0.45 -10.35 -12.19
CA GLY F 10 -0.23 -10.09 -10.94
C GLY F 10 0.18 -10.98 -9.79
N LYS F 11 1.37 -11.59 -9.85
CA LYS F 11 1.85 -12.47 -8.81
C LYS F 11 3.04 -11.93 -8.04
N GLU F 12 3.52 -10.73 -8.38
CA GLU F 12 4.64 -10.14 -7.66
C GLU F 12 4.44 -8.63 -7.58
N LEU F 13 4.99 -8.03 -6.53
CA LEU F 13 4.94 -6.59 -6.30
C LEU F 13 6.35 -6.08 -6.12
N LYS F 14 6.74 -5.10 -6.93
CA LYS F 14 8.10 -4.59 -6.94
C LYS F 14 8.09 -3.10 -6.65
N CYS F 15 9.02 -2.68 -5.79
CA CYS F 15 9.17 -1.28 -5.43
C CYS F 15 10.60 -0.82 -5.69
N GLY F 16 10.74 0.47 -5.99
CA GLY F 16 12.06 1.03 -6.26
C GLY F 16 11.93 2.37 -6.96
N SER F 17 13.02 2.76 -7.62
CA SER F 17 13.10 4.01 -8.34
C SER F 17 13.45 3.75 -9.80
N GLY F 18 12.80 4.49 -10.70
CA GLY F 18 13.05 4.33 -12.11
C GLY F 18 12.17 5.23 -12.98
N ILE F 19 11.68 4.69 -14.09
CA ILE F 19 10.80 5.42 -14.99
C ILE F 19 9.49 4.65 -15.10
N PHE F 20 8.38 5.33 -14.84
CA PHE F 20 7.04 4.74 -14.88
C PHE F 20 6.27 5.37 -16.04
N VAL F 21 6.07 4.60 -17.10
CA VAL F 21 5.31 5.05 -18.26
C VAL F 21 3.85 4.69 -18.03
N ILE F 22 2.99 5.70 -17.92
CA ILE F 22 1.60 5.51 -17.55
C ILE F 22 0.71 5.81 -18.76
N ASP F 23 -0.30 4.97 -18.93
CA ASP F 23 -1.30 5.19 -19.98
C ASP F 23 -2.05 6.49 -19.71
N ASN F 24 -1.92 7.44 -20.64
CA ASN F 24 -2.62 8.72 -20.55
C ASN F 24 -3.90 8.75 -21.37
N VAL F 25 -4.16 7.74 -22.19
CA VAL F 25 -5.44 7.64 -22.86
C VAL F 25 -6.54 7.27 -21.86
N HIS F 26 -6.25 6.31 -20.99
CA HIS F 26 -7.10 5.98 -19.85
C HIS F 26 -6.46 6.65 -18.63
N THR F 27 -6.86 7.90 -18.38
CA THR F 27 -6.08 8.77 -17.51
C THR F 27 -6.16 8.37 -16.04
N TRP F 28 -7.27 7.75 -15.63
CA TRP F 28 -7.59 7.43 -14.23
C TRP F 28 -7.95 8.69 -13.46
N THR F 29 -7.79 9.86 -14.08
CA THR F 29 -8.04 11.15 -13.44
C THR F 29 -8.60 12.09 -14.50
N GLU F 30 -8.65 13.38 -14.18
CA GLU F 30 -9.08 14.37 -15.16
C GLU F 30 -8.03 14.54 -16.24
N GLN F 31 -8.49 14.79 -17.47
CA GLN F 31 -7.60 14.98 -18.59
C GLN F 31 -6.78 16.26 -18.44
N TYR F 32 -5.58 16.25 -19.00
CA TYR F 32 -4.71 17.41 -18.95
C TYR F 32 -5.34 18.60 -19.68
N LYS F 33 -4.77 19.77 -19.45
CA LYS F 33 -5.25 20.98 -20.11
C LYS F 33 -4.07 21.89 -20.40
N PHE F 34 -4.05 22.44 -21.62
CA PHE F 34 -2.97 23.32 -22.06
C PHE F 34 -3.22 24.74 -21.58
N GLN F 35 -2.14 25.49 -21.42
CA GLN F 35 -2.20 26.89 -21.00
C GLN F 35 -1.45 27.76 -22.01
N PRO F 36 -2.04 28.86 -22.46
CA PRO F 36 -1.36 29.71 -23.44
C PRO F 36 -0.21 30.47 -22.80
N GLU F 37 0.67 30.98 -23.67
CA GLU F 37 1.85 31.72 -23.20
C GLU F 37 1.43 33.00 -22.47
N SER F 38 0.76 33.91 -23.17
CA SER F 38 0.32 35.16 -22.56
C SER F 38 -0.91 35.66 -23.30
N PRO F 39 -1.86 36.30 -22.62
CA PRO F 39 -3.07 36.78 -23.31
C PRO F 39 -2.78 37.77 -24.44
N ALA F 40 -1.99 38.82 -24.17
CA ALA F 40 -1.75 39.83 -25.18
C ALA F 40 -0.75 39.36 -26.22
N ARG F 41 0.20 38.50 -25.83
CA ARG F 41 1.23 38.05 -26.77
C ARG F 41 0.63 37.26 -27.92
N LEU F 42 -0.32 36.37 -27.62
CA LEU F 42 -0.99 35.63 -28.68
C LEU F 42 -1.77 36.55 -29.61
N ALA F 43 -2.38 37.61 -29.06
CA ALA F 43 -3.08 38.57 -29.90
C ALA F 43 -2.12 39.27 -30.86
N SER F 44 -0.95 39.69 -30.38
CA SER F 44 0.03 40.32 -31.26
C SER F 44 0.54 39.35 -32.32
N ALA F 45 0.74 38.08 -31.92
CA ALA F 45 1.15 37.07 -32.88
C ALA F 45 0.09 36.90 -33.98
N ILE F 46 -1.18 36.86 -33.58
CA ILE F 46 -2.24 36.74 -34.57
C ILE F 46 -2.28 37.97 -35.48
N LEU F 47 -2.08 39.16 -34.91
CA LEU F 47 -2.08 40.38 -35.71
C LEU F 47 -0.98 40.35 -36.77
N ASN F 48 0.26 40.11 -36.35
CA ASN F 48 1.33 40.15 -37.33
C ASN F 48 1.31 38.95 -38.27
N ALA F 49 0.70 37.84 -37.86
CA ALA F 49 0.53 36.71 -38.75
C ALA F 49 -0.48 37.02 -39.85
N HIS F 50 -1.64 37.57 -39.48
CA HIS F 50 -2.62 37.94 -40.50
C HIS F 50 -2.12 39.08 -41.36
N GLU F 51 -1.24 39.94 -40.83
CA GLU F 51 -0.53 40.88 -41.68
C GLU F 51 0.37 40.15 -42.66
N ASP F 52 1.03 39.07 -42.21
CA ASP F 52 1.85 38.26 -43.08
C ASP F 52 1.06 37.42 -44.07
N GLY F 53 -0.25 37.30 -43.89
CA GLY F 53 -1.09 36.63 -44.86
C GLY F 53 -1.47 35.20 -44.55
N VAL F 54 -1.95 34.94 -43.33
CA VAL F 54 -2.47 33.63 -42.96
C VAL F 54 -3.91 33.79 -42.50
N CYS F 55 -4.75 32.82 -42.85
CA CYS F 55 -6.18 32.90 -42.57
C CYS F 55 -6.61 32.04 -41.39
N GLY F 56 -5.69 31.67 -40.51
CA GLY F 56 -6.04 30.94 -39.31
C GLY F 56 -4.94 29.96 -38.94
N ILE F 57 -5.30 28.98 -38.12
CA ILE F 57 -4.39 27.94 -37.66
C ILE F 57 -5.10 26.59 -37.69
N ARG F 58 -4.31 25.53 -37.65
CA ARG F 58 -4.81 24.17 -37.54
C ARG F 58 -4.27 23.52 -36.28
N SER F 59 -5.16 22.96 -35.47
CA SER F 59 -4.74 22.32 -34.24
C SER F 59 -4.01 21.02 -34.52
N THR F 60 -2.90 20.81 -33.81
CA THR F 60 -2.12 19.58 -33.95
C THR F 60 -2.57 18.49 -33.00
N THR F 61 -3.05 18.86 -31.81
CA THR F 61 -3.51 17.90 -30.82
C THR F 61 -4.90 18.31 -30.35
N ARG F 62 -5.69 17.32 -29.92
CA ARG F 62 -7.03 17.59 -29.43
C ARG F 62 -7.04 18.26 -28.06
N LEU F 63 -5.89 18.37 -27.40
CA LEU F 63 -5.77 19.13 -26.16
C LEU F 63 -5.45 20.59 -26.40
N GLU F 64 -5.18 20.97 -27.64
CA GLU F 64 -4.92 22.37 -28.01
C GLU F 64 -6.13 23.05 -28.62
N ASN F 65 -6.96 22.31 -29.35
CA ASN F 65 -8.23 22.87 -29.82
C ASN F 65 -9.11 23.27 -28.65
N ILE F 66 -9.07 22.50 -27.56
CA ILE F 66 -9.82 22.87 -26.36
C ILE F 66 -9.34 24.20 -25.81
N MET F 67 -8.02 24.40 -25.75
CA MET F 67 -7.48 25.66 -25.27
C MET F 67 -7.88 26.82 -26.17
N TRP F 68 -7.83 26.61 -27.49
CA TRP F 68 -8.23 27.66 -28.42
C TRP F 68 -9.70 28.02 -28.25
N LYS F 69 -10.56 27.01 -28.10
CA LYS F 69 -11.98 27.28 -27.87
C LYS F 69 -12.19 28.01 -26.56
N GLN F 70 -11.38 27.69 -25.55
CA GLN F 70 -11.50 28.35 -24.26
C GLN F 70 -11.13 29.83 -24.34
N ILE F 71 -10.06 30.14 -25.09
CA ILE F 71 -9.49 31.49 -25.04
C ILE F 71 -9.89 32.35 -26.24
N THR F 72 -10.70 31.81 -27.15
CA THR F 72 -11.07 32.59 -28.34
C THR F 72 -11.87 33.83 -27.97
N ASN F 73 -12.79 33.73 -27.01
CA ASN F 73 -13.60 34.88 -26.63
C ASN F 73 -12.75 35.98 -26.02
N GLU F 74 -11.82 35.61 -25.12
CA GLU F 74 -10.93 36.60 -24.52
C GLU F 74 -10.03 37.23 -25.57
N LEU F 75 -9.52 36.42 -26.51
CA LEU F 75 -8.68 36.97 -27.57
C LEU F 75 -9.47 37.95 -28.44
N ASN F 76 -10.72 37.62 -28.77
CA ASN F 76 -11.53 38.52 -29.59
C ASN F 76 -11.86 39.80 -28.84
N TYR F 77 -12.09 39.70 -27.52
CA TYR F 77 -12.31 40.91 -26.73
C TYR F 77 -11.08 41.80 -26.73
N VAL F 78 -9.89 41.19 -26.59
CA VAL F 78 -8.65 41.96 -26.64
C VAL F 78 -8.49 42.60 -28.02
N LEU F 79 -8.88 41.87 -29.07
CA LEU F 79 -8.83 42.43 -30.42
C LEU F 79 -9.72 43.66 -30.54
N TRP F 80 -10.95 43.56 -30.04
CA TRP F 80 -11.88 44.68 -30.13
C TRP F 80 -11.46 45.84 -29.23
N GLU F 81 -10.65 45.56 -28.22
CA GLU F 81 -10.13 46.63 -27.36
C GLU F 81 -9.33 47.63 -28.17
N GLY F 82 -8.49 47.16 -29.08
CA GLY F 82 -7.67 48.01 -29.91
C GLY F 82 -8.33 48.48 -31.20
N GLY F 83 -9.60 48.19 -31.39
CA GLY F 83 -10.29 48.58 -32.62
C GLY F 83 -9.76 47.89 -33.86
N HIS F 84 -9.49 46.59 -33.76
CA HIS F 84 -8.93 45.85 -34.87
C HIS F 84 -10.04 45.25 -35.72
N ASP F 85 -9.92 45.39 -37.05
CA ASP F 85 -10.91 44.86 -37.98
C ASP F 85 -10.54 43.41 -38.34
N LEU F 86 -10.78 42.52 -37.38
CA LEU F 86 -10.49 41.11 -37.55
C LEU F 86 -11.33 40.31 -36.56
N THR F 87 -11.73 39.12 -36.98
CA THR F 87 -12.52 38.23 -36.14
C THR F 87 -11.87 36.84 -36.14
N VAL F 88 -11.92 36.19 -34.99
CA VAL F 88 -11.39 34.84 -34.81
C VAL F 88 -12.52 33.94 -34.32
N VAL F 89 -12.66 32.78 -34.95
CA VAL F 89 -13.66 31.79 -34.58
C VAL F 89 -12.97 30.46 -34.36
N ALA F 90 -13.30 29.80 -33.27
CA ALA F 90 -12.71 28.51 -32.90
C ALA F 90 -13.69 27.41 -33.26
N GLY F 91 -13.48 26.77 -34.41
CA GLY F 91 -14.34 25.70 -34.88
C GLY F 91 -14.01 24.38 -34.22
N ASP F 92 -14.56 23.32 -34.79
CA ASP F 92 -14.37 21.96 -34.30
C ASP F 92 -13.87 21.08 -35.42
N VAL F 93 -13.07 20.07 -35.06
CA VAL F 93 -12.47 19.16 -36.01
C VAL F 93 -12.84 17.73 -35.63
N LYS F 94 -13.33 16.98 -36.61
CA LYS F 94 -13.60 15.55 -36.44
C LYS F 94 -12.89 14.80 -37.54
N GLY F 95 -12.14 13.76 -37.18
CA GLY F 95 -11.35 13.02 -38.15
C GLY F 95 -9.88 13.30 -38.04
N VAL F 96 -9.19 13.33 -39.18
CA VAL F 96 -7.75 13.58 -39.19
C VAL F 96 -7.47 15.04 -38.85
N LEU F 97 -6.50 15.26 -37.97
CA LEU F 97 -6.00 16.61 -37.69
C LEU F 97 -5.04 16.99 -38.80
N SER F 98 -5.60 17.58 -39.85
CA SER F 98 -4.85 17.81 -41.08
C SER F 98 -3.67 18.75 -40.85
N LYS F 99 -2.73 18.72 -41.80
CA LYS F 99 -1.47 19.44 -41.69
C LYS F 99 -1.57 20.78 -42.41
N GLY F 100 -1.06 21.83 -41.76
CA GLY F 100 -0.93 23.13 -42.36
C GLY F 100 0.49 23.38 -42.81
N LYS F 101 0.64 24.13 -43.90
CA LYS F 101 1.94 24.35 -44.51
C LYS F 101 2.64 25.61 -44.01
N ARG F 102 2.05 26.33 -43.06
CA ARG F 102 2.64 27.55 -42.54
C ARG F 102 2.82 27.45 -41.03
N ALA F 103 3.49 28.48 -40.48
CA ALA F 103 3.77 28.53 -39.05
C ALA F 103 3.30 29.84 -38.45
N LEU F 104 3.59 30.06 -37.17
CA LEU F 104 3.18 31.27 -36.46
C LEU F 104 4.42 31.93 -35.88
N ALA F 105 4.84 33.03 -36.49
CA ALA F 105 6.04 33.71 -36.04
C ALA F 105 5.80 34.38 -34.68
N PRO F 106 6.79 34.38 -33.81
CA PRO F 106 6.65 35.07 -32.52
C PRO F 106 6.47 36.57 -32.72
N PRO F 107 5.76 37.26 -31.82
CA PRO F 107 5.56 38.70 -31.90
C PRO F 107 6.86 39.49 -31.80
N PHE F 133 -9.70 34.82 -40.01
CA PHE F 133 -8.85 33.94 -39.20
C PHE F 133 -9.67 32.77 -38.65
N LEU F 134 -9.66 31.66 -39.38
CA LEU F 134 -10.48 30.49 -39.05
C LEU F 134 -9.62 29.46 -38.32
N ILE F 135 -10.06 29.06 -37.14
CA ILE F 135 -9.36 28.06 -36.33
C ILE F 135 -10.12 26.75 -36.45
N ASP F 136 -9.44 25.72 -36.96
CA ASP F 136 -10.02 24.38 -37.14
C ASP F 136 -11.22 24.50 -38.08
N GLY F 137 -12.22 23.63 -37.90
CA GLY F 137 -13.41 23.66 -38.72
C GLY F 137 -13.32 22.69 -39.89
N PRO F 138 -14.19 22.88 -40.88
CA PRO F 138 -14.19 21.99 -42.05
C PRO F 138 -13.21 22.44 -43.12
N ASP F 139 -13.17 21.73 -44.24
CA ASP F 139 -12.30 22.08 -45.36
C ASP F 139 -12.90 23.25 -46.13
N THR F 140 -12.80 24.43 -45.52
CA THR F 140 -13.34 25.63 -46.14
C THR F 140 -12.48 26.05 -47.32
N SER F 141 -13.14 26.41 -48.43
CA SER F 141 -12.44 26.83 -49.63
C SER F 141 -11.93 28.25 -49.56
N GLU F 142 -12.44 29.08 -48.66
CA GLU F 142 -11.94 30.43 -48.47
C GLU F 142 -10.67 30.47 -47.63
N CYS F 143 -10.32 29.38 -46.97
CA CYS F 143 -9.09 29.31 -46.17
C CYS F 143 -8.54 27.90 -46.29
N PRO F 144 -7.85 27.60 -47.38
CA PRO F 144 -7.32 26.24 -47.56
C PRO F 144 -6.21 25.93 -46.58
N ASN F 145 -5.99 24.63 -46.37
CA ASN F 145 -4.93 24.18 -45.48
C ASN F 145 -3.54 24.45 -46.03
N GLU F 146 -3.42 24.84 -47.30
CA GLU F 146 -2.12 25.07 -47.92
C GLU F 146 -1.41 26.31 -47.39
N ARG F 147 -2.10 27.19 -46.67
CA ARG F 147 -1.46 28.38 -46.13
C ARG F 147 -1.93 28.69 -44.71
N ARG F 148 -2.28 27.67 -43.94
CA ARG F 148 -2.75 27.84 -42.58
C ARG F 148 -1.70 27.33 -41.60
N ALA F 149 -1.51 28.06 -40.51
CA ALA F 149 -0.47 27.73 -39.54
C ALA F 149 -0.78 26.42 -38.83
N TRP F 150 0.28 25.73 -38.41
CA TRP F 150 0.14 24.42 -37.78
C TRP F 150 1.45 24.05 -37.09
N ASN F 151 1.34 23.40 -35.93
CA ASN F 151 2.48 22.87 -35.19
C ASN F 151 3.48 23.96 -34.83
N PHE F 152 3.00 24.90 -34.00
CA PHE F 152 3.82 26.02 -33.56
C PHE F 152 3.87 26.18 -32.04
N LEU F 153 3.44 25.18 -31.28
CA LEU F 153 3.50 25.23 -29.83
C LEU F 153 4.63 24.36 -29.31
N GLU F 154 4.96 24.56 -28.03
CA GLU F 154 6.03 23.81 -27.39
C GLU F 154 5.83 23.85 -25.88
N VAL F 155 5.94 22.68 -25.24
CA VAL F 155 5.79 22.60 -23.79
C VAL F 155 7.06 23.14 -23.12
N GLU F 156 6.87 23.90 -22.04
CA GLU F 156 8.00 24.42 -21.27
C GLU F 156 7.93 24.12 -19.78
N ASP F 157 6.77 23.73 -19.24
CA ASP F 157 6.65 23.40 -17.83
C ASP F 157 5.43 22.51 -17.65
N TYR F 158 5.39 21.82 -16.50
CA TYR F 158 4.28 20.93 -16.16
C TYR F 158 3.48 21.43 -14.97
N GLY F 159 4.12 21.64 -13.82
CA GLY F 159 3.42 22.14 -12.66
C GLY F 159 3.34 21.16 -11.51
N PHE F 160 2.13 20.93 -10.99
CA PHE F 160 1.92 20.07 -9.83
C PHE F 160 0.46 19.66 -9.79
N GLY F 161 0.10 18.94 -8.74
CA GLY F 161 -1.26 18.48 -8.52
C GLY F 161 -1.41 16.99 -8.79
N MET F 162 -2.49 16.45 -8.24
CA MET F 162 -2.81 15.03 -8.40
C MET F 162 -4.05 14.77 -9.23
N PHE F 163 -5.18 15.37 -8.86
CA PHE F 163 -6.42 15.21 -9.62
C PHE F 163 -6.52 16.19 -10.78
N THR F 164 -5.65 17.19 -10.85
CA THR F 164 -5.71 18.19 -11.92
C THR F 164 -4.33 18.79 -12.08
N THR F 165 -3.85 18.85 -13.33
CA THR F 165 -2.54 19.43 -13.62
C THR F 165 -2.62 20.15 -14.95
N ASN F 166 -2.03 21.35 -15.00
CA ASN F 166 -2.00 22.15 -16.21
C ASN F 166 -0.74 21.84 -17.01
N ILE F 167 -0.63 22.45 -18.18
CA ILE F 167 0.58 22.38 -19.00
C ILE F 167 0.83 23.75 -19.60
N TRP F 168 2.01 24.31 -19.33
CA TRP F 168 2.34 25.65 -19.81
C TRP F 168 3.09 25.55 -21.12
N MET F 169 2.55 26.17 -22.16
CA MET F 169 3.10 26.10 -23.51
C MET F 169 3.77 27.41 -23.88
N LYS F 170 4.60 27.34 -24.93
CA LYS F 170 5.28 28.51 -25.47
C LYS F 170 5.30 28.40 -26.98
N PHE F 171 6.10 29.25 -27.62
CA PHE F 171 6.21 29.27 -29.07
C PHE F 171 7.41 28.43 -29.53
N ARG F 172 7.38 28.06 -30.80
CA ARG F 172 8.47 27.31 -31.41
C ARG F 172 9.33 28.24 -32.26
N GLU F 173 10.65 28.06 -32.18
CA GLU F 173 11.56 29.01 -32.80
C GLU F 173 11.60 28.89 -34.32
N GLY F 174 11.35 27.70 -34.86
CA GLY F 174 11.46 27.50 -36.29
C GLY F 174 10.53 26.42 -36.80
N SER F 175 10.65 26.14 -38.09
CA SER F 175 9.82 25.13 -38.72
C SER F 175 10.16 23.74 -38.21
N SER F 176 9.11 22.93 -37.99
CA SER F 176 9.29 21.56 -37.53
C SER F 176 8.00 20.80 -37.78
N GLU F 177 8.11 19.67 -38.47
CA GLU F 177 6.98 18.79 -38.73
C GLU F 177 6.99 17.56 -37.84
N VAL F 178 7.77 17.57 -36.77
CA VAL F 178 7.89 16.46 -35.84
C VAL F 178 7.08 16.77 -34.59
N CYS F 179 6.32 15.79 -34.11
CA CYS F 179 5.49 15.99 -32.94
C CYS F 179 6.34 16.37 -31.74
N ASP F 180 5.75 17.17 -30.84
CA ASP F 180 6.47 17.61 -29.65
C ASP F 180 6.84 16.41 -28.79
N HIS F 181 8.13 16.30 -28.45
CA HIS F 181 8.65 15.12 -27.79
C HIS F 181 8.54 15.17 -26.27
N ARG F 182 8.13 16.30 -25.69
CA ARG F 182 8.00 16.39 -24.24
C ARG F 182 6.73 15.74 -23.72
N LEU F 183 5.81 15.35 -24.60
CA LEU F 183 4.58 14.68 -24.21
C LEU F 183 4.56 13.21 -24.55
N MET F 184 5.69 12.65 -25.00
CA MET F 184 5.74 11.28 -25.50
C MET F 184 6.52 10.39 -24.55
N SER F 185 6.38 9.08 -24.77
CA SER F 185 7.03 8.08 -23.95
C SER F 185 7.19 6.80 -24.76
N ALA F 186 8.05 5.92 -24.26
CA ALA F 186 8.27 4.61 -24.86
C ALA F 186 9.01 3.74 -23.86
N ALA F 187 8.61 2.48 -23.76
CA ALA F 187 9.21 1.57 -22.81
C ALA F 187 9.11 0.15 -23.32
N ILE F 188 10.01 -0.70 -22.80
CA ILE F 188 9.98 -2.13 -23.09
C ILE F 188 10.51 -2.88 -21.88
N LYS F 189 9.91 -4.01 -21.58
CA LYS F 189 10.31 -4.83 -20.44
C LYS F 189 9.90 -6.26 -20.71
N ASP F 190 10.86 -7.17 -20.66
CA ASP F 190 10.62 -8.59 -20.90
C ASP F 190 10.11 -8.82 -22.32
N GLN F 191 8.82 -9.09 -22.46
CA GLN F 191 8.21 -9.38 -23.75
C GLN F 191 6.98 -8.50 -23.98
N LYS F 192 7.12 -7.20 -23.72
CA LYS F 192 6.00 -6.29 -23.88
C LYS F 192 6.54 -4.86 -24.01
N ALA F 193 6.29 -4.24 -25.15
CA ALA F 193 6.70 -2.87 -25.43
C ALA F 193 5.47 -1.97 -25.50
N VAL F 194 5.72 -0.66 -25.61
CA VAL F 194 4.64 0.31 -25.73
C VAL F 194 5.21 1.60 -26.30
N HIS F 195 4.41 2.28 -27.11
CA HIS F 195 4.73 3.60 -27.66
C HIS F 195 3.55 4.52 -27.34
N ALA F 196 3.75 5.41 -26.39
CA ALA F 196 2.64 6.15 -25.81
C ALA F 196 2.86 7.66 -25.86
N ASP F 197 1.79 8.38 -26.18
CA ASP F 197 1.71 9.82 -25.92
C ASP F 197 0.32 10.11 -25.36
N MET F 198 -0.07 11.38 -25.31
CA MET F 198 -1.35 11.75 -24.71
C MET F 198 -2.55 11.39 -25.58
N GLY F 199 -2.34 10.94 -26.81
CA GLY F 199 -3.45 10.55 -27.66
C GLY F 199 -3.29 9.18 -28.30
N TYR F 200 -2.10 8.60 -28.18
CA TYR F 200 -1.79 7.30 -28.76
C TYR F 200 -1.40 6.32 -27.68
N TRP F 201 -1.73 5.05 -27.88
CA TRP F 201 -1.32 3.97 -26.98
C TRP F 201 -1.18 2.70 -27.82
N ILE F 202 0.05 2.45 -28.28
CA ILE F 202 0.36 1.30 -29.14
C ILE F 202 1.06 0.26 -28.28
N GLU F 203 0.52 -0.96 -28.25
CA GLU F 203 1.06 -2.05 -27.46
C GLU F 203 1.63 -3.11 -28.38
N SER F 204 2.76 -3.70 -27.96
CA SER F 204 3.40 -4.77 -28.69
C SER F 204 3.76 -5.89 -27.72
N SER F 205 3.83 -7.11 -28.25
CA SER F 205 4.15 -8.27 -27.44
C SER F 205 4.78 -9.33 -28.33
N LYS F 206 5.45 -10.30 -27.70
CA LYS F 206 6.15 -11.35 -28.40
C LYS F 206 5.49 -12.69 -28.13
N ASN F 207 5.07 -13.37 -29.20
CA ASN F 207 4.64 -14.77 -29.15
C ASN F 207 5.24 -15.41 -30.39
N GLN F 208 6.47 -15.93 -30.24
CA GLN F 208 7.32 -16.47 -31.30
C GLN F 208 7.82 -15.39 -32.26
N THR F 209 7.38 -14.15 -32.13
CA THR F 209 7.81 -13.04 -32.96
C THR F 209 7.27 -11.75 -32.37
N TRP F 210 7.91 -10.63 -32.72
CA TRP F 210 7.49 -9.32 -32.26
C TRP F 210 6.50 -8.72 -33.24
N GLN F 211 5.30 -8.41 -32.76
CA GLN F 211 4.28 -7.82 -33.62
C GLN F 211 3.34 -6.99 -32.76
N ILE F 212 2.66 -6.04 -33.41
CA ILE F 212 1.71 -5.18 -32.72
C ILE F 212 0.46 -5.98 -32.38
N GLU F 213 -0.12 -5.70 -31.21
CA GLU F 213 -1.31 -6.42 -30.76
C GLU F 213 -2.51 -5.51 -30.52
N LYS F 214 -2.29 -4.28 -30.05
CA LYS F 214 -3.38 -3.37 -29.78
C LYS F 214 -2.91 -1.94 -30.08
N ALA F 215 -3.89 -1.07 -30.32
CA ALA F 215 -3.60 0.34 -30.55
C ALA F 215 -4.87 1.13 -30.31
N SER F 216 -4.88 1.99 -29.29
CA SER F 216 -6.02 2.84 -28.97
C SER F 216 -5.67 4.27 -29.38
N LEU F 217 -6.46 4.83 -30.29
CA LEU F 217 -6.20 6.16 -30.84
C LEU F 217 -7.41 7.05 -30.56
N ILE F 218 -7.23 8.03 -29.66
CA ILE F 218 -8.27 9.03 -29.41
C ILE F 218 -8.19 10.17 -30.42
N GLU F 219 -7.16 10.22 -31.24
CA GLU F 219 -6.99 11.26 -32.24
C GLU F 219 -6.14 10.71 -33.38
N VAL F 220 -6.17 11.42 -34.49
CA VAL F 220 -5.35 11.09 -35.66
C VAL F 220 -4.53 12.32 -36.01
N LYS F 221 -3.23 12.26 -35.73
CA LYS F 221 -2.33 13.37 -36.00
C LYS F 221 -1.68 13.21 -37.37
N THR F 222 -0.87 14.19 -37.76
CA THR F 222 -0.10 14.10 -38.99
C THR F 222 1.38 14.44 -38.82
N CYS F 223 1.81 14.91 -37.66
CA CYS F 223 3.23 15.14 -37.45
C CYS F 223 3.96 13.81 -37.30
N LEU F 224 5.29 13.87 -37.38
CA LEU F 224 6.12 12.68 -37.38
C LEU F 224 6.50 12.28 -35.95
N TRP F 225 6.55 10.99 -35.70
CA TRP F 225 7.04 10.48 -34.43
C TRP F 225 8.55 10.65 -34.38
N PRO F 226 9.10 11.35 -33.38
CA PRO F 226 10.56 11.49 -33.29
C PRO F 226 11.23 10.15 -33.10
N LYS F 227 12.40 9.99 -33.74
CA LYS F 227 13.13 8.74 -33.67
C LYS F 227 13.92 8.59 -32.38
N THR F 228 14.00 9.64 -31.56
CA THR F 228 14.64 9.54 -30.25
C THR F 228 13.77 8.85 -29.22
N HIS F 229 12.47 8.71 -29.49
CA HIS F 229 11.52 8.06 -28.60
C HIS F 229 10.99 6.76 -29.19
N THR F 230 11.81 6.08 -29.99
CA THR F 230 11.37 4.89 -30.73
C THR F 230 12.29 3.72 -30.43
N LEU F 231 11.70 2.56 -30.19
CA LEU F 231 12.43 1.32 -29.98
C LEU F 231 12.59 0.58 -31.30
N TRP F 232 13.76 -0.02 -31.51
CA TRP F 232 14.02 -0.87 -32.68
C TRP F 232 13.81 -0.10 -33.98
N SER F 233 14.60 0.96 -34.15
CA SER F 233 14.42 1.93 -35.22
C SER F 233 15.33 1.66 -36.42
N ASN F 234 15.96 0.49 -36.50
CA ASN F 234 16.90 0.18 -37.55
C ASN F 234 16.31 -0.83 -38.52
N GLY F 235 16.58 -0.63 -39.81
CA GLY F 235 16.11 -1.55 -40.84
C GLY F 235 14.60 -1.60 -40.99
N VAL F 236 13.95 -0.44 -41.01
CA VAL F 236 12.49 -0.36 -41.10
C VAL F 236 12.13 0.17 -42.47
N LEU F 237 11.29 -0.58 -43.18
CA LEU F 237 10.75 -0.14 -44.47
C LEU F 237 9.48 0.68 -44.24
N GLU F 238 9.37 1.79 -44.94
CA GLU F 238 8.25 2.71 -44.77
C GLU F 238 6.92 2.15 -45.28
N SER F 239 6.93 0.94 -45.85
CA SER F 239 5.70 0.31 -46.33
C SER F 239 5.22 -0.82 -45.43
N GLN F 240 6.02 -1.27 -44.47
CA GLN F 240 5.65 -2.35 -43.57
C GLN F 240 4.96 -1.88 -42.31
N MET F 241 5.02 -0.57 -42.00
CA MET F 241 4.41 -0.05 -40.78
C MET F 241 2.90 -0.17 -40.88
N LEU F 242 2.29 -0.85 -39.91
CA LEU F 242 0.84 -1.00 -39.90
C LEU F 242 0.15 0.37 -39.80
N ILE F 243 0.64 1.22 -38.92
CA ILE F 243 0.18 2.60 -38.82
C ILE F 243 1.06 3.45 -39.73
N PRO F 244 0.50 4.17 -40.70
CA PRO F 244 1.33 4.84 -41.70
C PRO F 244 2.20 5.93 -41.07
N LYS F 245 3.33 6.19 -41.74
CA LYS F 245 4.25 7.22 -41.27
C LYS F 245 3.61 8.60 -41.25
N ALA F 246 2.67 8.85 -42.17
CA ALA F 246 2.01 10.15 -42.24
C ALA F 246 1.00 10.38 -41.13
N TYR F 247 0.66 9.35 -40.35
CA TYR F 247 -0.30 9.47 -39.27
C TYR F 247 0.34 9.28 -37.90
N ALA F 248 1.56 9.80 -37.73
CA ALA F 248 2.29 9.75 -36.47
C ALA F 248 2.49 8.31 -35.98
N GLY F 249 2.80 7.41 -36.91
CA GLY F 249 3.12 6.05 -36.57
C GLY F 249 4.60 5.90 -36.28
N PRO F 250 4.94 5.17 -35.22
CA PRO F 250 6.35 5.01 -34.85
C PRO F 250 7.15 4.34 -35.95
N PHE F 251 8.38 4.84 -36.14
CA PHE F 251 9.30 4.29 -37.14
C PHE F 251 10.05 3.11 -36.51
N SER F 252 9.31 2.03 -36.29
CA SER F 252 9.81 0.90 -35.51
C SER F 252 9.43 -0.41 -36.17
N GLN F 253 10.15 -1.46 -35.80
CA GLN F 253 9.78 -2.82 -36.17
C GLN F 253 8.76 -3.43 -35.23
N HIS F 254 8.50 -2.80 -34.09
CA HIS F 254 7.37 -3.20 -33.25
C HIS F 254 6.05 -2.79 -33.86
N ASN F 255 6.05 -1.74 -34.69
CA ASN F 255 4.86 -1.31 -35.43
C ASN F 255 4.76 -2.13 -36.71
N TYR F 256 4.39 -3.40 -36.53
CA TYR F 256 4.39 -4.36 -37.63
C TYR F 256 3.50 -5.53 -37.26
N ARG F 257 2.73 -6.01 -38.24
CA ARG F 257 1.95 -7.23 -38.11
C ARG F 257 2.25 -8.11 -39.32
N GLN F 258 2.55 -9.38 -39.06
CA GLN F 258 2.92 -10.29 -40.13
C GLN F 258 1.72 -10.58 -41.03
N GLY F 259 1.93 -10.49 -42.35
CA GLY F 259 0.88 -10.72 -43.31
C GLY F 259 0.11 -9.49 -43.76
N TYR F 260 0.51 -8.30 -43.29
CA TYR F 260 -0.19 -7.07 -43.64
C TYR F 260 0.83 -6.05 -44.14
N ALA F 261 0.31 -4.90 -44.57
CA ALA F 261 1.14 -3.81 -45.08
C ALA F 261 0.63 -2.51 -44.47
N THR F 262 1.11 -1.39 -44.99
CA THR F 262 0.73 -0.09 -44.45
C THR F 262 -0.72 0.24 -44.80
N GLN F 263 -1.50 0.65 -43.81
CA GLN F 263 -2.91 0.94 -43.99
C GLN F 263 -3.08 2.41 -44.39
N THR F 264 -2.66 2.71 -45.62
CA THR F 264 -2.74 4.08 -46.13
C THR F 264 -4.19 4.50 -46.33
N VAL F 265 -5.05 3.57 -46.74
CA VAL F 265 -6.44 3.90 -47.07
C VAL F 265 -7.34 3.31 -46.00
N GLY F 266 -6.83 3.22 -44.77
CA GLY F 266 -7.61 2.74 -43.65
C GLY F 266 -8.66 3.76 -43.23
N PRO F 267 -9.58 3.35 -42.36
CA PRO F 267 -10.62 4.27 -41.91
C PRO F 267 -10.11 5.32 -40.94
N TRP F 268 -9.23 6.20 -41.41
CA TRP F 268 -8.63 7.21 -40.55
C TRP F 268 -9.49 8.46 -40.40
N HIS F 269 -10.61 8.54 -41.11
CA HIS F 269 -11.49 9.69 -41.05
C HIS F 269 -12.42 9.67 -39.84
N LEU F 270 -12.41 8.58 -39.06
CA LEU F 270 -13.32 8.48 -37.93
C LEU F 270 -12.90 9.37 -36.77
N GLY F 271 -11.61 9.67 -36.63
CA GLY F 271 -11.14 10.35 -35.46
C GLY F 271 -10.66 9.35 -34.42
N LYS F 272 -11.53 9.02 -33.47
CA LYS F 272 -11.24 7.93 -32.55
C LYS F 272 -11.27 6.60 -33.29
N LEU F 273 -10.22 5.79 -33.10
CA LEU F 273 -10.16 4.44 -33.66
C LEU F 273 -9.77 3.46 -32.56
N GLU F 274 -9.79 2.17 -32.92
CA GLU F 274 -9.36 1.12 -32.01
C GLU F 274 -8.86 -0.04 -32.88
N ILE F 275 -7.55 -0.14 -33.05
CA ILE F 275 -6.96 -1.19 -33.86
C ILE F 275 -6.86 -2.46 -33.01
N ASP F 276 -7.58 -3.50 -33.43
CA ASP F 276 -7.57 -4.77 -32.73
C ASP F 276 -7.57 -5.89 -33.77
N PHE F 277 -7.11 -7.06 -33.34
CA PHE F 277 -7.01 -8.23 -34.21
C PHE F 277 -7.97 -9.28 -33.68
N GLY F 278 -9.22 -9.19 -34.10
CA GLY F 278 -10.27 -10.11 -33.70
C GLY F 278 -11.27 -10.29 -34.80
N GLU F 279 -12.51 -10.55 -34.40
CA GLU F 279 -13.61 -10.76 -35.34
C GLU F 279 -14.75 -9.80 -35.02
N CYS F 280 -15.22 -9.07 -36.04
CA CYS F 280 -16.41 -8.25 -35.86
C CYS F 280 -17.61 -9.17 -35.58
N PRO F 281 -18.51 -8.79 -34.68
CA PRO F 281 -19.63 -9.67 -34.33
C PRO F 281 -20.48 -10.02 -35.53
N GLY F 282 -20.90 -11.29 -35.61
CA GLY F 282 -21.74 -11.76 -36.68
C GLY F 282 -21.09 -11.74 -38.06
N THR F 283 -19.82 -12.12 -38.15
CA THR F 283 -19.15 -12.17 -39.43
C THR F 283 -18.01 -13.19 -39.35
N THR F 284 -17.71 -13.81 -40.49
CA THR F 284 -16.64 -14.80 -40.57
C THR F 284 -15.72 -14.45 -41.75
N VAL F 285 -14.43 -14.74 -41.57
CA VAL F 285 -13.41 -14.52 -42.59
C VAL F 285 -12.64 -15.81 -42.79
N THR F 286 -12.41 -16.16 -44.06
CA THR F 286 -11.64 -17.33 -44.43
C THR F 286 -10.57 -16.93 -45.43
N ILE F 287 -9.53 -17.78 -45.53
CA ILE F 287 -8.40 -17.52 -46.40
C ILE F 287 -8.62 -18.24 -47.73
N GLN F 288 -8.64 -17.48 -48.82
CA GLN F 288 -8.80 -18.03 -50.16
C GLN F 288 -7.73 -17.45 -51.09
N GLU F 289 -7.28 -18.28 -52.02
CA GLU F 289 -6.28 -17.85 -52.99
C GLU F 289 -6.89 -17.04 -54.13
N ASP F 290 -8.14 -17.31 -54.49
CA ASP F 290 -8.82 -16.57 -55.57
C ASP F 290 -9.68 -15.45 -54.98
N CYS F 291 -9.00 -14.46 -54.42
CA CYS F 291 -9.64 -13.31 -53.79
C CYS F 291 -9.22 -12.03 -54.50
N ASP F 292 -9.95 -10.95 -54.20
CA ASP F 292 -9.66 -9.67 -54.80
C ASP F 292 -8.37 -9.08 -54.22
N HIS F 293 -7.84 -8.06 -54.90
CA HIS F 293 -6.56 -7.47 -54.53
C HIS F 293 -6.75 -6.47 -53.39
N ARG F 294 -5.72 -5.67 -53.14
CA ARG F 294 -5.66 -4.78 -51.99
C ARG F 294 -6.11 -3.38 -52.39
N GLY F 295 -7.05 -2.81 -51.63
CA GLY F 295 -7.56 -1.50 -51.90
C GLY F 295 -8.14 -0.81 -50.68
N PRO F 296 -9.12 0.07 -50.89
CA PRO F 296 -9.71 0.79 -49.76
C PRO F 296 -10.44 -0.12 -48.80
N SER F 297 -10.48 0.28 -47.54
CA SER F 297 -11.16 -0.46 -46.49
C SER F 297 -12.67 -0.31 -46.62
N LEU F 298 -13.40 -1.29 -46.05
CA LEU F 298 -14.85 -1.33 -46.15
C LEU F 298 -15.45 -1.64 -44.79
N ARG F 299 -16.69 -1.22 -44.59
CA ARG F 299 -17.43 -1.46 -43.36
C ARG F 299 -18.27 -2.74 -43.49
N THR F 300 -18.49 -3.40 -42.36
CA THR F 300 -19.25 -4.64 -42.32
C THR F 300 -20.76 -4.42 -42.43
N THR F 301 -21.20 -3.21 -42.72
CA THR F 301 -22.61 -2.91 -42.91
C THR F 301 -22.82 -2.20 -44.24
N THR F 302 -24.00 -2.40 -44.82
CA THR F 302 -24.34 -1.80 -46.09
C THR F 302 -24.71 -0.33 -45.91
N ALA F 303 -25.07 0.33 -47.02
CA ALA F 303 -25.45 1.73 -46.97
C ALA F 303 -26.76 1.95 -46.22
N SER F 304 -27.59 0.92 -46.08
CA SER F 304 -28.87 1.03 -45.38
C SER F 304 -28.84 0.42 -43.99
N GLY F 305 -27.98 -0.56 -43.75
CA GLY F 305 -27.89 -1.18 -42.44
C GLY F 305 -27.88 -2.69 -42.45
N LYS F 306 -27.78 -3.29 -43.64
CA LYS F 306 -27.70 -4.74 -43.74
C LYS F 306 -26.28 -5.20 -43.46
N LEU F 307 -26.16 -6.40 -42.88
CA LEU F 307 -24.89 -6.93 -42.42
C LEU F 307 -24.33 -7.91 -43.44
N VAL F 308 -23.04 -7.75 -43.76
CA VAL F 308 -22.33 -8.64 -44.66
C VAL F 308 -21.55 -9.65 -43.83
N THR F 309 -21.70 -10.93 -44.14
CA THR F 309 -21.17 -12.01 -43.30
C THR F 309 -20.18 -12.90 -44.03
N GLN F 310 -19.63 -12.47 -45.17
CA GLN F 310 -18.68 -13.28 -45.91
C GLN F 310 -17.55 -12.40 -46.43
N TRP F 311 -16.34 -12.64 -45.94
CA TRP F 311 -15.15 -11.93 -46.39
C TRP F 311 -14.01 -12.92 -46.56
N CYS F 312 -13.02 -12.52 -47.36
CA CYS F 312 -11.87 -13.37 -47.61
C CYS F 312 -10.65 -12.52 -47.90
N CYS F 313 -9.47 -13.11 -47.73
CA CYS F 313 -8.21 -12.44 -47.99
C CYS F 313 -7.31 -13.37 -48.79
N ARG F 314 -6.31 -12.78 -49.44
CA ARG F 314 -5.37 -13.59 -50.23
C ARG F 314 -4.29 -14.20 -49.36
N SER F 315 -3.52 -13.37 -48.67
CA SER F 315 -2.39 -13.83 -47.88
C SER F 315 -2.36 -13.28 -46.46
N CYS F 316 -3.51 -12.91 -45.89
CA CYS F 316 -3.51 -12.36 -44.55
C CYS F 316 -3.33 -13.48 -43.52
N THR F 317 -3.08 -13.08 -42.29
CA THR F 317 -2.98 -13.98 -41.15
C THR F 317 -4.12 -13.71 -40.18
N MET F 318 -4.53 -14.76 -39.47
CA MET F 318 -5.67 -14.65 -38.57
C MET F 318 -5.20 -14.47 -37.13
N PRO F 319 -5.96 -13.72 -36.30
CA PRO F 319 -7.22 -13.01 -36.60
C PRO F 319 -7.02 -11.82 -37.52
N PRO F 320 -8.05 -11.43 -38.26
CA PRO F 320 -7.90 -10.33 -39.23
C PRO F 320 -7.84 -8.97 -38.56
N LEU F 321 -7.27 -8.01 -39.28
CA LEU F 321 -7.22 -6.64 -38.82
C LEU F 321 -8.62 -6.06 -38.75
N ARG F 322 -8.90 -5.29 -37.69
CA ARG F 322 -10.25 -4.82 -37.43
C ARG F 322 -10.18 -3.46 -36.74
N PHE F 323 -10.76 -2.44 -37.38
CA PHE F 323 -10.85 -1.11 -36.79
C PHE F 323 -12.25 -0.93 -36.21
N LEU F 324 -12.33 -0.79 -34.89
CA LEU F 324 -13.62 -0.62 -34.20
C LEU F 324 -13.92 0.88 -34.11
N GLY F 325 -14.62 1.39 -35.12
CA GLY F 325 -14.99 2.79 -35.16
C GLY F 325 -16.24 3.08 -34.36
N GLU F 326 -16.62 4.36 -34.35
CA GLU F 326 -17.81 4.78 -33.62
C GLU F 326 -19.08 4.31 -34.30
N ASP F 327 -19.10 4.31 -35.63
CA ASP F 327 -20.30 3.99 -36.39
C ASP F 327 -20.40 2.52 -36.77
N GLY F 328 -19.41 1.70 -36.42
CA GLY F 328 -19.48 0.29 -36.78
C GLY F 328 -18.19 -0.48 -36.57
N CYS F 329 -17.88 -1.38 -37.51
CA CYS F 329 -16.75 -2.28 -37.35
C CYS F 329 -16.15 -2.50 -38.74
N TRP F 330 -14.88 -2.14 -38.90
CA TRP F 330 -14.25 -2.15 -40.22
C TRP F 330 -13.19 -3.25 -40.30
N TYR F 331 -12.74 -3.51 -41.52
CA TYR F 331 -11.64 -4.44 -41.79
C TYR F 331 -10.51 -3.72 -42.50
N GLY F 332 -9.40 -4.44 -42.64
CA GLY F 332 -8.20 -3.90 -43.26
C GLY F 332 -8.27 -3.89 -44.78
N MET F 333 -7.20 -3.35 -45.37
CA MET F 333 -7.13 -3.20 -46.83
C MET F 333 -6.91 -4.50 -47.56
N GLU F 334 -6.53 -5.57 -46.85
CA GLU F 334 -6.24 -6.85 -47.49
C GLU F 334 -7.39 -7.84 -47.37
N ILE F 335 -8.56 -7.41 -46.90
CA ILE F 335 -9.71 -8.27 -46.71
C ILE F 335 -10.84 -7.77 -47.60
N ARG F 336 -11.46 -8.68 -48.34
CA ARG F 336 -12.46 -8.31 -49.31
C ARG F 336 -13.76 -9.08 -49.10
N PRO F 337 -14.91 -8.49 -49.40
CA PRO F 337 -16.18 -9.19 -49.22
C PRO F 337 -16.31 -10.35 -50.19
N LEU F 338 -17.11 -11.34 -49.78
CA LEU F 338 -17.34 -12.53 -50.57
C LEU F 338 -18.79 -12.71 -51.00
N SER F 339 -19.76 -12.34 -50.16
CA SER F 339 -21.17 -12.43 -50.53
C SER F 339 -21.76 -11.04 -50.70
N GLU F 340 -20.96 -10.12 -51.23
CA GLU F 340 -21.42 -8.76 -51.49
C GLU F 340 -20.53 -8.13 -52.56
N LYS F 341 -21.00 -7.05 -53.18
CA LYS F 341 -20.25 -6.36 -54.22
C LYS F 341 -19.81 -5.01 -53.66
N GLU F 342 -18.53 -4.69 -53.84
CA GLU F 342 -17.99 -3.44 -53.30
C GLU F 342 -18.48 -2.22 -54.06
N GLU F 343 -19.25 -2.41 -55.13
CA GLU F 343 -19.79 -1.28 -55.87
C GLU F 343 -20.72 -0.43 -55.00
N ASN F 344 -21.54 -1.08 -54.18
CA ASN F 344 -22.47 -0.38 -53.29
C ASN F 344 -22.19 -0.87 -51.86
N MET F 345 -21.24 -0.21 -51.21
CA MET F 345 -20.90 -0.47 -49.82
C MET F 345 -20.43 0.82 -49.18
N VAL F 346 -20.06 0.74 -47.91
CA VAL F 346 -19.46 1.86 -47.19
C VAL F 346 -17.95 1.76 -47.32
N LYS F 347 -17.34 2.82 -47.84
CA LYS F 347 -15.92 2.80 -48.20
C LYS F 347 -15.24 4.05 -47.65
N SER F 348 -13.97 3.89 -47.26
CA SER F 348 -13.24 4.96 -46.59
C SER F 348 -13.07 6.17 -47.50
N GLN F 349 -13.16 7.36 -46.91
CA GLN F 349 -13.17 8.62 -47.66
C GLN F 349 -11.81 9.30 -47.71
N VAL F 350 -10.75 8.65 -47.22
CA VAL F 350 -9.42 9.25 -47.21
C VAL F 350 -8.64 8.68 -48.39
N SER F 351 -8.46 9.53 -49.42
CA SER F 351 -7.69 9.20 -50.62
C SER F 351 -8.14 7.88 -51.23
N ALA F 352 -9.45 7.78 -51.46
CA ALA F 352 -10.03 6.57 -52.03
C ALA F 352 -9.68 6.42 -53.51
#